data_5YHY
# 
_entry.id   5YHY 
# 
_audit_conform.dict_name       mmcif_pdbx.dic 
_audit_conform.dict_version    5.380 
_audit_conform.dict_location   http://mmcif.pdb.org/dictionaries/ascii/mmcif_pdbx.dic 
# 
loop_
_database_2.database_id 
_database_2.database_code 
_database_2.pdbx_database_accession 
_database_2.pdbx_DOI 
PDB   5YHY         pdb_00005yhy 10.2210/pdb5yhy/pdb 
WWPDB D_1300005302 ?            ?                   
# 
loop_
_pdbx_database_related.db_name 
_pdbx_database_related.details 
_pdbx_database_related.db_id 
_pdbx_database_related.content_type 
PDB 'wild type of the same protein'                       5YHX unspecified 
PDB 'E41A mutant of the same protein'                     5YHZ unspecified 
PDB 'C30A, H42A mutant of the same protein'               5YI0 unspecified 
PDB 'apo form of C30A, H42A mutant of the same protein'   5YI1 unspecified 
PDB 'C30S mutant of the same protein in complex with DNA' 5YI3 unspecified 
PDB 'wild type of the same protein in complex with DNA'   5YI2 unspecified 
# 
_pdbx_database_status.status_code                     REL 
_pdbx_database_status.status_code_sf                  REL 
_pdbx_database_status.status_code_mr                  ? 
_pdbx_database_status.entry_id                        5YHY 
_pdbx_database_status.recvd_initial_deposition_date   2017-10-01 
_pdbx_database_status.SG_entry                        N 
_pdbx_database_status.deposit_site                    PDBJ 
_pdbx_database_status.process_site                    PDBJ 
_pdbx_database_status.status_code_cs                  ? 
_pdbx_database_status.methods_development_category    ? 
_pdbx_database_status.pdb_format_compatible           Y 
_pdbx_database_status.status_code_nmr_data            ? 
# 
loop_
_audit_author.name 
_audit_author.pdbx_ordinal 
_audit_author.identifier_ORCID 
'Song, Y.' 1 ? 
'Liu, H.'  2 ? 
'Zhu, R.'  3 ? 
'Yi, C.'   4 ? 
'Chen, P.' 5 ? 
# 
_citation.abstract                  ? 
_citation.abstract_id_CAS           ? 
_citation.book_id_ISBN              ? 
_citation.book_publisher            ? 
_citation.book_publisher_city       ? 
_citation.book_title                ? 
_citation.coordinate_linkage        ? 
_citation.country                   US 
_citation.database_id_Medline       ? 
_citation.details                   ? 
_citation.id                        primary 
_citation.journal_abbrev            Proc.Natl.Acad.Sci.USA 
_citation.journal_id_ASTM           PNASA6 
_citation.journal_id_CSD            0040 
_citation.journal_id_ISSN           1091-6490 
_citation.journal_full              ? 
_citation.journal_issue             ? 
_citation.journal_volume            114 
_citation.language                  ? 
_citation.page_first                13661 
_citation.page_last                 13666 
_citation.title                     'Allosteric histidine switch for regulation of intracellular zinc(II) fluctuation.' 
_citation.year                      2017 
_citation.database_id_CSD           ? 
_citation.pdbx_database_id_DOI      10.1073/pnas.1708563115 
_citation.pdbx_database_id_PubMed   29229866 
_citation.unpublished_flag          ? 
# 
loop_
_citation_author.citation_id 
_citation_author.name 
_citation_author.ordinal 
_citation_author.identifier_ORCID 
primary 'Zhu, R.'    1 ?                   
primary 'Song, Y.'   2 ?                   
primary 'Liu, H.'    3 ?                   
primary 'Yang, Y.'   4 ?                   
primary 'Wang, S.'   5 0000-0002-0153-0578 
primary 'Yi, C.'     6 ?                   
primary 'Chen, P.R.' 7 ?                   
# 
_cell.angle_alpha                  90.00 
_cell.angle_alpha_esd              ? 
_cell.angle_beta                   90.00 
_cell.angle_beta_esd               ? 
_cell.angle_gamma                  90.00 
_cell.angle_gamma_esd              ? 
_cell.entry_id                     5YHY 
_cell.details                      ? 
_cell.formula_units_Z              ? 
_cell.length_a                     62.182 
_cell.length_a_esd                 ? 
_cell.length_b                     62.182 
_cell.length_b_esd                 ? 
_cell.length_c                     117.280 
_cell.length_c_esd                 ? 
_cell.volume                       ? 
_cell.volume_esd                   ? 
_cell.Z_PDB                        8 
_cell.reciprocal_angle_alpha       ? 
_cell.reciprocal_angle_beta        ? 
_cell.reciprocal_angle_gamma       ? 
_cell.reciprocal_angle_alpha_esd   ? 
_cell.reciprocal_angle_beta_esd    ? 
_cell.reciprocal_angle_gamma_esd   ? 
_cell.reciprocal_length_a          ? 
_cell.reciprocal_length_b          ? 
_cell.reciprocal_length_c          ? 
_cell.reciprocal_length_a_esd      ? 
_cell.reciprocal_length_b_esd      ? 
_cell.reciprocal_length_c_esd      ? 
_cell.pdbx_unique_axis             ? 
# 
_symmetry.entry_id                         5YHY 
_symmetry.cell_setting                     ? 
_symmetry.Int_Tables_number                92 
_symmetry.space_group_name_Hall            ? 
_symmetry.space_group_name_H-M             'P 41 21 2' 
_symmetry.pdbx_full_space_group_name_H-M   ? 
# 
loop_
_entity.id 
_entity.type 
_entity.src_method 
_entity.pdbx_description 
_entity.formula_weight 
_entity.pdbx_number_of_molecules 
_entity.pdbx_ec 
_entity.pdbx_mutation 
_entity.pdbx_fragment 
_entity.details 
1 polymer     man 'Zinc transport transcriptional regulator' 16429.686 1   ? C30S ? ? 
2 non-polymer syn 'ZINC ION'                                 65.409    1   ? ?    ? ? 
3 water       nat water                                      18.015    212 ? ?    ? ? 
# 
_entity_poly.entity_id                      1 
_entity_poly.type                           'polypeptide(L)' 
_entity_poly.nstd_linkage                   no 
_entity_poly.nstd_monomer                   no 
_entity_poly.pdbx_seq_one_letter_code       
;GMSLANQIDQFLGTIMQFAENKHEILLGKSESDVKLTSTQEHILMLLAEQISTNAKIAEKLKISPAAVTKALKKLQEQEL
IKSSRATNDERVVLWSLTEKAVPVAKEHATHHEKTLSTYQELGNKFTDEEQEVISKFLSALTEEFQ
;
_entity_poly.pdbx_seq_one_letter_code_can   
;GMSLANQIDQFLGTIMQFAENKHEILLGKSESDVKLTSTQEHILMLLAEQISTNAKIAEKLKISPAAVTKALKKLQEQEL
IKSSRATNDERVVLWSLTEKAVPVAKEHATHHEKTLSTYQELGNKFTDEEQEVISKFLSALTEEFQ
;
_entity_poly.pdbx_strand_id                 A 
_entity_poly.pdbx_target_identifier         ? 
# 
loop_
_entity_poly_seq.entity_id 
_entity_poly_seq.num 
_entity_poly_seq.mon_id 
_entity_poly_seq.hetero 
1 1   GLY n 
1 2   MET n 
1 3   SER n 
1 4   LEU n 
1 5   ALA n 
1 6   ASN n 
1 7   GLN n 
1 8   ILE n 
1 9   ASP n 
1 10  GLN n 
1 11  PHE n 
1 12  LEU n 
1 13  GLY n 
1 14  THR n 
1 15  ILE n 
1 16  MET n 
1 17  GLN n 
1 18  PHE n 
1 19  ALA n 
1 20  GLU n 
1 21  ASN n 
1 22  LYS n 
1 23  HIS n 
1 24  GLU n 
1 25  ILE n 
1 26  LEU n 
1 27  LEU n 
1 28  GLY n 
1 29  LYS n 
1 30  SER n 
1 31  GLU n 
1 32  SER n 
1 33  ASP n 
1 34  VAL n 
1 35  LYS n 
1 36  LEU n 
1 37  THR n 
1 38  SER n 
1 39  THR n 
1 40  GLN n 
1 41  GLU n 
1 42  HIS n 
1 43  ILE n 
1 44  LEU n 
1 45  MET n 
1 46  LEU n 
1 47  LEU n 
1 48  ALA n 
1 49  GLU n 
1 50  GLN n 
1 51  ILE n 
1 52  SER n 
1 53  THR n 
1 54  ASN n 
1 55  ALA n 
1 56  LYS n 
1 57  ILE n 
1 58  ALA n 
1 59  GLU n 
1 60  LYS n 
1 61  LEU n 
1 62  LYS n 
1 63  ILE n 
1 64  SER n 
1 65  PRO n 
1 66  ALA n 
1 67  ALA n 
1 68  VAL n 
1 69  THR n 
1 70  LYS n 
1 71  ALA n 
1 72  LEU n 
1 73  LYS n 
1 74  LYS n 
1 75  LEU n 
1 76  GLN n 
1 77  GLU n 
1 78  GLN n 
1 79  GLU n 
1 80  LEU n 
1 81  ILE n 
1 82  LYS n 
1 83  SER n 
1 84  SER n 
1 85  ARG n 
1 86  ALA n 
1 87  THR n 
1 88  ASN n 
1 89  ASP n 
1 90  GLU n 
1 91  ARG n 
1 92  VAL n 
1 93  VAL n 
1 94  LEU n 
1 95  TRP n 
1 96  SER n 
1 97  LEU n 
1 98  THR n 
1 99  GLU n 
1 100 LYS n 
1 101 ALA n 
1 102 VAL n 
1 103 PRO n 
1 104 VAL n 
1 105 ALA n 
1 106 LYS n 
1 107 GLU n 
1 108 HIS n 
1 109 ALA n 
1 110 THR n 
1 111 HIS n 
1 112 HIS n 
1 113 GLU n 
1 114 LYS n 
1 115 THR n 
1 116 LEU n 
1 117 SER n 
1 118 THR n 
1 119 TYR n 
1 120 GLN n 
1 121 GLU n 
1 122 LEU n 
1 123 GLY n 
1 124 ASN n 
1 125 LYS n 
1 126 PHE n 
1 127 THR n 
1 128 ASP n 
1 129 GLU n 
1 130 GLU n 
1 131 GLN n 
1 132 GLU n 
1 133 VAL n 
1 134 ILE n 
1 135 SER n 
1 136 LYS n 
1 137 PHE n 
1 138 LEU n 
1 139 SER n 
1 140 ALA n 
1 141 LEU n 
1 142 THR n 
1 143 GLU n 
1 144 GLU n 
1 145 PHE n 
1 146 GLN n 
# 
_entity_src_gen.entity_id                          1 
_entity_src_gen.pdbx_src_id                        1 
_entity_src_gen.pdbx_alt_source_flag               sample 
_entity_src_gen.pdbx_seq_type                      'Biological sequence' 
_entity_src_gen.pdbx_beg_seq_num                   1 
_entity_src_gen.pdbx_end_seq_num                   146 
_entity_src_gen.gene_src_common_name               'Streptococcus lactis' 
_entity_src_gen.gene_src_genus                     ? 
_entity_src_gen.pdbx_gene_src_gene                 'zitR, L168265' 
_entity_src_gen.gene_src_species                   ? 
_entity_src_gen.gene_src_strain                    IL1403 
_entity_src_gen.gene_src_tissue                    ? 
_entity_src_gen.gene_src_tissue_fraction           ? 
_entity_src_gen.gene_src_details                   ? 
_entity_src_gen.pdbx_gene_src_fragment             ? 
_entity_src_gen.pdbx_gene_src_scientific_name      'Lactococcus lactis subsp. lactis (strain IL1403)' 
_entity_src_gen.pdbx_gene_src_ncbi_taxonomy_id     272623 
_entity_src_gen.pdbx_gene_src_variant              ? 
_entity_src_gen.pdbx_gene_src_cell_line            ? 
_entity_src_gen.pdbx_gene_src_atcc                 ? 
_entity_src_gen.pdbx_gene_src_organ                ? 
_entity_src_gen.pdbx_gene_src_organelle            ? 
_entity_src_gen.pdbx_gene_src_cell                 ? 
_entity_src_gen.pdbx_gene_src_cellular_location    ? 
_entity_src_gen.host_org_common_name               ? 
_entity_src_gen.pdbx_host_org_scientific_name      'Escherichia coli BL21(DE3)' 
_entity_src_gen.pdbx_host_org_ncbi_taxonomy_id     469008 
_entity_src_gen.host_org_genus                     ? 
_entity_src_gen.pdbx_host_org_gene                 ? 
_entity_src_gen.pdbx_host_org_organ                ? 
_entity_src_gen.host_org_species                   ? 
_entity_src_gen.pdbx_host_org_tissue               ? 
_entity_src_gen.pdbx_host_org_tissue_fraction      ? 
_entity_src_gen.pdbx_host_org_strain               'BL21(DE3)' 
_entity_src_gen.pdbx_host_org_variant              ? 
_entity_src_gen.pdbx_host_org_cell_line            ? 
_entity_src_gen.pdbx_host_org_atcc                 ? 
_entity_src_gen.pdbx_host_org_culture_collection   ? 
_entity_src_gen.pdbx_host_org_cell                 ? 
_entity_src_gen.pdbx_host_org_organelle            ? 
_entity_src_gen.pdbx_host_org_cellular_location    ? 
_entity_src_gen.pdbx_host_org_vector_type          plasmid 
_entity_src_gen.pdbx_host_org_vector               ? 
_entity_src_gen.host_org_details                   ? 
_entity_src_gen.expression_system_id               ? 
_entity_src_gen.plasmid_name                       pET28b 
_entity_src_gen.plasmid_details                    ? 
_entity_src_gen.pdbx_description                   ? 
# 
_struct_ref.id                         1 
_struct_ref.db_name                    UNP 
_struct_ref.db_code                    Q9CDU5_LACLA 
_struct_ref.pdbx_db_accession          Q9CDU5 
_struct_ref.pdbx_db_isoform            ? 
_struct_ref.entity_id                  1 
_struct_ref.pdbx_seq_one_letter_code   
;MSLANQIDQFLGTIMQFAENKHEILLGKCESDVKLTSTQEHILMLLAEQISTNAKIAEKLKISPAAVTKALKKLQEQELI
KSSRATNDERVVLWSLTEKAVPVAKEHATHHEKTLSTYQELGNKFTDEEQEVISKFLSALTEEFQ
;
_struct_ref.pdbx_align_begin           1 
# 
_struct_ref_seq.align_id                      1 
_struct_ref_seq.ref_id                        1 
_struct_ref_seq.pdbx_PDB_id_code              5YHY 
_struct_ref_seq.pdbx_strand_id                A 
_struct_ref_seq.seq_align_beg                 2 
_struct_ref_seq.pdbx_seq_align_beg_ins_code   ? 
_struct_ref_seq.seq_align_end                 146 
_struct_ref_seq.pdbx_seq_align_end_ins_code   ? 
_struct_ref_seq.pdbx_db_accession             Q9CDU5 
_struct_ref_seq.db_align_beg                  1 
_struct_ref_seq.pdbx_db_align_beg_ins_code    ? 
_struct_ref_seq.db_align_end                  145 
_struct_ref_seq.pdbx_db_align_end_ins_code    ? 
_struct_ref_seq.pdbx_auth_seq_align_beg       2 
_struct_ref_seq.pdbx_auth_seq_align_end       146 
# 
loop_
_struct_ref_seq_dif.align_id 
_struct_ref_seq_dif.pdbx_pdb_id_code 
_struct_ref_seq_dif.mon_id 
_struct_ref_seq_dif.pdbx_pdb_strand_id 
_struct_ref_seq_dif.seq_num 
_struct_ref_seq_dif.pdbx_pdb_ins_code 
_struct_ref_seq_dif.pdbx_seq_db_name 
_struct_ref_seq_dif.pdbx_seq_db_accession_code 
_struct_ref_seq_dif.db_mon_id 
_struct_ref_seq_dif.pdbx_seq_db_seq_num 
_struct_ref_seq_dif.details 
_struct_ref_seq_dif.pdbx_auth_seq_num 
_struct_ref_seq_dif.pdbx_ordinal 
1 5YHY GLY A 1  ? UNP Q9CDU5 ?   ?  'expression tag'      1  1 
1 5YHY SER A 30 ? UNP Q9CDU5 CYS 29 'engineered mutation' 30 2 
# 
loop_
_chem_comp.id 
_chem_comp.type 
_chem_comp.mon_nstd_flag 
_chem_comp.name 
_chem_comp.pdbx_synonyms 
_chem_comp.formula 
_chem_comp.formula_weight 
ALA 'L-peptide linking' y ALANINE         ? 'C3 H7 N O2'     89.093  
ARG 'L-peptide linking' y ARGININE        ? 'C6 H15 N4 O2 1' 175.209 
ASN 'L-peptide linking' y ASPARAGINE      ? 'C4 H8 N2 O3'    132.118 
ASP 'L-peptide linking' y 'ASPARTIC ACID' ? 'C4 H7 N O4'     133.103 
CYS 'L-peptide linking' y CYSTEINE        ? 'C3 H7 N O2 S'   121.158 
GLN 'L-peptide linking' y GLUTAMINE       ? 'C5 H10 N2 O3'   146.144 
GLU 'L-peptide linking' y 'GLUTAMIC ACID' ? 'C5 H9 N O4'     147.129 
GLY 'peptide linking'   y GLYCINE         ? 'C2 H5 N O2'     75.067  
HIS 'L-peptide linking' y HISTIDINE       ? 'C6 H10 N3 O2 1' 156.162 
HOH non-polymer         . WATER           ? 'H2 O'           18.015  
ILE 'L-peptide linking' y ISOLEUCINE      ? 'C6 H13 N O2'    131.173 
LEU 'L-peptide linking' y LEUCINE         ? 'C6 H13 N O2'    131.173 
LYS 'L-peptide linking' y LYSINE          ? 'C6 H15 N2 O2 1' 147.195 
MET 'L-peptide linking' y METHIONINE      ? 'C5 H11 N O2 S'  149.211 
PHE 'L-peptide linking' y PHENYLALANINE   ? 'C9 H11 N O2'    165.189 
PRO 'L-peptide linking' y PROLINE         ? 'C5 H9 N O2'     115.130 
SER 'L-peptide linking' y SERINE          ? 'C3 H7 N O3'     105.093 
THR 'L-peptide linking' y THREONINE       ? 'C4 H9 N O3'     119.119 
TRP 'L-peptide linking' y TRYPTOPHAN      ? 'C11 H12 N2 O2'  204.225 
TYR 'L-peptide linking' y TYROSINE        ? 'C9 H11 N O3'    181.189 
VAL 'L-peptide linking' y VALINE          ? 'C5 H11 N O2'    117.146 
ZN  non-polymer         . 'ZINC ION'      ? 'Zn 2'           65.409  
# 
_exptl.absorpt_coefficient_mu     ? 
_exptl.absorpt_correction_T_max   ? 
_exptl.absorpt_correction_T_min   ? 
_exptl.absorpt_correction_type    ? 
_exptl.absorpt_process_details    ? 
_exptl.entry_id                   5YHY 
_exptl.crystals_number            1 
_exptl.details                    ? 
_exptl.method                     'X-RAY DIFFRACTION' 
_exptl.method_details             ? 
# 
_exptl_crystal.colour                      ? 
_exptl_crystal.density_diffrn              ? 
_exptl_crystal.density_Matthews            3.45 
_exptl_crystal.density_method              ? 
_exptl_crystal.density_percent_sol         64.35 
_exptl_crystal.description                 ? 
_exptl_crystal.F_000                       ? 
_exptl_crystal.id                          1 
_exptl_crystal.preparation                 ? 
_exptl_crystal.size_max                    ? 
_exptl_crystal.size_mid                    ? 
_exptl_crystal.size_min                    ? 
_exptl_crystal.size_rad                    ? 
_exptl_crystal.colour_lustre               ? 
_exptl_crystal.colour_modifier             ? 
_exptl_crystal.colour_primary              ? 
_exptl_crystal.density_meas                ? 
_exptl_crystal.density_meas_esd            ? 
_exptl_crystal.density_meas_gt             ? 
_exptl_crystal.density_meas_lt             ? 
_exptl_crystal.density_meas_temp           ? 
_exptl_crystal.density_meas_temp_esd       ? 
_exptl_crystal.density_meas_temp_gt        ? 
_exptl_crystal.density_meas_temp_lt        ? 
_exptl_crystal.pdbx_crystal_image_url      ? 
_exptl_crystal.pdbx_crystal_image_format   ? 
_exptl_crystal.pdbx_mosaicity              ? 
_exptl_crystal.pdbx_mosaicity_esd          ? 
# 
_exptl_crystal_grow.apparatus       ? 
_exptl_crystal_grow.atmosphere      ? 
_exptl_crystal_grow.crystal_id      1 
_exptl_crystal_grow.details         ? 
_exptl_crystal_grow.method          'VAPOR DIFFUSION, SITTING DROP' 
_exptl_crystal_grow.method_ref      ? 
_exptl_crystal_grow.pH              7.5 
_exptl_crystal_grow.pressure        ? 
_exptl_crystal_grow.pressure_esd    ? 
_exptl_crystal_grow.seeding         ? 
_exptl_crystal_grow.seeding_ref     ? 
_exptl_crystal_grow.temp            293 
_exptl_crystal_grow.temp_details    ? 
_exptl_crystal_grow.temp_esd        ? 
_exptl_crystal_grow.time            ? 
_exptl_crystal_grow.pdbx_details    '0.19mM CYMAL-7, 0.1M HEPES pH 7.5, 40%(v/v) Polyethylene glycol 400' 
_exptl_crystal_grow.pdbx_pH_range   ? 
# 
_diffrn.ambient_environment    ? 
_diffrn.ambient_temp           100 
_diffrn.ambient_temp_details   ? 
_diffrn.ambient_temp_esd       ? 
_diffrn.crystal_id             1 
_diffrn.crystal_support        ? 
_diffrn.crystal_treatment      ? 
_diffrn.details                ? 
_diffrn.id                     1 
_diffrn.ambient_pressure       ? 
_diffrn.ambient_pressure_esd   ? 
_diffrn.ambient_pressure_gt    ? 
_diffrn.ambient_pressure_lt    ? 
_diffrn.ambient_temp_gt        ? 
_diffrn.ambient_temp_lt        ? 
# 
_diffrn_detector.details                      ? 
_diffrn_detector.detector                     CCD 
_diffrn_detector.diffrn_id                    1 
_diffrn_detector.type                         'ADSC QUANTUM 315r' 
_diffrn_detector.area_resol_mean              ? 
_diffrn_detector.dtime                        ? 
_diffrn_detector.pdbx_frames_total            ? 
_diffrn_detector.pdbx_collection_time_total   ? 
_diffrn_detector.pdbx_collection_date         2012-10-03 
# 
_diffrn_radiation.collimation                      ? 
_diffrn_radiation.diffrn_id                        1 
_diffrn_radiation.filter_edge                      ? 
_diffrn_radiation.inhomogeneity                    ? 
_diffrn_radiation.monochromator                    'SI(111)' 
_diffrn_radiation.polarisn_norm                    ? 
_diffrn_radiation.polarisn_ratio                   ? 
_diffrn_radiation.probe                            ? 
_diffrn_radiation.type                             ? 
_diffrn_radiation.xray_symbol                      ? 
_diffrn_radiation.wavelength_id                    1 
_diffrn_radiation.pdbx_monochromatic_or_laue_m_l   M 
_diffrn_radiation.pdbx_wavelength_list             ? 
_diffrn_radiation.pdbx_wavelength                  ? 
_diffrn_radiation.pdbx_diffrn_protocol             'SINGLE WAVELENGTH' 
_diffrn_radiation.pdbx_analyzer                    ? 
_diffrn_radiation.pdbx_scattering_type             x-ray 
# 
_diffrn_radiation_wavelength.id           1 
_diffrn_radiation_wavelength.wavelength   0.9785 
_diffrn_radiation_wavelength.wt           1.0 
# 
_diffrn_source.current                     ? 
_diffrn_source.details                     ? 
_diffrn_source.diffrn_id                   1 
_diffrn_source.power                       ? 
_diffrn_source.size                        ? 
_diffrn_source.source                      SYNCHROTRON 
_diffrn_source.target                      ? 
_diffrn_source.type                        'SSRF BEAMLINE BL17U1' 
_diffrn_source.voltage                     ? 
_diffrn_source.take-off_angle              ? 
_diffrn_source.pdbx_wavelength_list        0.9785 
_diffrn_source.pdbx_wavelength             ? 
_diffrn_source.pdbx_synchrotron_beamline   BL17U1 
_diffrn_source.pdbx_synchrotron_site       SSRF 
# 
_reflns.B_iso_Wilson_estimate            ? 
_reflns.entry_id                         5YHY 
_reflns.data_reduction_details           ? 
_reflns.data_reduction_method            ? 
_reflns.d_resolution_high                1.52 
_reflns.d_resolution_low                 50 
_reflns.details                          ? 
_reflns.limit_h_max                      ? 
_reflns.limit_h_min                      ? 
_reflns.limit_k_max                      ? 
_reflns.limit_k_min                      ? 
_reflns.limit_l_max                      ? 
_reflns.limit_l_min                      ? 
_reflns.number_all                       ? 
_reflns.number_obs                       36287 
_reflns.observed_criterion               ? 
_reflns.observed_criterion_F_max         ? 
_reflns.observed_criterion_F_min         ? 
_reflns.observed_criterion_I_max         ? 
_reflns.observed_criterion_I_min         ? 
_reflns.observed_criterion_sigma_F       ? 
_reflns.observed_criterion_sigma_I       ? 
_reflns.percent_possible_obs             99.8 
_reflns.R_free_details                   ? 
_reflns.Rmerge_F_all                     ? 
_reflns.Rmerge_F_obs                     ? 
_reflns.Friedel_coverage                 ? 
_reflns.number_gt                        ? 
_reflns.threshold_expression             ? 
_reflns.pdbx_redundancy                  9.3 
_reflns.pdbx_Rmerge_I_obs                0.077 
_reflns.pdbx_Rmerge_I_all                ? 
_reflns.pdbx_Rsym_value                  ? 
_reflns.pdbx_netI_over_av_sigmaI         ? 
_reflns.pdbx_netI_over_sigmaI            29.2 
_reflns.pdbx_res_netI_over_av_sigmaI_2   ? 
_reflns.pdbx_res_netI_over_sigmaI_2      ? 
_reflns.pdbx_chi_squared                 ? 
_reflns.pdbx_scaling_rejects             ? 
_reflns.pdbx_d_res_high_opt              ? 
_reflns.pdbx_d_res_low_opt               ? 
_reflns.pdbx_d_res_opt_method            ? 
_reflns.phase_calculation_details        ? 
_reflns.pdbx_Rrim_I_all                  ? 
_reflns.pdbx_Rpim_I_all                  ? 
_reflns.pdbx_d_opt                       ? 
_reflns.pdbx_number_measured_all         ? 
_reflns.pdbx_diffrn_id                   1 
_reflns.pdbx_ordinal                     1 
_reflns.pdbx_CC_half                     ? 
_reflns.pdbx_R_split                     ? 
# 
_reflns_shell.d_res_high                  1.52 
_reflns_shell.d_res_low                   1.57 
_reflns_shell.meanI_over_sigI_all         ? 
_reflns_shell.meanI_over_sigI_obs         2.6 
_reflns_shell.number_measured_all         ? 
_reflns_shell.number_measured_obs         ? 
_reflns_shell.number_possible             ? 
_reflns_shell.number_unique_all           ? 
_reflns_shell.number_unique_obs           3542 
_reflns_shell.percent_possible_all        100 
_reflns_shell.percent_possible_obs        ? 
_reflns_shell.Rmerge_F_all                ? 
_reflns_shell.Rmerge_F_obs                ? 
_reflns_shell.Rmerge_I_all                ? 
_reflns_shell.Rmerge_I_obs                0.973 
_reflns_shell.meanI_over_sigI_gt          ? 
_reflns_shell.meanI_over_uI_all           ? 
_reflns_shell.meanI_over_uI_gt            ? 
_reflns_shell.number_measured_gt          ? 
_reflns_shell.number_unique_gt            ? 
_reflns_shell.percent_possible_gt         ? 
_reflns_shell.Rmerge_F_gt                 ? 
_reflns_shell.Rmerge_I_gt                 ? 
_reflns_shell.pdbx_redundancy             9.6 
_reflns_shell.pdbx_Rsym_value             ? 
_reflns_shell.pdbx_chi_squared            ? 
_reflns_shell.pdbx_netI_over_sigmaI_all   ? 
_reflns_shell.pdbx_netI_over_sigmaI_obs   ? 
_reflns_shell.pdbx_Rrim_I_all             ? 
_reflns_shell.pdbx_Rpim_I_all             ? 
_reflns_shell.pdbx_rejects                ? 
_reflns_shell.pdbx_ordinal                1 
_reflns_shell.pdbx_diffrn_id              1 
_reflns_shell.pdbx_CC_half                ? 
_reflns_shell.pdbx_R_split                ? 
# 
_refine.aniso_B[1][1]                            0.5747 
_refine.aniso_B[1][2]                            -0.0000 
_refine.aniso_B[1][3]                            -0.0000 
_refine.aniso_B[2][2]                            0.5747 
_refine.aniso_B[2][3]                            -0.0000 
_refine.aniso_B[3][3]                            -1.1495 
_refine.B_iso_max                                ? 
_refine.B_iso_mean                               ? 
_refine.B_iso_min                                ? 
_refine.correlation_coeff_Fo_to_Fc               ? 
_refine.correlation_coeff_Fo_to_Fc_free          ? 
_refine.details                                  ? 
_refine.diff_density_max                         ? 
_refine.diff_density_max_esd                     ? 
_refine.diff_density_min                         ? 
_refine.diff_density_min_esd                     ? 
_refine.diff_density_rms                         ? 
_refine.diff_density_rms_esd                     ? 
_refine.entry_id                                 5YHY 
_refine.pdbx_refine_id                           'X-RAY DIFFRACTION' 
_refine.ls_abs_structure_details                 ? 
_refine.ls_abs_structure_Flack                   ? 
_refine.ls_abs_structure_Flack_esd               ? 
_refine.ls_abs_structure_Rogers                  ? 
_refine.ls_abs_structure_Rogers_esd              ? 
_refine.ls_d_res_high                            1.650 
_refine.ls_d_res_low                             29.216 
_refine.ls_extinction_coef                       ? 
_refine.ls_extinction_coef_esd                   ? 
_refine.ls_extinction_expression                 ? 
_refine.ls_extinction_method                     ? 
_refine.ls_goodness_of_fit_all                   ? 
_refine.ls_goodness_of_fit_all_esd               ? 
_refine.ls_goodness_of_fit_obs                   ? 
_refine.ls_goodness_of_fit_obs_esd               ? 
_refine.ls_hydrogen_treatment                    ? 
_refine.ls_matrix_type                           ? 
_refine.ls_number_constraints                    ? 
_refine.ls_number_parameters                     ? 
_refine.ls_number_reflns_all                     ? 
_refine.ls_number_reflns_obs                     27903 
_refine.ls_number_reflns_R_free                  1542 
_refine.ls_number_reflns_R_work                  ? 
_refine.ls_number_restraints                     ? 
_refine.ls_percent_reflns_obs                    98.03 
_refine.ls_percent_reflns_R_free                 5.53 
_refine.ls_R_factor_all                          ? 
_refine.ls_R_factor_obs                          0.2067 
_refine.ls_R_factor_R_free                       0.2263 
_refine.ls_R_factor_R_free_error                 ? 
_refine.ls_R_factor_R_free_error_details         ? 
_refine.ls_R_factor_R_work                       0.2056 
_refine.ls_R_Fsqd_factor_obs                     ? 
_refine.ls_R_I_factor_obs                        ? 
_refine.ls_redundancy_reflns_all                 ? 
_refine.ls_redundancy_reflns_obs                 ? 
_refine.ls_restrained_S_all                      ? 
_refine.ls_restrained_S_obs                      ? 
_refine.ls_shift_over_esd_max                    ? 
_refine.ls_shift_over_esd_mean                   ? 
_refine.ls_structure_factor_coef                 ? 
_refine.ls_weighting_details                     ? 
_refine.ls_weighting_scheme                      ? 
_refine.ls_wR_factor_all                         ? 
_refine.ls_wR_factor_obs                         ? 
_refine.ls_wR_factor_R_free                      ? 
_refine.ls_wR_factor_R_work                      ? 
_refine.occupancy_max                            ? 
_refine.occupancy_min                            ? 
_refine.solvent_model_details                    ? 
_refine.solvent_model_param_bsol                 58.178 
_refine.solvent_model_param_ksol                 0.400 
_refine.ls_R_factor_gt                           ? 
_refine.ls_goodness_of_fit_gt                    ? 
_refine.ls_goodness_of_fit_ref                   ? 
_refine.ls_shift_over_su_max                     ? 
_refine.ls_shift_over_su_max_lt                  ? 
_refine.ls_shift_over_su_mean                    ? 
_refine.ls_shift_over_su_mean_lt                 ? 
_refine.pdbx_ls_sigma_I                          ? 
_refine.pdbx_ls_sigma_F                          0.00 
_refine.pdbx_ls_sigma_Fsqd                       ? 
_refine.pdbx_data_cutoff_high_absF               ? 
_refine.pdbx_data_cutoff_high_rms_absF           ? 
_refine.pdbx_data_cutoff_low_absF                ? 
_refine.pdbx_isotropic_thermal_model             ? 
_refine.pdbx_ls_cross_valid_method               'FREE R-VALUE' 
_refine.pdbx_method_to_determine_struct          'MOLECULAR REPLACEMENT' 
_refine.pdbx_starting_model                      5GYS 
_refine.pdbx_stereochemistry_target_values       ? 
_refine.pdbx_R_Free_selection_details            ? 
_refine.pdbx_stereochem_target_val_spec_case     ? 
_refine.pdbx_overall_ESU_R                       ? 
_refine.pdbx_overall_ESU_R_Free                  ? 
_refine.pdbx_solvent_vdw_probe_radii             1.10 
_refine.pdbx_solvent_ion_probe_radii             ? 
_refine.pdbx_solvent_shrinkage_radii             0.83 
_refine.pdbx_real_space_R                        ? 
_refine.pdbx_density_correlation                 ? 
_refine.pdbx_pd_number_of_powder_patterns        ? 
_refine.pdbx_pd_number_of_points                 ? 
_refine.pdbx_pd_meas_number_of_points            ? 
_refine.pdbx_pd_proc_ls_prof_R_factor            ? 
_refine.pdbx_pd_proc_ls_prof_wR_factor           ? 
_refine.pdbx_pd_Marquardt_correlation_coeff      ? 
_refine.pdbx_pd_Fsqrd_R_factor                   ? 
_refine.pdbx_pd_ls_matrix_band_width             ? 
_refine.pdbx_overall_phase_error                 19.62 
_refine.pdbx_overall_SU_R_free_Cruickshank_DPI   ? 
_refine.pdbx_overall_SU_R_free_Blow_DPI          ? 
_refine.pdbx_overall_SU_R_Blow_DPI               ? 
_refine.pdbx_TLS_residual_ADP_flag               ? 
_refine.pdbx_diffrn_id                           1 
_refine.overall_SU_B                             ? 
_refine.overall_SU_ML                            0.18 
_refine.overall_SU_R_Cruickshank_DPI             ? 
_refine.overall_SU_R_free                        ? 
_refine.overall_FOM_free_R_set                   ? 
_refine.overall_FOM_work_R_set                   ? 
_refine.pdbx_average_fsc_overall                 ? 
_refine.pdbx_average_fsc_work                    ? 
_refine.pdbx_average_fsc_free                    ? 
# 
_refine_hist.pdbx_refine_id                   'X-RAY DIFFRACTION' 
_refine_hist.cycle_id                         LAST 
_refine_hist.pdbx_number_atoms_protein        1152 
_refine_hist.pdbx_number_atoms_nucleic_acid   0 
_refine_hist.pdbx_number_atoms_ligand         1 
_refine_hist.number_atoms_solvent             212 
_refine_hist.number_atoms_total               1365 
_refine_hist.d_res_high                       1.650 
_refine_hist.d_res_low                        29.216 
# 
loop_
_refine_ls_restr.pdbx_refine_id 
_refine_ls_restr.criterion 
_refine_ls_restr.dev_ideal 
_refine_ls_restr.dev_ideal_target 
_refine_ls_restr.number 
_refine_ls_restr.rejects 
_refine_ls_restr.type 
_refine_ls_restr.weight 
_refine_ls_restr.pdbx_restraint_function 
'X-RAY DIFFRACTION' ? 0.005  ? 1166 ? f_bond_d           ? ? 
'X-RAY DIFFRACTION' ? 0.844  ? 1569 ? f_angle_d          ? ? 
'X-RAY DIFFRACTION' ? 13.298 ? 442  ? f_dihedral_angle_d ? ? 
'X-RAY DIFFRACTION' ? 0.055  ? 188  ? f_chiral_restr     ? ? 
'X-RAY DIFFRACTION' ? 0.004  ? 198  ? f_plane_restr      ? ? 
# 
loop_
_refine_ls_shell.pdbx_refine_id 
_refine_ls_shell.d_res_high 
_refine_ls_shell.d_res_low 
_refine_ls_shell.number_reflns_all 
_refine_ls_shell.number_reflns_obs 
_refine_ls_shell.number_reflns_R_free 
_refine_ls_shell.number_reflns_R_work 
_refine_ls_shell.percent_reflns_obs 
_refine_ls_shell.percent_reflns_R_free 
_refine_ls_shell.R_factor_all 
_refine_ls_shell.R_factor_obs 
_refine_ls_shell.R_factor_R_free 
_refine_ls_shell.R_factor_R_free_error 
_refine_ls_shell.R_factor_R_work 
_refine_ls_shell.redundancy_reflns_all 
_refine_ls_shell.redundancy_reflns_obs 
_refine_ls_shell.wR_factor_all 
_refine_ls_shell.wR_factor_obs 
_refine_ls_shell.wR_factor_R_free 
_refine_ls_shell.wR_factor_R_work 
_refine_ls_shell.pdbx_total_number_of_bins_used 
_refine_ls_shell.pdbx_phase_error 
_refine_ls_shell.pdbx_fsc_work 
_refine_ls_shell.pdbx_fsc_free 
'X-RAY DIFFRACTION' 1.6500 1.7090  . . 143 2468 94.00  . . . 0.2972 . 0.2582 . . . . . . . . . . 
'X-RAY DIFFRACTION' 1.7090 1.7774  . . 149 2511 95.00  . . . 0.2703 . 0.2318 . . . . . . . . . . 
'X-RAY DIFFRACTION' 1.7774 1.8583  . . 151 2541 97.00  . . . 0.2272 . 0.2042 . . . . . . . . . . 
'X-RAY DIFFRACTION' 1.8583 1.9563  . . 151 2612 98.00  . . . 0.2319 . 0.2000 . . . . . . . . . . 
'X-RAY DIFFRACTION' 1.9563 2.0788  . . 153 2634 99.00  . . . 0.2257 . 0.1926 . . . . . . . . . . 
'X-RAY DIFFRACTION' 2.0788 2.2392  . . 155 2643 99.00  . . . 0.2154 . 0.1903 . . . . . . . . . . 
'X-RAY DIFFRACTION' 2.2392 2.4645  . . 155 2676 100.00 . . . 0.2012 . 0.1960 . . . . . . . . . . 
'X-RAY DIFFRACTION' 2.4645 2.8208  . . 159 2707 100.00 . . . 0.2383 . 0.2002 . . . . . . . . . . 
'X-RAY DIFFRACTION' 2.8208 3.5530  . . 159 2719 100.00 . . . 0.2368 . 0.2149 . . . . . . . . . . 
'X-RAY DIFFRACTION' 3.5530 29.2202 . . 167 2850 98.00  . . . 0.2172 . 0.2065 . . . . . . . . . . 
# 
_struct.entry_id                     5YHY 
_struct.title                        'Structure of Lactococcus lactis ZitR, C30S mutant' 
_struct.pdbx_model_details           ? 
_struct.pdbx_formula_weight          ? 
_struct.pdbx_formula_weight_method   ? 
_struct.pdbx_model_type_details      ? 
_struct.pdbx_CASP_flag               N 
# 
_struct_keywords.entry_id        5YHY 
_struct_keywords.text            
'Zinc binding protein, MarR family, winged Helix-turn-helix, Transcriptional regulator, METAL BINDING PROTEIN' 
_struct_keywords.pdbx_keywords   'METAL BINDING PROTEIN' 
# 
loop_
_struct_asym.id 
_struct_asym.pdbx_blank_PDB_chainid_flag 
_struct_asym.pdbx_modified 
_struct_asym.entity_id 
_struct_asym.details 
A N N 1 ? 
B N N 2 ? 
C N N 3 ? 
# 
loop_
_struct_conf.conf_type_id 
_struct_conf.id 
_struct_conf.pdbx_PDB_helix_id 
_struct_conf.beg_label_comp_id 
_struct_conf.beg_label_asym_id 
_struct_conf.beg_label_seq_id 
_struct_conf.pdbx_beg_PDB_ins_code 
_struct_conf.end_label_comp_id 
_struct_conf.end_label_asym_id 
_struct_conf.end_label_seq_id 
_struct_conf.pdbx_end_PDB_ins_code 
_struct_conf.beg_auth_comp_id 
_struct_conf.beg_auth_asym_id 
_struct_conf.beg_auth_seq_id 
_struct_conf.end_auth_comp_id 
_struct_conf.end_auth_asym_id 
_struct_conf.end_auth_seq_id 
_struct_conf.pdbx_PDB_helix_class 
_struct_conf.details 
_struct_conf.pdbx_PDB_helix_length 
HELX_P HELX_P1 AA1 SER A 3   ? GLU A 20  ? SER A 3   GLU A 20  1 ? 18 
HELX_P HELX_P2 AA2 THR A 37  ? GLN A 50  ? THR A 37  GLN A 50  1 ? 14 
HELX_P HELX_P3 AA3 THR A 53  ? LYS A 62  ? THR A 53  LYS A 62  1 ? 10 
HELX_P HELX_P4 AA4 SER A 64  ? GLN A 78  ? SER A 64  GLN A 78  1 ? 15 
HELX_P HELX_P5 AA5 ALA A 101 ? ASN A 124 ? ALA A 101 ASN A 124 1 ? 24 
HELX_P HELX_P6 AA6 THR A 127 ? PHE A 145 ? THR A 127 PHE A 145 1 ? 19 
# 
_struct_conf_type.id          HELX_P 
_struct_conf_type.criteria    ? 
_struct_conf_type.reference   ? 
# 
loop_
_struct_conn.id 
_struct_conn.conn_type_id 
_struct_conn.pdbx_leaving_atom_flag 
_struct_conn.pdbx_PDB_id 
_struct_conn.ptnr1_label_asym_id 
_struct_conn.ptnr1_label_comp_id 
_struct_conn.ptnr1_label_seq_id 
_struct_conn.ptnr1_label_atom_id 
_struct_conn.pdbx_ptnr1_label_alt_id 
_struct_conn.pdbx_ptnr1_PDB_ins_code 
_struct_conn.pdbx_ptnr1_standard_comp_id 
_struct_conn.ptnr1_symmetry 
_struct_conn.ptnr2_label_asym_id 
_struct_conn.ptnr2_label_comp_id 
_struct_conn.ptnr2_label_seq_id 
_struct_conn.ptnr2_label_atom_id 
_struct_conn.pdbx_ptnr2_label_alt_id 
_struct_conn.pdbx_ptnr2_PDB_ins_code 
_struct_conn.ptnr1_auth_asym_id 
_struct_conn.ptnr1_auth_comp_id 
_struct_conn.ptnr1_auth_seq_id 
_struct_conn.ptnr2_auth_asym_id 
_struct_conn.ptnr2_auth_comp_id 
_struct_conn.ptnr2_auth_seq_id 
_struct_conn.ptnr2_symmetry 
_struct_conn.pdbx_ptnr3_label_atom_id 
_struct_conn.pdbx_ptnr3_label_seq_id 
_struct_conn.pdbx_ptnr3_label_comp_id 
_struct_conn.pdbx_ptnr3_label_asym_id 
_struct_conn.pdbx_ptnr3_label_alt_id 
_struct_conn.pdbx_ptnr3_PDB_ins_code 
_struct_conn.details 
_struct_conn.pdbx_dist_value 
_struct_conn.pdbx_value_order 
_struct_conn.pdbx_role 
metalc1 metalc ? ? A GLU 24  OE1 ? ? ? 1_555 B ZN . ZN ? ? A GLU 24  A ZN 201 1_555 ? ? ? ? ? ? ? 1.939 ? ? 
metalc2 metalc ? ? A GLU 24  OE2 ? ? ? 1_555 B ZN . ZN ? ? A GLU 24  A ZN 201 1_555 ? ? ? ? ? ? ? 2.675 ? ? 
metalc3 metalc ? ? A HIS 42  NE2 ? ? ? 1_555 B ZN . ZN ? ? A HIS 42  A ZN 201 1_555 ? ? ? ? ? ? ? 2.037 ? ? 
metalc4 metalc ? ? A HIS 108 NE2 ? ? ? 1_555 B ZN . ZN ? ? A HIS 108 A ZN 201 1_555 ? ? ? ? ? ? ? 2.032 ? ? 
metalc5 metalc ? ? A HIS 112 NE2 ? ? ? 1_555 B ZN . ZN ? ? A HIS 112 A ZN 201 1_555 ? ? ? ? ? ? ? 2.045 ? ? 
# 
_struct_conn_type.id          metalc 
_struct_conn_type.criteria    ? 
_struct_conn_type.reference   ? 
# 
_struct_mon_prot_cis.pdbx_id                1 
_struct_mon_prot_cis.label_comp_id          GLY 
_struct_mon_prot_cis.label_seq_id           1 
_struct_mon_prot_cis.label_asym_id          A 
_struct_mon_prot_cis.label_alt_id           . 
_struct_mon_prot_cis.pdbx_PDB_ins_code      ? 
_struct_mon_prot_cis.auth_comp_id           GLY 
_struct_mon_prot_cis.auth_seq_id            1 
_struct_mon_prot_cis.auth_asym_id           A 
_struct_mon_prot_cis.pdbx_label_comp_id_2   MET 
_struct_mon_prot_cis.pdbx_label_seq_id_2    2 
_struct_mon_prot_cis.pdbx_label_asym_id_2   A 
_struct_mon_prot_cis.pdbx_PDB_ins_code_2    ? 
_struct_mon_prot_cis.pdbx_auth_comp_id_2    MET 
_struct_mon_prot_cis.pdbx_auth_seq_id_2     2 
_struct_mon_prot_cis.pdbx_auth_asym_id_2    A 
_struct_mon_prot_cis.pdbx_PDB_model_num     1 
_struct_mon_prot_cis.pdbx_omega_angle       -3.08 
# 
_struct_sheet.id               AA1 
_struct_sheet.type             ? 
_struct_sheet.number_strands   2 
_struct_sheet.details          ? 
# 
_struct_sheet_order.sheet_id     AA1 
_struct_sheet_order.range_id_1   1 
_struct_sheet_order.range_id_2   2 
_struct_sheet_order.offset       ? 
_struct_sheet_order.sense        anti-parallel 
# 
loop_
_struct_sheet_range.sheet_id 
_struct_sheet_range.id 
_struct_sheet_range.beg_label_comp_id 
_struct_sheet_range.beg_label_asym_id 
_struct_sheet_range.beg_label_seq_id 
_struct_sheet_range.pdbx_beg_PDB_ins_code 
_struct_sheet_range.end_label_comp_id 
_struct_sheet_range.end_label_asym_id 
_struct_sheet_range.end_label_seq_id 
_struct_sheet_range.pdbx_end_PDB_ins_code 
_struct_sheet_range.beg_auth_comp_id 
_struct_sheet_range.beg_auth_asym_id 
_struct_sheet_range.beg_auth_seq_id 
_struct_sheet_range.end_auth_comp_id 
_struct_sheet_range.end_auth_asym_id 
_struct_sheet_range.end_auth_seq_id 
AA1 1 ILE A 81 ? ARG A 85 ? ILE A 81 ARG A 85 
AA1 2 VAL A 93 ? LEU A 97 ? VAL A 93 LEU A 97 
# 
_pdbx_struct_sheet_hbond.sheet_id                AA1 
_pdbx_struct_sheet_hbond.range_id_1              1 
_pdbx_struct_sheet_hbond.range_id_2              2 
_pdbx_struct_sheet_hbond.range_1_label_atom_id   N 
_pdbx_struct_sheet_hbond.range_1_label_comp_id   SER 
_pdbx_struct_sheet_hbond.range_1_label_asym_id   A 
_pdbx_struct_sheet_hbond.range_1_label_seq_id    84 
_pdbx_struct_sheet_hbond.range_1_PDB_ins_code    ? 
_pdbx_struct_sheet_hbond.range_1_auth_atom_id    N 
_pdbx_struct_sheet_hbond.range_1_auth_comp_id    SER 
_pdbx_struct_sheet_hbond.range_1_auth_asym_id    A 
_pdbx_struct_sheet_hbond.range_1_auth_seq_id     84 
_pdbx_struct_sheet_hbond.range_2_label_atom_id   O 
_pdbx_struct_sheet_hbond.range_2_label_comp_id   LEU 
_pdbx_struct_sheet_hbond.range_2_label_asym_id   A 
_pdbx_struct_sheet_hbond.range_2_label_seq_id    94 
_pdbx_struct_sheet_hbond.range_2_PDB_ins_code    ? 
_pdbx_struct_sheet_hbond.range_2_auth_atom_id    O 
_pdbx_struct_sheet_hbond.range_2_auth_comp_id    LEU 
_pdbx_struct_sheet_hbond.range_2_auth_asym_id    A 
_pdbx_struct_sheet_hbond.range_2_auth_seq_id     94 
# 
_struct_site.id                   AC1 
_struct_site.pdbx_evidence_code   Software 
_struct_site.pdbx_auth_asym_id    A 
_struct_site.pdbx_auth_comp_id    ZN 
_struct_site.pdbx_auth_seq_id     201 
_struct_site.pdbx_auth_ins_code   ? 
_struct_site.pdbx_num_residues    4 
_struct_site.details              'binding site for residue ZN A 201' 
# 
loop_
_struct_site_gen.id 
_struct_site_gen.site_id 
_struct_site_gen.pdbx_num_res 
_struct_site_gen.label_comp_id 
_struct_site_gen.label_asym_id 
_struct_site_gen.label_seq_id 
_struct_site_gen.pdbx_auth_ins_code 
_struct_site_gen.auth_comp_id 
_struct_site_gen.auth_asym_id 
_struct_site_gen.auth_seq_id 
_struct_site_gen.label_atom_id 
_struct_site_gen.label_alt_id 
_struct_site_gen.symmetry 
_struct_site_gen.details 
1 AC1 4 GLU A 24  ? GLU A 24  . ? 1_555 ? 
2 AC1 4 HIS A 42  ? HIS A 42  . ? 1_555 ? 
3 AC1 4 HIS A 108 ? HIS A 108 . ? 1_555 ? 
4 AC1 4 HIS A 112 ? HIS A 112 . ? 1_555 ? 
# 
_atom_sites.entry_id                    5YHY 
_atom_sites.fract_transf_matrix[1][1]   0.01591070 
_atom_sites.fract_transf_matrix[1][2]   -0.00134426 
_atom_sites.fract_transf_matrix[1][3]   0.00191657 
_atom_sites.fract_transf_matrix[2][1]   -0.00010619 
_atom_sites.fract_transf_matrix[2][2]   -0.01356719 
_atom_sites.fract_transf_matrix[2][3]   -0.00863428 
_atom_sites.fract_transf_matrix[3][1]   0.00123996 
_atom_sites.fract_transf_matrix[3][2]   0.00452259 
_atom_sites.fract_transf_matrix[3][3]   -0.00712168 
_atom_sites.fract_transf_vector[1]      0.488453 
_atom_sites.fract_transf_vector[2]      -0.164634 
_atom_sites.fract_transf_vector[3]      0.002925 
# 
loop_
_atom_type.symbol 
C  
N  
O  
S  
ZN 
# 
loop_
_atom_site.group_PDB 
_atom_site.id 
_atom_site.type_symbol 
_atom_site.label_atom_id 
_atom_site.label_alt_id 
_atom_site.label_comp_id 
_atom_site.label_asym_id 
_atom_site.label_entity_id 
_atom_site.label_seq_id 
_atom_site.pdbx_PDB_ins_code 
_atom_site.Cartn_x 
_atom_site.Cartn_y 
_atom_site.Cartn_z 
_atom_site.occupancy 
_atom_site.B_iso_or_equiv 
_atom_site.pdbx_formal_charge 
_atom_site.auth_seq_id 
_atom_site.auth_comp_id 
_atom_site.auth_asym_id 
_atom_site.auth_atom_id 
_atom_site.pdbx_PDB_model_num 
ATOM   1    N  N   . GLY A 1 1   ? 35.418  6.352   5.925   1.00 54.16 ? 1   GLY A N   1 
ATOM   2    C  CA  . GLY A 1 1   ? 35.203  7.764   5.666   1.00 47.51 ? 1   GLY A CA  1 
ATOM   3    C  C   . GLY A 1 1   ? 34.664  8.015   4.271   1.00 52.46 ? 1   GLY A C   1 
ATOM   4    O  O   . GLY A 1 1   ? 35.397  7.899   3.284   1.00 58.79 ? 1   GLY A O   1 
ATOM   5    N  N   . MET A 1 2   ? 33.377  8.343   4.174   1.00 47.68 ? 2   MET A N   1 
ATOM   6    C  CA  . MET A 1 2   ? 32.474  8.403   5.322   1.00 41.49 ? 2   MET A CA  1 
ATOM   7    C  C   . MET A 1 2   ? 32.299  7.012   5.928   1.00 37.03 ? 2   MET A C   1 
ATOM   8    O  O   . MET A 1 2   ? 32.280  6.024   5.195   1.00 36.16 ? 2   MET A O   1 
ATOM   9    C  CB  . MET A 1 2   ? 31.121  8.949   4.857   1.00 41.14 ? 2   MET A CB  1 
ATOM   10   C  CG  . MET A 1 2   ? 30.071  9.078   5.935   1.00 37.25 ? 2   MET A CG  1 
ATOM   11   S  SD  . MET A 1 2   ? 28.487  9.674   5.298   1.00 37.08 ? 2   MET A SD  1 
ATOM   12   C  CE  . MET A 1 2   ? 28.961  11.261  4.606   1.00 42.98 ? 2   MET A CE  1 
ATOM   13   N  N   . SER A 1 3   ? 32.183  6.924   7.255   1.00 30.97 ? 3   SER A N   1 
ATOM   14   C  CA  . SER A 1 3   ? 31.981  5.632   7.906   1.00 29.06 ? 3   SER A CA  1 
ATOM   15   C  C   . SER A 1 3   ? 30.617  5.102   7.505   1.00 25.04 ? 3   SER A C   1 
ATOM   16   O  O   . SER A 1 3   ? 29.736  5.875   7.142   1.00 23.84 ? 3   SER A O   1 
ATOM   17   C  CB  . SER A 1 3   ? 32.049  5.746   9.434   1.00 31.99 ? 3   SER A CB  1 
ATOM   18   O  OG  . SER A 1 3   ? 30.881  6.363   9.973   1.00 28.46 ? 3   SER A OG  1 
ATOM   19   N  N   . LEU A 1 4   ? 30.449  3.788   7.570   1.00 24.83 ? 4   LEU A N   1 
ATOM   20   C  CA  . LEU A 1 4   ? 29.158  3.200   7.241   1.00 23.18 ? 4   LEU A CA  1 
ATOM   21   C  C   . LEU A 1 4   ? 28.101  3.692   8.221   1.00 23.61 ? 4   LEU A C   1 
ATOM   22   O  O   . LEU A 1 4   ? 26.965  3.945   7.831   1.00 20.49 ? 4   LEU A O   1 
ATOM   23   C  CB  . LEU A 1 4   ? 29.208  1.672   7.232   1.00 23.26 ? 4   LEU A CB  1 
ATOM   24   C  CG  . LEU A 1 4   ? 27.921  0.971   6.781   1.00 23.21 ? 4   LEU A CG  1 
ATOM   25   C  CD1 . LEU A 1 4   ? 27.598  1.263   5.313   1.00 23.06 ? 4   LEU A CD1 1 
ATOM   26   C  CD2 . LEU A 1 4   ? 27.993  -0.532  7.017   1.00 23.37 ? 4   LEU A CD2 1 
ATOM   27   N  N   . ALA A 1 5   ? 28.469  3.819   9.493   1.00 24.22 ? 5   ALA A N   1 
ATOM   28   C  CA  . ALA A 1 5   ? 27.527  4.328   10.488  1.00 23.72 ? 5   ALA A CA  1 
ATOM   29   C  C   . ALA A 1 5   ? 26.971  5.685   10.077  1.00 22.03 ? 5   ALA A C   1 
ATOM   30   O  O   . ALA A 1 5   ? 25.768  5.928   10.163  1.00 20.44 ? 5   ALA A O   1 
ATOM   31   C  CB  . ALA A 1 5   ? 28.186  4.426   11.867  1.00 21.93 ? 5   ALA A CB  1 
ATOM   32   N  N   . ASN A 1 6   ? 27.852  6.576   9.637   1.00 21.87 ? 6   ASN A N   1 
ATOM   33   C  CA  . ASN A 1 6   ? 27.424  7.891   9.209   1.00 22.55 ? 6   ASN A CA  1 
ATOM   34   C  C   . ASN A 1 6   ? 26.586  7.822   7.934   1.00 20.45 ? 6   ASN A C   1 
ATOM   35   O  O   . ASN A 1 6   ? 25.601  8.539   7.800   1.00 22.53 ? 6   ASN A O   1 
ATOM   36   C  CB  . ASN A 1 6   ? 28.629  8.809   9.040   1.00 25.71 ? 6   ASN A CB  1 
ATOM   37   C  CG  . ASN A 1 6   ? 29.137  9.320   10.368  1.00 31.68 ? 6   ASN A CG  1 
ATOM   38   O  OD1 . ASN A 1 6   ? 28.347  9.698   11.234  1.00 32.50 ? 6   ASN A OD1 1 
ATOM   39   N  ND2 . ASN A 1 6   ? 30.452  9.318   10.548  1.00 38.44 ? 6   ASN A ND2 1 
ATOM   40   N  N   . GLN A 1 7   ? 26.947  6.915   7.036   1.00 19.29 ? 7   GLN A N   1 
ATOM   41   C  CA  . GLN A 1 7   ? 26.164  6.722   5.812   1.00 20.59 ? 7   GLN A CA  1 
ATOM   42   C  C   . GLN A 1 7   ? 24.754  6.259   6.152   1.00 19.69 ? 7   GLN A C   1 
ATOM   43   O  O   . GLN A 1 7   ? 23.768  6.690   5.531   1.00 21.17 ? 7   GLN A O   1 
ATOM   44   C  CB  . GLN A 1 7   ? 26.805  5.665   4.915   1.00 20.99 ? 7   GLN A CB  1 
ATOM   45   C  CG  . GLN A 1 7   ? 28.182  5.986   4.378   1.00 28.17 ? 7   GLN A CG  1 
ATOM   46   C  CD  . GLN A 1 7   ? 28.671  4.892   3.464   1.00 33.11 ? 7   GLN A CD  1 
ATOM   47   O  OE1 . GLN A 1 7   ? 27.875  4.284   2.727   1.00 25.82 ? 7   GLN A OE1 1 
ATOM   48   N  NE2 . GLN A 1 7   ? 29.974  4.593   3.533   1.00 33.04 ? 7   GLN A NE2 1 
ATOM   49   N  N   . ILE A 1 8   ? 24.652  5.362   7.126   1.00 17.65 ? 8   ILE A N   1 
ATOM   50   C  CA  . ILE A 1 8   ? 23.335  4.875   7.538   1.00 17.99 ? 8   ILE A CA  1 
ATOM   51   C  C   . ILE A 1 8   ? 22.509  6.012   8.126   1.00 19.21 ? 8   ILE A C   1 
ATOM   52   O  O   . ILE A 1 8   ? 21.329  6.179   7.788   1.00 20.23 ? 8   ILE A O   1 
ATOM   53   C  CB  . ILE A 1 8   ? 23.451  3.706   8.538   1.00 16.69 ? 8   ILE A CB  1 
ATOM   54   C  CG1 . ILE A 1 8   ? 24.051  2.476   7.838   1.00 17.73 ? 8   ILE A CG1 1 
ATOM   55   C  CG2 . ILE A 1 8   ? 22.084  3.372   9.142   1.00 18.97 ? 8   ILE A CG2 1 
ATOM   56   C  CD1 . ILE A 1 8   ? 24.601  1.444   8.813   1.00 20.11 ? 8   ILE A CD1 1 
ATOM   57   N  N   . ASP A 1 9   ? 23.139  6.793   9.000   1.00 18.37 ? 9   ASP A N   1 
ATOM   58   C  CA  . ASP A 1 9   ? 22.485  7.939   9.637   1.00 21.65 ? 9   ASP A CA  1 
ATOM   59   C  C   . ASP A 1 9   ? 21.930  8.894   8.580   1.00 20.87 ? 9   ASP A C   1 
ATOM   60   O  O   . ASP A 1 9   ? 20.768  9.316   8.652   1.00 23.44 ? 9   ASP A O   1 
ATOM   61   C  CB  . ASP A 1 9   ? 23.510  8.654   10.522  1.00 21.84 ? 9   ASP A CB  1 
ATOM   62   C  CG  . ASP A 1 9   ? 22.881  9.658   11.472  1.00 29.01 ? 9   ASP A CG  1 
ATOM   63   O  OD1 . ASP A 1 9   ? 21.770  9.407   11.982  1.00 26.85 ? 9   ASP A OD1 1 
ATOM   64   O  OD2 . ASP A 1 9   ? 23.523  10.702  11.724  1.00 34.23 ? 9   ASP A OD2 1 
ATOM   65   N  N   . GLN A 1 10  ? 22.746  9.203   7.580   1.00 22.82 ? 10  GLN A N   1 
ATOM   66   C  CA  . GLN A 1 10  ? 22.337  10.126  6.528   1.00 22.76 ? 10  GLN A CA  1 
ATOM   67   C  C   . GLN A 1 10  ? 21.235  9.552   5.640   1.00 23.05 ? 10  GLN A C   1 
ATOM   68   O  O   . GLN A 1 10  ? 20.322  10.268  5.241   1.00 24.72 ? 10  GLN A O   1 
ATOM   69   C  CB  . GLN A 1 10  ? 23.539  10.584  5.707   1.00 25.93 ? 10  GLN A CB  1 
ATOM   70   C  CG  . GLN A 1 10  ? 24.494  11.431  6.532   1.00 29.86 ? 10  GLN A CG  1 
ATOM   71   C  CD  . GLN A 1 10  ? 25.613  12.041  5.714   1.00 41.40 ? 10  GLN A CD  1 
ATOM   72   O  OE1 . GLN A 1 10  ? 25.584  12.025  4.478   1.00 44.57 ? 10  GLN A OE1 1 
ATOM   73   N  NE2 . GLN A 1 10  ? 26.609  12.591  6.405   1.00 46.33 ? 10  GLN A NE2 1 
ATOM   74   N  N   . PHE A 1 11  ? 21.325  8.256   5.350   1.00 22.39 ? 11  PHE A N   1 
ATOM   75   C  CA  . PHE A 1 11  ? 20.302  7.582   4.573   1.00 22.47 ? 11  PHE A CA  1 
ATOM   76   C  C   . PHE A 1 11  ? 18.947  7.662   5.268   1.00 22.44 ? 11  PHE A C   1 
ATOM   77   O  O   . PHE A 1 11  ? 17.928  7.919   4.642   1.00 23.99 ? 11  PHE A O   1 
ATOM   78   C  CB  . PHE A 1 11  ? 20.689  6.116   4.347   1.00 21.06 ? 11  PHE A CB  1 
ATOM   79   C  CG  . PHE A 1 11  ? 19.578  5.288   3.777   1.00 22.42 ? 11  PHE A CG  1 
ATOM   80   C  CD1 . PHE A 1 11  ? 19.239  5.396   2.445   1.00 22.45 ? 11  PHE A CD1 1 
ATOM   81   C  CD2 . PHE A 1 11  ? 18.880  4.402   4.575   1.00 24.38 ? 11  PHE A CD2 1 
ATOM   82   C  CE1 . PHE A 1 11  ? 18.219  4.633   1.914   1.00 23.27 ? 11  PHE A CE1 1 
ATOM   83   C  CE2 . PHE A 1 11  ? 17.862  3.638   4.048   1.00 25.49 ? 11  PHE A CE2 1 
ATOM   84   C  CZ  . PHE A 1 11  ? 17.532  3.759   2.717   1.00 23.85 ? 11  PHE A CZ  1 
ATOM   85   N  N   . LEU A 1 12  ? 18.934  7.428   6.572   1.00 20.20 ? 12  LEU A N   1 
ATOM   86   C  CA  . LEU A 1 12  ? 17.685  7.432   7.309   1.00 21.53 ? 12  LEU A CA  1 
ATOM   87   C  C   . LEU A 1 12  ? 17.123  8.843   7.370   1.00 23.24 ? 12  LEU A C   1 
ATOM   88   O  O   . LEU A 1 12  ? 15.908  9.028   7.331   1.00 23.50 ? 12  LEU A O   1 
ATOM   89   C  CB  . LEU A 1 12  ? 17.874  6.837   8.699   1.00 24.11 ? 12  LEU A CB  1 
ATOM   90   C  CG  . LEU A 1 12  ? 18.168  5.343   8.609   1.00 21.99 ? 12  LEU A CG  1 
ATOM   91   C  CD1 . LEU A 1 12  ? 18.580  4.792   9.965   1.00 23.18 ? 12  LEU A CD1 1 
ATOM   92   C  CD2 . LEU A 1 12  ? 16.947  4.602   8.053   1.00 25.28 ? 12  LEU A CD2 1 
ATOM   93   N  N   . GLY A 1 13  ? 18.014  9.828   7.425   1.00 22.76 ? 13  GLY A N   1 
ATOM   94   C  CA  . GLY A 1 13  ? 17.606  11.224  7.311   1.00 25.27 ? 13  GLY A CA  1 
ATOM   95   C  C   . GLY A 1 13  ? 16.895  11.511  5.994   1.00 25.82 ? 13  GLY A C   1 
ATOM   96   O  O   . GLY A 1 13  ? 15.836  12.148  5.971   1.00 25.84 ? 13  GLY A O   1 
ATOM   97   N  N   . THR A 1 14  ? 17.470  11.033  4.895   1.00 23.13 ? 14  THR A N   1 
ATOM   98   C  CA  . THR A 1 14  ? 16.855  11.179  3.580   1.00 23.45 ? 14  THR A CA  1 
ATOM   99   C  C   . THR A 1 14  ? 15.449  10.587  3.564   1.00 26.59 ? 14  THR A C   1 
ATOM   100  O  O   . THR A 1 14  ? 14.510  11.195  3.042   1.00 26.06 ? 14  THR A O   1 
ATOM   101  C  CB  . THR A 1 14  ? 17.711  10.502  2.500   1.00 26.06 ? 14  THR A CB  1 
ATOM   102  O  OG1 . THR A 1 14  ? 18.995  11.136  2.453   1.00 26.59 ? 14  THR A OG1 1 
ATOM   103  C  CG2 . THR A 1 14  ? 17.043  10.612  1.139   1.00 28.37 ? 14  THR A CG2 1 
ATOM   104  N  N   . ILE A 1 15  ? 15.302  9.397   4.141   1.00 22.65 ? 15  ILE A N   1 
ATOM   105  C  CA  . ILE A 1 15  ? 14.005  8.729   4.162   1.00 23.48 ? 15  ILE A CA  1 
ATOM   106  C  C   . ILE A 1 15  ? 12.995  9.486   5.018   1.00 26.43 ? 15  ILE A C   1 
ATOM   107  O  O   . ILE A 1 15  ? 11.842  9.662   4.618   1.00 26.99 ? 15  ILE A O   1 
ATOM   108  C  CB  . ILE A 1 15  ? 14.109  7.275   4.651   1.00 25.61 ? 15  ILE A CB  1 
ATOM   109  C  CG1 . ILE A 1 15  ? 15.039  6.475   3.735   1.00 23.95 ? 15  ILE A CG1 1 
ATOM   110  C  CG2 . ILE A 1 15  ? 12.717  6.640   4.715   1.00 23.62 ? 15  ILE A CG2 1 
ATOM   111  C  CD1 . ILE A 1 15  ? 14.714  6.629   2.256   1.00 26.61 ? 15  ILE A CD1 1 
ATOM   112  N  N   . MET A 1 16  ? 13.420  9.931   6.195   1.00 25.24 ? 16  MET A N   1 
ATOM   113  C  CA  . MET A 1 16  ? 12.548  10.733  7.045   1.00 25.30 ? 16  MET A CA  1 
ATOM   114  C  C   . MET A 1 16  ? 11.998  11.934  6.285   1.00 28.66 ? 16  MET A C   1 
ATOM   115  O  O   . MET A 1 16  ? 10.793  12.199  6.323   1.00 27.46 ? 16  MET A O   1 
ATOM   116  C  CB  . MET A 1 16  ? 13.284  11.206  8.303   1.00 26.85 ? 16  MET A CB  1 
ATOM   117  C  CG  . MET A 1 16  ? 12.545  12.323  9.027   1.00 32.01 ? 16  MET A CG  1 
ATOM   118  S  SD  . MET A 1 16  ? 13.301  12.764  10.604  1.00 32.81 ? 16  MET A SD  1 
ATOM   119  C  CE  . MET A 1 16  ? 12.526  11.564  11.686  1.00 34.59 ? 16  MET A CE  1 
ATOM   120  N  N   . GLN A 1 17  ? 12.875  12.655  5.596   1.00 26.81 ? 17  GLN A N   1 
ATOM   121  C  CA  . GLN A 1 17  ? 12.463  13.836  4.832   1.00 29.73 ? 17  GLN A CA  1 
ATOM   122  C  C   . GLN A 1 17  ? 11.434  13.501  3.762   1.00 30.35 ? 17  GLN A C   1 
ATOM   123  O  O   . GLN A 1 17  ? 10.452  14.225  3.567   1.00 28.96 ? 17  GLN A O   1 
ATOM   124  C  CB  . GLN A 1 17  ? 13.672  14.495  4.171   1.00 30.60 ? 17  GLN A CB  1 
ATOM   125  C  CG  . GLN A 1 17  ? 14.679  15.047  5.161   1.00 37.23 ? 17  GLN A CG  1 
ATOM   126  C  CD  . GLN A 1 17  ? 15.863  15.696  4.472   1.00 47.75 ? 17  GLN A CD  1 
ATOM   127  O  OE1 . GLN A 1 17  ? 15.775  16.102  3.309   1.00 52.43 ? 17  GLN A OE1 1 
ATOM   128  N  NE2 . GLN A 1 17  ? 16.983  15.789  5.183   1.00 50.06 ? 17  GLN A NE2 1 
ATOM   129  N  N   . PHE A 1 18  ? 11.674  12.406  3.051   1.00 26.89 ? 18  PHE A N   1 
ATOM   130  C  CA  . PHE A 1 18  ? 10.786  11.991  1.979   1.00 26.02 ? 18  PHE A CA  1 
ATOM   131  C  C   . PHE A 1 18  ? 9.437   11.561  2.547   1.00 30.19 ? 18  PHE A C   1 
ATOM   132  O  O   . PHE A 1 18  ? 8.394   11.755  1.912   1.00 31.03 ? 18  PHE A O   1 
ATOM   133  C  CB  . PHE A 1 18  ? 11.430  10.848  1.193   1.00 26.10 ? 18  PHE A CB  1 
ATOM   134  C  CG  . PHE A 1 18  ? 10.629  10.391  0.007   1.00 25.05 ? 18  PHE A CG  1 
ATOM   135  C  CD1 . PHE A 1 18  ? 9.667   9.407   0.142   1.00 26.02 ? 18  PHE A CD1 1 
ATOM   136  C  CD2 . PHE A 1 18  ? 10.853  10.932  -1.251  1.00 26.57 ? 18  PHE A CD2 1 
ATOM   137  C  CE1 . PHE A 1 18  ? 8.935   8.977   -0.956  1.00 25.59 ? 18  PHE A CE1 1 
ATOM   138  C  CE2 . PHE A 1 18  ? 10.123  10.502  -2.348  1.00 26.80 ? 18  PHE A CE2 1 
ATOM   139  C  CZ  . PHE A 1 18  ? 9.164   9.527   -2.196  1.00 27.08 ? 18  PHE A CZ  1 
ATOM   140  N  N   . ALA A 1 19  ? 9.460   10.990  3.748   1.00 27.00 ? 19  ALA A N   1 
ATOM   141  C  CA  . ALA A 1 19  ? 8.268   10.365  4.321   1.00 29.64 ? 19  ALA A CA  1 
ATOM   142  C  C   . ALA A 1 19  ? 7.323   11.375  4.958   1.00 33.90 ? 19  ALA A C   1 
ATOM   143  O  O   . ALA A 1 19  ? 6.147   11.088  5.160   1.00 34.54 ? 19  ALA A O   1 
ATOM   144  C  CB  . ALA A 1 19  ? 8.664   9.316   5.343   1.00 29.34 ? 19  ALA A CB  1 
ATOM   145  N  N   . GLU A 1 20  ? 7.850   12.547  5.290   1.00 32.75 ? 20  GLU A N   1 
ATOM   146  C  CA  . GLU A 1 20  ? 7.072   13.545  6.010   1.00 36.22 ? 20  GLU A CA  1 
ATOM   147  C  C   . GLU A 1 20  ? 5.760   13.864  5.291   1.00 37.82 ? 20  GLU A C   1 
ATOM   148  O  O   . GLU A 1 20  ? 5.755   14.160  4.098   1.00 36.72 ? 20  GLU A O   1 
ATOM   149  C  CB  . GLU A 1 20  ? 7.893   14.817  6.216   1.00 37.61 ? 20  GLU A CB  1 
ATOM   150  C  CG  . GLU A 1 20  ? 7.350   15.709  7.319   1.00 47.32 ? 20  GLU A CG  1 
ATOM   151  C  CD  . GLU A 1 20  ? 8.220   16.922  7.569   1.00 52.24 ? 20  GLU A CD  1 
ATOM   152  O  OE1 . GLU A 1 20  ? 9.196   17.124  6.811   1.00 53.07 ? 20  GLU A OE1 1 
ATOM   153  O  OE2 . GLU A 1 20  ? 7.926   17.672  8.525   1.00 57.77 ? 20  GLU A OE2 1 
ATOM   154  N  N   . ASN A 1 21  ? 4.658   13.782  6.032   1.00 40.26 ? 21  ASN A N   1 
ATOM   155  C  CA  . ASN A 1 21  ? 3.322   14.084  5.512   1.00 41.17 ? 21  ASN A CA  1 
ATOM   156  C  C   . ASN A 1 21  ? 2.779   13.070  4.499   1.00 42.76 ? 21  ASN A C   1 
ATOM   157  O  O   . ASN A 1 21  ? 1.927   13.409  3.670   1.00 40.49 ? 21  ASN A O   1 
ATOM   158  C  CB  . ASN A 1 21  ? 3.277   15.497  4.919   1.00 42.41 ? 21  ASN A CB  1 
ATOM   159  C  CG  . ASN A 1 21  ? 3.641   16.568  5.932   1.00 47.91 ? 21  ASN A CG  1 
ATOM   160  O  OD1 . ASN A 1 21  ? 3.315   16.458  7.116   1.00 51.33 ? 21  ASN A OD1 1 
ATOM   161  N  ND2 . ASN A 1 21  ? 4.323   17.610  5.470   1.00 52.95 ? 21  ASN A ND2 1 
ATOM   162  N  N   . LYS A 1 22  ? 3.261   11.830  4.571   1.00 38.08 ? 22  LYS A N   1 
ATOM   163  C  CA  . LYS A 1 22  ? 2.808   10.777  3.664   1.00 35.76 ? 22  LYS A CA  1 
ATOM   164  C  C   . LYS A 1 22  ? 2.301   9.559   4.424   1.00 34.12 ? 22  LYS A C   1 
ATOM   165  O  O   . LYS A 1 22  ? 2.761   9.276   5.527   1.00 35.91 ? 22  LYS A O   1 
ATOM   166  C  CB  . LYS A 1 22  ? 3.936   10.367  2.713   1.00 33.55 ? 22  LYS A CB  1 
ATOM   167  C  CG  . LYS A 1 22  ? 4.305   11.441  1.710   1.00 35.28 ? 22  LYS A CG  1 
ATOM   168  C  CD  . LYS A 1 22  ? 5.450   10.986  0.829   1.00 34.94 ? 22  LYS A CD  1 
ATOM   169  C  CE  . LYS A 1 22  ? 5.963   12.133  -0.027  1.00 40.77 ? 22  LYS A CE  1 
ATOM   170  N  NZ  . LYS A 1 22  ? 7.079   11.699  -0.898  1.00 36.37 ? 22  LYS A NZ  1 
ATOM   171  N  N   . HIS A 1 23  ? 1.347   8.846   3.831   1.00 32.58 ? 23  HIS A N   1 
ATOM   172  C  CA  . HIS A 1 23  ? 0.806   7.629   4.432   1.00 33.35 ? 23  HIS A CA  1 
ATOM   173  C  C   . HIS A 1 23  ? 1.652   6.427   4.058   1.00 30.99 ? 23  HIS A C   1 
ATOM   174  O  O   . HIS A 1 23  ? 1.658   5.428   4.764   1.00 30.39 ? 23  HIS A O   1 
ATOM   175  C  CB  . HIS A 1 23  ? -0.622  7.360   3.944   1.00 36.32 ? 23  HIS A CB  1 
ATOM   176  C  CG  . HIS A 1 23  ? -1.661  8.217   4.593   1.00 39.84 ? 23  HIS A CG  1 
ATOM   177  N  ND1 . HIS A 1 23  ? -1.696  8.444   5.953   1.00 45.22 ? 23  HIS A ND1 1 
ATOM   178  C  CD2 . HIS A 1 23  ? -2.717  8.887   4.071   1.00 40.14 ? 23  HIS A CD2 1 
ATOM   179  C  CE1 . HIS A 1 23  ? -2.723  9.227   6.238   1.00 46.28 ? 23  HIS A CE1 1 
ATOM   180  N  NE2 . HIS A 1 23  ? -3.357  9.510   5.113   1.00 44.44 ? 23  HIS A NE2 1 
ATOM   181  N  N   . GLU A 1 24  ? 2.342   6.529   2.925   1.00 27.53 ? 24  GLU A N   1 
ATOM   182  C  CA  . GLU A 1 24  ? 3.081   5.411   2.361   1.00 25.95 ? 24  GLU A CA  1 
ATOM   183  C  C   . GLU A 1 24  ? 4.287   5.935   1.605   1.00 24.59 ? 24  GLU A C   1 
ATOM   184  O  O   . GLU A 1 24  ? 4.236   7.016   1.023   1.00 24.93 ? 24  GLU A O   1 
ATOM   185  C  CB  . GLU A 1 24  ? 2.205   4.641   1.370   1.00 31.13 ? 24  GLU A CB  1 
ATOM   186  C  CG  . GLU A 1 24  ? 1.432   3.488   1.958   1.00 33.72 ? 24  GLU A CG  1 
ATOM   187  C  CD  . GLU A 1 24  ? 0.794   2.634   0.878   1.00 29.97 ? 24  GLU A CD  1 
ATOM   188  O  OE1 . GLU A 1 24  ? 0.042   3.186   0.052   1.00 28.21 ? 24  GLU A OE1 1 
ATOM   189  O  OE2 . GLU A 1 24  ? 1.045   1.410   0.857   1.00 33.70 ? 24  GLU A OE2 1 
ATOM   190  N  N   . ILE A 1 25  ? 5.369   5.162   1.601   1.00 24.36 ? 25  ILE A N   1 
ATOM   191  C  CA  . ILE A 1 25  ? 6.518   5.496   0.770   1.00 22.08 ? 25  ILE A CA  1 
ATOM   192  C  C   . ILE A 1 25  ? 6.270   4.986   -0.651  1.00 20.99 ? 25  ILE A C   1 
ATOM   193  O  O   . ILE A 1 25  ? 6.325   3.787   -0.913  1.00 21.96 ? 25  ILE A O   1 
ATOM   194  C  CB  . ILE A 1 25  ? 7.818   4.888   1.328   1.00 23.47 ? 25  ILE A CB  1 
ATOM   195  C  CG1 . ILE A 1 25  ? 8.114   5.438   2.728   1.00 28.60 ? 25  ILE A CG1 1 
ATOM   196  C  CG2 . ILE A 1 25  ? 8.992   5.172   0.385   1.00 25.36 ? 25  ILE A CG2 1 
ATOM   197  C  CD1 . ILE A 1 25  ? 8.408   6.908   2.745   1.00 33.32 ? 25  ILE A CD1 1 
ATOM   198  N  N   . LEU A 1 26  ? 5.982   5.910   -1.562  1.00 21.01 ? 26  LEU A N   1 
ATOM   199  C  CA  . LEU A 1 26  ? 5.717   5.562   -2.954  1.00 21.75 ? 26  LEU A CA  1 
ATOM   200  C  C   . LEU A 1 26  ? 6.530   6.458   -3.866  1.00 22.42 ? 26  LEU A C   1 
ATOM   201  O  O   . LEU A 1 26  ? 6.621   7.667   -3.634  1.00 26.43 ? 26  LEU A O   1 
ATOM   202  C  CB  . LEU A 1 26  ? 4.232   5.722   -3.279  1.00 24.97 ? 26  LEU A CB  1 
ATOM   203  C  CG  . LEU A 1 26  ? 3.325   4.728   -2.557  1.00 23.01 ? 26  LEU A CG  1 
ATOM   204  C  CD1 . LEU A 1 26  ? 1.863   5.141   -2.700  1.00 25.28 ? 26  LEU A CD1 1 
ATOM   205  C  CD2 . LEU A 1 26  ? 3.539   3.320   -3.079  1.00 22.79 ? 26  LEU A CD2 1 
ATOM   206  N  N   . LEU A 1 27  ? 7.110   5.861   -4.902  1.00 23.40 ? 27  LEU A N   1 
ATOM   207  C  CA  . LEU A 1 27  ? 7.915   6.602   -5.880  1.00 23.32 ? 27  LEU A CA  1 
ATOM   208  C  C   . LEU A 1 27  ? 7.132   6.892   -7.142  1.00 28.23 ? 27  LEU A C   1 
ATOM   209  O  O   . LEU A 1 27  ? 6.118   6.257   -7.415  1.00 29.14 ? 27  LEU A O   1 
ATOM   210  C  CB  . LEU A 1 27  ? 9.151   5.795   -6.270  1.00 22.12 ? 27  LEU A CB  1 
ATOM   211  C  CG  . LEU A 1 27  ? 10.177  5.590   -5.161  1.00 21.79 ? 27  LEU A CG  1 
ATOM   212  C  CD1 . LEU A 1 27  ? 11.226  4.555   -5.580  1.00 26.30 ? 27  LEU A CD1 1 
ATOM   213  C  CD2 . LEU A 1 27  ? 10.833  6.909   -4.805  1.00 23.45 ? 27  LEU A CD2 1 
ATOM   214  N  N   . GLY A 1 28  ? 7.633   7.841   -7.929  1.00 31.35 ? 28  GLY A N   1 
ATOM   215  C  CA  . GLY A 1 28  ? 7.037   8.160   -9.215  1.00 30.74 ? 28  GLY A CA  1 
ATOM   216  C  C   . GLY A 1 28  ? 5.708   8.865   -9.058  1.00 32.29 ? 28  GLY A C   1 
ATOM   217  O  O   . GLY A 1 28  ? 4.904   8.925   -9.992  1.00 32.43 ? 28  GLY A O   1 
ATOM   218  N  N   . LYS A 1 29  ? 5.472   9.401   -7.868  1.00 31.82 ? 29  LYS A N   1 
ATOM   219  C  CA  . LYS A 1 29  ? 4.215   10.060  -7.562  1.00 34.28 ? 29  LYS A CA  1 
ATOM   220  C  C   . LYS A 1 29  ? 4.460   11.540  -7.285  1.00 41.37 ? 29  LYS A C   1 
ATOM   221  O  O   . LYS A 1 29  ? 5.383   11.897  -6.553  1.00 39.94 ? 29  LYS A O   1 
ATOM   222  C  CB  . LYS A 1 29  ? 3.581   9.404   -6.337  1.00 34.75 ? 29  LYS A CB  1 
ATOM   223  C  CG  . LYS A 1 29  ? 2.283   10.036  -5.882  1.00 38.52 ? 29  LYS A CG  1 
ATOM   224  C  CD  . LYS A 1 29  ? 1.674   9.230   -4.747  1.00 38.58 ? 29  LYS A CD  1 
ATOM   225  C  CE  . LYS A 1 29  ? 0.413   9.891   -4.216  1.00 44.54 ? 29  LYS A CE  1 
ATOM   226  N  NZ  . LYS A 1 29  ? -0.245  9.075   -3.154  1.00 48.81 ? 29  LYS A NZ  1 
ATOM   227  N  N   . SER A 1 30  ? 3.641   12.406  -7.875  1.00 39.60 ? 30  SER A N   1 
ATOM   228  C  CA  . SER A 1 30  ? 3.748   13.834  -7.598  1.00 46.49 ? 30  SER A CA  1 
ATOM   229  C  C   . SER A 1 30  ? 3.168   14.172  -6.228  1.00 54.44 ? 30  SER A C   1 
ATOM   230  O  O   . SER A 1 30  ? 2.301   13.458  -5.716  1.00 52.15 ? 30  SER A O   1 
ATOM   231  C  CB  . SER A 1 30  ? 3.048   14.656  -8.682  1.00 43.26 ? 30  SER A CB  1 
ATOM   232  O  OG  . SER A 1 30  ? 3.853   14.749  -9.840  1.00 41.90 ? 30  SER A OG  1 
ATOM   233  N  N   . GLU A 1 31  ? 3.661   15.255  -5.635  1.00 57.78 ? 31  GLU A N   1 
ATOM   234  C  CA  . GLU A 1 31  ? 3.109   15.754  -4.384  1.00 62.65 ? 31  GLU A CA  1 
ATOM   235  C  C   . GLU A 1 31  ? 1.635   16.072  -4.590  1.00 63.10 ? 31  GLU A C   1 
ATOM   236  O  O   . GLU A 1 31  ? 1.256   16.646  -5.611  1.00 64.33 ? 31  GLU A O   1 
ATOM   237  C  CB  . GLU A 1 31  ? 3.850   17.015  -3.932  1.00 63.39 ? 31  GLU A CB  1 
ATOM   238  C  CG  . GLU A 1 31  ? 5.329   16.811  -3.626  1.00 65.43 ? 31  GLU A CG  1 
ATOM   239  C  CD  . GLU A 1 31  ? 5.579   16.304  -2.217  1.00 67.98 ? 31  GLU A CD  1 
ATOM   240  O  OE1 . GLU A 1 31  ? 6.747   16.325  -1.773  1.00 68.11 ? 31  GLU A OE1 1 
ATOM   241  O  OE2 . GLU A 1 31  ? 4.609   15.885  -1.549  1.00 68.30 ? 31  GLU A OE2 1 
ATOM   242  N  N   . SER A 1 32  ? 0.803   15.692  -3.628  1.00 63.03 ? 32  SER A N   1 
ATOM   243  C  CA  . SER A 1 32  ? -0.621  15.988  -3.709  1.00 66.23 ? 32  SER A CA  1 
ATOM   244  C  C   . SER A 1 32  ? -1.255  15.975  -2.326  1.00 68.69 ? 32  SER A C   1 
ATOM   245  O  O   . SER A 1 32  ? -0.612  15.612  -1.339  1.00 65.23 ? 32  SER A O   1 
ATOM   246  C  CB  . SER A 1 32  ? -1.336  14.990  -4.626  1.00 67.25 ? 32  SER A CB  1 
ATOM   247  O  OG  . SER A 1 32  ? -1.385  13.698  -4.045  1.00 65.28 ? 32  SER A OG  1 
ATOM   248  N  N   . ASP A 1 33  ? -2.518  16.382  -2.262  1.00 69.67 ? 33  ASP A N   1 
ATOM   249  C  CA  . ASP A 1 33  ? -3.270  16.354  -1.018  1.00 71.19 ? 33  ASP A CA  1 
ATOM   250  C  C   . ASP A 1 33  ? -3.666  14.916  -0.692  1.00 70.34 ? 33  ASP A C   1 
ATOM   251  O  O   . ASP A 1 33  ? -4.198  14.200  -1.544  1.00 69.25 ? 33  ASP A O   1 
ATOM   252  C  CB  . ASP A 1 33  ? -4.519  17.234  -1.131  1.00 75.58 ? 33  ASP A CB  1 
ATOM   253  C  CG  . ASP A 1 33  ? -4.189  18.686  -1.439  1.00 78.29 ? 33  ASP A CG  1 
ATOM   254  O  OD1 . ASP A 1 33  ? -3.106  18.951  -2.006  1.00 78.03 ? 33  ASP A OD1 1 
ATOM   255  O  OD2 . ASP A 1 33  ? -5.019  19.565  -1.120  1.00 79.50 ? 33  ASP A OD2 1 
ATOM   256  N  N   . VAL A 1 34  ? -3.395  14.493  0.540   1.00 68.37 ? 34  VAL A N   1 
ATOM   257  C  CA  . VAL A 1 34  ? -3.744  13.145  0.980   1.00 64.02 ? 34  VAL A CA  1 
ATOM   258  C  C   . VAL A 1 34  ? -5.256  12.992  1.135   1.00 60.76 ? 34  VAL A C   1 
ATOM   259  O  O   . VAL A 1 34  ? -5.837  13.416  2.136   1.00 64.04 ? 34  VAL A O   1 
ATOM   260  C  CB  . VAL A 1 34  ? -3.037  12.777  2.302   1.00 65.11 ? 34  VAL A CB  1 
ATOM   261  C  CG1 . VAL A 1 34  ? -1.564  12.473  2.050   1.00 60.12 ? 34  VAL A CG1 1 
ATOM   262  C  CG2 . VAL A 1 34  ? -3.196  13.896  3.328   1.00 66.13 ? 34  VAL A CG2 1 
ATOM   263  N  N   . LYS A 1 35  ? -5.889  12.383  0.137   1.00 52.39 ? 35  LYS A N   1 
ATOM   264  C  CA  . LYS A 1 35  ? -7.340  12.266  0.111   1.00 51.11 ? 35  LYS A CA  1 
ATOM   265  C  C   . LYS A 1 35  ? -7.813  11.024  0.862   1.00 44.82 ? 35  LYS A C   1 
ATOM   266  O  O   . LYS A 1 35  ? -8.819  11.065  1.573   1.00 47.63 ? 35  LYS A O   1 
ATOM   267  C  CB  . LYS A 1 35  ? -7.841  12.241  -1.340  1.00 53.02 ? 35  LYS A CB  1 
ATOM   268  C  CG  . LYS A 1 35  ? -9.356  12.318  -1.492  1.00 54.50 ? 35  LYS A CG  1 
ATOM   269  C  CD  . LYS A 1 35  ? -9.758  12.457  -2.961  1.00 57.24 ? 35  LYS A CD  1 
ATOM   270  C  CE  . LYS A 1 35  ? -9.446  11.198  -3.765  1.00 53.48 ? 35  LYS A CE  1 
ATOM   271  N  NZ  . LYS A 1 35  ? -10.425 10.097  -3.508  1.00 52.47 ? 35  LYS A NZ  1 
ATOM   272  N  N   . LEU A 1 36  ? -7.078  9.926   0.707   1.00 39.87 ? 36  LEU A N   1 
ATOM   273  C  CA  . LEU A 1 36  ? -7.480  8.640   1.273   1.00 30.38 ? 36  LEU A CA  1 
ATOM   274  C  C   . LEU A 1 36  ? -6.398  8.044   2.157   1.00 30.20 ? 36  LEU A C   1 
ATOM   275  O  O   . LEU A 1 36  ? -5.211  8.295   1.959   1.00 28.81 ? 36  LEU A O   1 
ATOM   276  C  CB  . LEU A 1 36  ? -7.785  7.651   0.150   1.00 26.05 ? 36  LEU A CB  1 
ATOM   277  C  CG  . LEU A 1 36  ? -8.917  8.028   -0.806  1.00 31.47 ? 36  LEU A CG  1 
ATOM   278  C  CD1 . LEU A 1 36  ? -9.058  6.978   -1.900  1.00 29.39 ? 36  LEU A CD1 1 
ATOM   279  C  CD2 . LEU A 1 36  ? -10.212 8.187   -0.034  1.00 31.57 ? 36  LEU A CD2 1 
ATOM   280  N  N   . THR A 1 37  ? -6.805  7.236   3.131   1.00 26.15 ? 37  THR A N   1 
ATOM   281  C  CA  . THR A 1 37  ? -5.847  6.487   3.928   1.00 25.42 ? 37  THR A CA  1 
ATOM   282  C  C   . THR A 1 37  ? -5.334  5.345   3.073   1.00 24.32 ? 37  THR A C   1 
ATOM   283  O  O   . THR A 1 37  ? -5.928  5.023   2.048   1.00 23.44 ? 37  THR A O   1 
ATOM   284  C  CB  . THR A 1 37  ? -6.494  5.885   5.177   1.00 27.41 ? 37  THR A CB  1 
ATOM   285  O  OG1 . THR A 1 37  ? -7.461  4.903   4.779   1.00 23.55 ? 37  THR A OG1 1 
ATOM   286  C  CG2 . THR A 1 37  ? -7.180  6.964   5.997   1.00 28.97 ? 37  THR A CG2 1 
ATOM   287  N  N   . SER A 1 38  ? -4.232  4.734   3.492   1.00 24.32 ? 38  SER A N   1 
ATOM   288  C  CA  . SER A 1 38  ? -3.682  3.618   2.743   1.00 24.15 ? 38  SER A CA  1 
ATOM   289  C  C   . SER A 1 38  ? -4.658  2.445   2.704   1.00 21.77 ? 38  SER A C   1 
ATOM   290  O  O   . SER A 1 38  ? -4.820  1.810   1.664   1.00 22.66 ? 38  SER A O   1 
ATOM   291  C  CB  . SER A 1 38  ? -2.316  3.202   3.300   1.00 30.84 ? 38  SER A CB  1 
ATOM   292  O  OG  . SER A 1 38  ? -2.421  2.771   4.637   1.00 34.75 ? 38  SER A OG  1 
ATOM   293  N  N   . THR A 1 39  ? -5.329  2.167   3.824   1.00 23.22 ? 39  THR A N   1 
ATOM   294  C  CA  . THR A 1 39  ? -6.295  1.076   3.837   1.00 21.04 ? 39  THR A CA  1 
ATOM   295  C  C   . THR A 1 39  ? -7.401  1.343   2.809   1.00 18.84 ? 39  THR A C   1 
ATOM   296  O  O   . THR A 1 39  ? -7.799  0.451   2.065   1.00 19.62 ? 39  THR A O   1 
ATOM   297  C  CB  . THR A 1 39  ? -6.909  0.859   5.233   1.00 24.08 ? 39  THR A CB  1 
ATOM   298  O  OG1 . THR A 1 39  ? -5.887  0.408   6.131   1.00 25.89 ? 39  THR A OG1 1 
ATOM   299  C  CG2 . THR A 1 39  ? -8.010  -0.183  5.182   1.00 23.23 ? 39  THR A CG2 1 
ATOM   300  N  N   . GLN A 1 40  ? -7.886  2.578   2.769   1.00 21.13 ? 40  GLN A N   1 
ATOM   301  C  CA  . GLN A 1 40  ? -8.915  2.928   1.802   1.00 20.22 ? 40  GLN A CA  1 
ATOM   302  C  C   . GLN A 1 40  ? -8.426  2.720   0.367   1.00 19.99 ? 40  GLN A C   1 
ATOM   303  O  O   . GLN A 1 40  ? -9.141  2.146   -0.455  1.00 18.87 ? 40  GLN A O   1 
ATOM   304  C  CB  . GLN A 1 40  ? -9.386  4.370   2.033   1.00 21.79 ? 40  GLN A CB  1 
ATOM   305  C  CG  . GLN A 1 40  ? -10.134 4.500   3.353   1.00 21.90 ? 40  GLN A CG  1 
ATOM   306  C  CD  . GLN A 1 40  ? -10.168 5.912   3.902   1.00 27.17 ? 40  GLN A CD  1 
ATOM   307  O  OE1 . GLN A 1 40  ? -9.865  6.877   3.201   1.00 26.59 ? 40  GLN A OE1 1 
ATOM   308  N  NE2 . GLN A 1 40  ? -10.542 6.034   5.174   1.00 27.07 ? 40  GLN A NE2 1 
ATOM   309  N  N   . GLU A 1 41  ? -7.199  3.161   0.082   1.00 20.36 ? 41  GLU A N   1 
ATOM   310  C  CA  . GLU A 1 41  ? -6.634  3.003   -1.253  1.00 20.79 ? 41  GLU A CA  1 
ATOM   311  C  C   . GLU A 1 41  ? -6.516  1.527   -1.599  1.00 19.78 ? 41  GLU A C   1 
ATOM   312  O  O   . GLU A 1 41  ? -6.752  1.119   -2.734  1.00 19.79 ? 41  GLU A O   1 
ATOM   313  C  CB  . GLU A 1 41  ? -5.242  3.647   -1.341  1.00 23.24 ? 41  GLU A CB  1 
ATOM   314  C  CG  . GLU A 1 41  ? -5.207  5.149   -1.115  1.00 25.27 ? 41  GLU A CG  1 
ATOM   315  C  CD  . GLU A 1 41  ? -5.327  5.948   -2.398  1.00 28.26 ? 41  GLU A CD  1 
ATOM   316  O  OE1 . GLU A 1 41  ? -5.779  5.395   -3.419  1.00 28.27 ? 41  GLU A OE1 1 
ATOM   317  O  OE2 . GLU A 1 41  ? -4.967  7.146   -2.379  1.00 31.06 ? 41  GLU A OE2 1 
ATOM   318  N  N   . HIS A 1 42  ? -6.142  0.719   -0.613  1.00 18.32 ? 42  HIS A N   1 
ATOM   319  C  CA  . HIS A 1 42  ? -5.925  -0.695  -0.873  1.00 17.04 ? 42  HIS A CA  1 
ATOM   320  C  C   . HIS A 1 42  ? -7.218  -1.472  -1.063  1.00 18.48 ? 42  HIS A C   1 
ATOM   321  O  O   . HIS A 1 42  ? -7.252  -2.426  -1.828  1.00 18.86 ? 42  HIS A O   1 
ATOM   322  C  CB  . HIS A 1 42  ? -5.027  -1.303  0.196   1.00 17.82 ? 42  HIS A CB  1 
ATOM   323  C  CG  . HIS A 1 42  ? -3.682  -0.662  0.241   1.00 21.93 ? 42  HIS A CG  1 
ATOM   324  N  ND1 . HIS A 1 42  ? -2.795  -0.861  1.276   1.00 22.49 ? 42  HIS A ND1 1 
ATOM   325  C  CD2 . HIS A 1 42  ? -3.077  0.198   -0.613  1.00 22.54 ? 42  HIS A CD2 1 
ATOM   326  C  CE1 . HIS A 1 42  ? -1.698  -0.161  1.056   1.00 25.46 ? 42  HIS A CE1 1 
ATOM   327  N  NE2 . HIS A 1 42  ? -1.846  0.496   -0.083  1.00 21.25 ? 42  HIS A NE2 1 
ATOM   328  N  N   . ILE A 1 43  ? -8.286  -1.039  -0.399  1.00 18.78 ? 43  ILE A N   1 
ATOM   329  C  CA  . ILE A 1 43  ? -9.586  -1.624  -0.679  1.00 20.40 ? 43  ILE A CA  1 
ATOM   330  C  C   . ILE A 1 43  ? -9.968  -1.358  -2.131  1.00 18.33 ? 43  ILE A C   1 
ATOM   331  O  O   . ILE A 1 43  ? -10.430 -2.257  -2.832  1.00 18.94 ? 43  ILE A O   1 
ATOM   332  C  CB  . ILE A 1 43  ? -10.658 -1.095  0.282   1.00 17.74 ? 43  ILE A CB  1 
ATOM   333  C  CG1 . ILE A 1 43  ? -10.400 -1.672  1.686   1.00 20.45 ? 43  ILE A CG1 1 
ATOM   334  C  CG2 . ILE A 1 43  ? -12.067 -1.471  -0.219  1.00 19.40 ? 43  ILE A CG2 1 
ATOM   335  C  CD1 . ILE A 1 43  ? -11.411 -1.242  2.716   1.00 23.00 ? 43  ILE A CD1 1 
ATOM   336  N  N   . LEU A 1 44  ? -9.737  -0.137  -2.598  1.00 20.13 ? 44  LEU A N   1 
ATOM   337  C  CA  . LEU A 1 44  ? -10.080 0.187   -3.978  1.00 20.65 ? 44  LEU A CA  1 
ATOM   338  C  C   . LEU A 1 44  ? -9.289  -0.669  -4.965  1.00 18.86 ? 44  LEU A C   1 
ATOM   339  O  O   . LEU A 1 44  ? -9.847  -1.171  -5.936  1.00 19.84 ? 44  LEU A O   1 
ATOM   340  C  CB  . LEU A 1 44  ? -9.885  1.671   -4.267  1.00 21.24 ? 44  LEU A CB  1 
ATOM   341  C  CG  . LEU A 1 44  ? -10.766 2.640   -3.487  1.00 18.53 ? 44  LEU A CG  1 
ATOM   342  C  CD1 . LEU A 1 44  ? -10.466 4.041   -3.976  1.00 20.69 ? 44  LEU A CD1 1 
ATOM   343  C  CD2 . LEU A 1 44  ? -12.246 2.329   -3.669  1.00 19.62 ? 44  LEU A CD2 1 
ATOM   344  N  N   . MET A 1 45  ? -7.999  -0.876  -4.690  1.00 21.15 ? 45  MET A N   1 
ATOM   345  C  CA  . MET A 1 45  ? -7.197  -1.761  -5.532  1.00 20.96 ? 45  MET A CA  1 
ATOM   346  C  C   . MET A 1 45  ? -7.729  -3.178  -5.548  1.00 18.93 ? 45  MET A C   1 
ATOM   347  O  O   . MET A 1 45  ? -7.737  -3.834  -6.583  1.00 22.57 ? 45  MET A O   1 
ATOM   348  C  CB  . MET A 1 45  ? -5.728  -1.779  -5.087  1.00 19.55 ? 45  MET A CB  1 
ATOM   349  C  CG  . MET A 1 45  ? -4.955  -0.553  -5.504  1.00 20.82 ? 45  MET A CG  1 
ATOM   350  S  SD  . MET A 1 45  ? -3.216  -0.601  -5.001  1.00 23.27 ? 45  MET A SD  1 
ATOM   351  C  CE  . MET A 1 45  ? -2.663  -2.116  -5.761  1.00 25.17 ? 45  MET A CE  1 
ATOM   352  N  N   . LEU A 1 46  ? -8.156  -3.665  -4.387  1.00 18.23 ? 46  LEU A N   1 
ATOM   353  C  CA  . LEU A 1 46  ? -8.690  -5.007  -4.301  1.00 18.87 ? 46  LEU A CA  1 
ATOM   354  C  C   . LEU A 1 46  ? -9.986  -5.124  -5.122  1.00 20.58 ? 46  LEU A C   1 
ATOM   355  O  O   . LEU A 1 46  ? -10.174 -6.082  -5.871  1.00 22.68 ? 46  LEU A O   1 
ATOM   356  C  CB  . LEU A 1 46  ? -8.915  -5.388  -2.833  1.00 19.56 ? 46  LEU A CB  1 
ATOM   357  C  CG  . LEU A 1 46  ? -9.502  -6.769  -2.589  1.00 23.46 ? 46  LEU A CG  1 
ATOM   358  C  CD1 . LEU A 1 46  ? -8.650  -7.850  -3.239  1.00 31.53 ? 46  LEU A CD1 1 
ATOM   359  C  CD2 . LEU A 1 46  ? -9.657  -7.028  -1.087  1.00 24.82 ? 46  LEU A CD2 1 
ATOM   360  N  N   . LEU A 1 47  ? -10.861 -4.131  -4.996  1.00 19.93 ? 47  LEU A N   1 
ATOM   361  C  CA  . LEU A 1 47  ? -12.155 -4.175  -5.676  1.00 20.20 ? 47  LEU A CA  1 
ATOM   362  C  C   . LEU A 1 47  ? -12.018 -4.027  -7.191  1.00 23.97 ? 47  LEU A C   1 
ATOM   363  O  O   . LEU A 1 47  ? -12.869 -4.510  -7.940  1.00 25.14 ? 47  LEU A O   1 
ATOM   364  C  CB  . LEU A 1 47  ? -13.107 -3.120  -5.108  1.00 20.27 ? 47  LEU A CB  1 
ATOM   365  C  CG  . LEU A 1 47  ? -13.448 -3.322  -3.631  1.00 22.26 ? 47  LEU A CG  1 
ATOM   366  C  CD1 . LEU A 1 47  ? -14.468 -2.265  -3.216  1.00 23.52 ? 47  LEU A CD1 1 
ATOM   367  C  CD2 . LEU A 1 47  ? -13.985 -4.726  -3.374  1.00 22.44 ? 47  LEU A CD2 1 
ATOM   368  N  N   . ALA A 1 48  ? -10.951 -3.368  -7.635  1.00 25.65 ? 48  ALA A N   1 
ATOM   369  C  CA  . ALA A 1 48  ? -10.668 -3.253  -9.067  1.00 27.57 ? 48  ALA A CA  1 
ATOM   370  C  C   . ALA A 1 48  ? -10.403 -4.636  -9.654  1.00 27.84 ? 48  ALA A C   1 
ATOM   371  O  O   . ALA A 1 48  ? -10.660 -4.895  -10.830 1.00 32.71 ? 48  ALA A O   1 
ATOM   372  C  CB  . ALA A 1 48  ? -9.468  -2.338  -9.300  1.00 27.36 ? 48  ALA A CB  1 
ATOM   373  N  N   . GLU A 1 49  ? -9.887  -5.518  -8.811  1.00 25.01 ? 49  GLU A N   1 
ATOM   374  C  CA  . GLU A 1 49  ? -9.525  -6.872  -9.193  1.00 28.28 ? 49  GLU A CA  1 
ATOM   375  C  C   . GLU A 1 49  ? -10.706 -7.829  -9.045  1.00 33.01 ? 49  GLU A C   1 
ATOM   376  O  O   . GLU A 1 49  ? -10.925 -8.694  -9.893  1.00 33.27 ? 49  GLU A O   1 
ATOM   377  C  CB  . GLU A 1 49  ? -8.351  -7.324  -8.321  1.00 33.72 ? 49  GLU A CB  1 
ATOM   378  C  CG  . GLU A 1 49  ? -7.878  -8.737  -8.534  1.00 40.43 ? 49  GLU A CG  1 
ATOM   379  C  CD  . GLU A 1 49  ? -6.735  -9.081  -7.595  1.00 46.53 ? 49  GLU A CD  1 
ATOM   380  O  OE1 . GLU A 1 49  ? -7.009  -9.488  -6.444  1.00 45.50 ? 49  GLU A OE1 1 
ATOM   381  O  OE2 . GLU A 1 49  ? -5.565  -8.921  -7.998  1.00 49.60 ? 49  GLU A OE2 1 
ATOM   382  N  N   . GLN A 1 50  ? -11.478 -7.657  -7.975  1.00 29.04 ? 50  GLN A N   1 
ATOM   383  C  CA  . GLN A 1 50  ? -12.565 -8.577  -7.647  1.00 28.85 ? 50  GLN A CA  1 
ATOM   384  C  C   . GLN A 1 50  ? -13.603 -7.927  -6.738  1.00 27.95 ? 50  GLN A C   1 
ATOM   385  O  O   . GLN A 1 50  ? -13.256 -7.380  -5.698  1.00 26.74 ? 50  GLN A O   1 
ATOM   386  C  CB  . GLN A 1 50  ? -12.014 -9.808  -6.926  1.00 34.35 ? 50  GLN A CB  1 
ATOM   387  C  CG  . GLN A 1 50  ? -11.475 -10.902 -7.831  1.00 45.16 ? 50  GLN A CG  1 
ATOM   388  C  CD  . GLN A 1 50  ? -12.574 -11.747 -8.446  1.00 49.18 ? 50  GLN A CD  1 
ATOM   389  O  OE1 . GLN A 1 50  ? -13.023 -11.488 -9.566  1.00 51.50 ? 50  GLN A OE1 1 
ATOM   390  N  NE2 . GLN A 1 50  ? -13.012 -12.772 -7.716  1.00 51.55 ? 50  GLN A NE2 1 
ATOM   391  N  N   . ILE A 1 51  ? -14.873 -8.012  -7.120  1.00 27.16 ? 51  ILE A N   1 
ATOM   392  C  CA  . ILE A 1 51  ? -15.959 -7.657  -6.206  1.00 24.83 ? 51  ILE A CA  1 
ATOM   393  C  C   . ILE A 1 51  ? -15.837 -8.536  -4.961  1.00 25.80 ? 51  ILE A C   1 
ATOM   394  O  O   . ILE A 1 51  ? -15.640 -9.748  -5.071  1.00 26.78 ? 51  ILE A O   1 
ATOM   395  C  CB  . ILE A 1 51  ? -17.337 -7.870  -6.868  1.00 26.98 ? 51  ILE A CB  1 
ATOM   396  C  CG1 . ILE A 1 51  ? -17.557 -6.832  -7.971  1.00 29.50 ? 51  ILE A CG1 1 
ATOM   397  C  CG2 . ILE A 1 51  ? -18.445 -7.807  -5.833  1.00 29.64 ? 51  ILE A CG2 1 
ATOM   398  C  CD1 . ILE A 1 51  ? -18.823 -7.058  -8.781  1.00 34.54 ? 51  ILE A CD1 1 
ATOM   399  N  N   . SER A 1 52  ? -15.945 -7.938  -3.774  1.00 22.06 ? 52  SER A N   1 
ATOM   400  C  CA  . SER A 1 52  ? -15.571 -8.646  -2.559  1.00 21.87 ? 52  SER A CA  1 
ATOM   401  C  C   . SER A 1 52  ? -16.485 -8.370  -1.374  1.00 21.38 ? 52  SER A C   1 
ATOM   402  O  O   . SER A 1 52  ? -17.025 -7.273  -1.237  1.00 22.67 ? 52  SER A O   1 
ATOM   403  C  CB  . SER A 1 52  ? -14.144 -8.260  -2.141  1.00 25.53 ? 52  SER A CB  1 
ATOM   404  O  OG  . SER A 1 52  ? -13.208 -8.441  -3.190  1.00 26.21 ? 52  SER A OG  1 
ATOM   405  N  N   . THR A 1 53  ? -16.620 -9.363  -0.502  1.00 21.50 ? 53  THR A N   1 
ATOM   406  C  CA  . THR A 1 53  ? -17.301 -9.190  0.778   1.00 20.43 ? 53  THR A CA  1 
ATOM   407  C  C   . THR A 1 53  ? -16.415 -8.507  1.826   1.00 19.55 ? 53  THR A C   1 
ATOM   408  O  O   . THR A 1 53  ? -15.194 -8.404  1.656   1.00 19.26 ? 53  THR A O   1 
ATOM   409  C  CB  . THR A 1 53  ? -17.719 -10.553 1.361   1.00 24.93 ? 53  THR A CB  1 
ATOM   410  O  OG1 . THR A 1 53  ? -16.539 -11.319 1.643   1.00 22.61 ? 53  THR A OG1 1 
ATOM   411  C  CG2 . THR A 1 53  ? -18.593 -11.317 0.374   1.00 24.93 ? 53  THR A CG2 1 
ATOM   412  N  N   . ASN A 1 54  ? -17.027 -8.061  2.921   1.00 22.24 ? 54  ASN A N   1 
ATOM   413  C  CA  . ASN A 1 54  ? -16.254 -7.536  4.044   1.00 19.86 ? 54  ASN A CA  1 
ATOM   414  C  C   . ASN A 1 54  ? -15.226 -8.563  4.501   1.00 19.71 ? 54  ASN A C   1 
ATOM   415  O  O   . ASN A 1 54  ? -14.080 -8.218  4.798   1.00 20.83 ? 54  ASN A O   1 
ATOM   416  C  CB  . ASN A 1 54  ? -17.155 -7.190  5.232   1.00 20.73 ? 54  ASN A CB  1 
ATOM   417  C  CG  . ASN A 1 54  ? -17.989 -5.957  4.995   1.00 21.13 ? 54  ASN A CG  1 
ATOM   418  O  OD1 . ASN A 1 54  ? -18.660 -5.837  3.975   1.00 24.12 ? 54  ASN A OD1 1 
ATOM   419  N  ND2 . ASN A 1 54  ? -17.957 -5.030  5.945   1.00 20.89 ? 54  ASN A ND2 1 
ATOM   420  N  N   . ALA A 1 55  ? -15.649 -9.824  4.572   1.00 20.54 ? 55  ALA A N   1 
ATOM   421  C  CA  . ALA A 1 55  ? -14.766 -10.898 5.035   1.00 24.83 ? 55  ALA A CA  1 
ATOM   422  C  C   . ALA A 1 55  ? -13.564 -11.074 4.123   1.00 21.80 ? 55  ALA A C   1 
ATOM   423  O  O   . ALA A 1 55  ? -12.437 -11.208 4.595   1.00 22.53 ? 55  ALA A O   1 
ATOM   424  C  CB  . ALA A 1 55  ? -15.532 -12.212 5.156   1.00 25.99 ? 55  ALA A CB  1 
ATOM   425  N  N   . LYS A 1 56  ? -13.809 -11.051 2.816   1.00 23.34 ? 56  LYS A N   1 
ATOM   426  C  CA  . LYS A 1 56  ? -12.749 -11.210 1.834   1.00 23.30 ? 56  LYS A CA  1 
ATOM   427  C  C   . LYS A 1 56  ? -11.752 -10.053 1.909   1.00 21.73 ? 56  LYS A C   1 
ATOM   428  O  O   . LYS A 1 56  ? -10.538 -10.250 1.789   1.00 21.52 ? 56  LYS A O   1 
ATOM   429  C  CB  . LYS A 1 56  ? -13.349 -11.322 0.430   1.00 24.64 ? 56  LYS A CB  1 
ATOM   430  C  CG  . LYS A 1 56  ? -12.335 -11.365 -0.696  1.00 30.33 ? 56  LYS A CG  1 
ATOM   431  C  CD  . LYS A 1 56  ? -11.444 -12.594 -0.603  1.00 33.41 ? 56  LYS A CD  1 
ATOM   432  C  CE  . LYS A 1 56  ? -12.252 -13.878 -0.623  1.00 37.03 ? 56  LYS A CE  1 
ATOM   433  N  NZ  . LYS A 1 56  ? -11.363 -15.071 -0.742  1.00 42.20 ? 56  LYS A NZ  1 
ATOM   434  N  N   . ILE A 1 57  ? -12.263 -8.845  2.126   1.00 19.61 ? 57  ILE A N   1 
ATOM   435  C  CA  . ILE A 1 57  ? -11.387 -7.690  2.261   1.00 19.45 ? 57  ILE A CA  1 
ATOM   436  C  C   . ILE A 1 57  ? -10.461 -7.830  3.473   1.00 19.74 ? 57  ILE A C   1 
ATOM   437  O  O   . ILE A 1 57  ? -9.258  -7.570  3.383   1.00 19.35 ? 57  ILE A O   1 
ATOM   438  C  CB  . ILE A 1 57  ? -12.182 -6.376  2.344   1.00 21.86 ? 57  ILE A CB  1 
ATOM   439  C  CG1 . ILE A 1 57  ? -12.950 -6.141  1.039   1.00 20.65 ? 57  ILE A CG1 1 
ATOM   440  C  CG2 . ILE A 1 57  ? -11.241 -5.213  2.606   1.00 19.49 ? 57  ILE A CG2 1 
ATOM   441  C  CD1 . ILE A 1 57  ? -13.975 -5.000  1.130   1.00 20.91 ? 57  ILE A CD1 1 
ATOM   442  N  N   . ALA A 1 58  ? -11.027 -8.233  4.612   1.00 19.79 ? 58  ALA A N   1 
ATOM   443  C  CA  . ALA A 1 58  ? -10.242 -8.424  5.828   1.00 19.98 ? 58  ALA A CA  1 
ATOM   444  C  C   . ALA A 1 58  ? -9.184  -9.498  5.621   1.00 19.54 ? 58  ALA A C   1 
ATOM   445  O  O   . ALA A 1 58  ? -8.049  -9.359  6.077   1.00 20.25 ? 58  ALA A O   1 
ATOM   446  C  CB  . ALA A 1 58  ? -11.152 -8.799  7.013   1.00 18.60 ? 58  ALA A CB  1 
ATOM   447  N  N   . GLU A 1 59  ? -9.571  -10.563 4.931   1.00 19.88 ? 59  GLU A N   1 
ATOM   448  C  CA  . GLU A 1 59  ? -8.664  -11.671 4.666   1.00 20.55 ? 59  GLU A CA  1 
ATOM   449  C  C   . GLU A 1 59  ? -7.495  -11.201 3.801   1.00 24.14 ? 59  GLU A C   1 
ATOM   450  O  O   . GLU A 1 59  ? -6.326  -11.453 4.115   1.00 24.86 ? 59  GLU A O   1 
ATOM   451  C  CB  . GLU A 1 59  ? -9.423  -12.794 3.956   1.00 22.91 ? 59  GLU A CB  1 
ATOM   452  C  CG  . GLU A 1 59  ? -8.561  -13.975 3.532   1.00 28.89 ? 59  GLU A CG  1 
ATOM   453  C  CD  . GLU A 1 59  ? -9.273  -14.872 2.536   1.00 36.15 ? 59  GLU A CD  1 
ATOM   454  O  OE1 . GLU A 1 59  ? -9.590  -14.390 1.429   1.00 39.77 ? 59  GLU A OE1 1 
ATOM   455  O  OE2 . GLU A 1 59  ? -9.526  -16.052 2.856   1.00 41.81 ? 59  GLU A OE2 1 
ATOM   456  N  N   . LYS A 1 60  ? -7.817  -10.525 2.705   1.00 22.02 ? 60  LYS A N   1 
ATOM   457  C  CA  . LYS A 1 60  ? -6.815  -10.153 1.707   1.00 22.88 ? 60  LYS A CA  1 
ATOM   458  C  C   . LYS A 1 60  ? -5.847  -9.099  2.216   1.00 23.76 ? 60  LYS A C   1 
ATOM   459  O  O   . LYS A 1 60  ? -4.648  -9.152  1.932   1.00 26.25 ? 60  LYS A O   1 
ATOM   460  C  CB  . LYS A 1 60  ? -7.500  -9.627  0.442   1.00 24.83 ? 60  LYS A CB  1 
ATOM   461  C  CG  . LYS A 1 60  ? -8.116  -10.699 -0.439  1.00 32.13 ? 60  LYS A CG  1 
ATOM   462  C  CD  . LYS A 1 60  ? -7.067  -11.315 -1.353  1.00 39.09 ? 60  LYS A CD  1 
ATOM   463  C  CE  . LYS A 1 60  ? -7.710  -11.971 -2.569  1.00 45.79 ? 60  LYS A CE  1 
ATOM   464  N  NZ  . LYS A 1 60  ? -6.687  -12.569 -3.480  1.00 52.00 ? 60  LYS A NZ  1 
ATOM   465  N  N   . LEU A 1 61  ? -6.366  -8.122  2.951   1.00 19.94 ? 61  LEU A N   1 
ATOM   466  C  CA  . LEU A 1 61  ? -5.541  -7.016  3.410   1.00 21.53 ? 61  LEU A CA  1 
ATOM   467  C  C   . LEU A 1 61  ? -4.926  -7.298  4.777   1.00 22.22 ? 61  LEU A C   1 
ATOM   468  O  O   . LEU A 1 61  ? -4.137  -6.498  5.284   1.00 23.04 ? 61  LEU A O   1 
ATOM   469  C  CB  . LEU A 1 61  ? -6.344  -5.709  3.449   1.00 22.36 ? 61  LEU A CB  1 
ATOM   470  C  CG  . LEU A 1 61  ? -6.913  -5.226  2.113   1.00 24.00 ? 61  LEU A CG  1 
ATOM   471  C  CD1 . LEU A 1 61  ? -7.556  -3.862  2.300   1.00 23.64 ? 61  LEU A CD1 1 
ATOM   472  C  CD2 . LEU A 1 61  ? -5.838  -5.170  1.036   1.00 27.72 ? 61  LEU A CD2 1 
ATOM   473  N  N   . LYS A 1 62  ? -5.298  -8.431  5.363   1.00 21.91 ? 62  LYS A N   1 
ATOM   474  C  CA  . LYS A 1 62  ? -4.774  -8.843  6.660   1.00 21.88 ? 62  LYS A CA  1 
ATOM   475  C  C   . LYS A 1 62  ? -5.063  -7.808  7.738   1.00 24.62 ? 62  LYS A C   1 
ATOM   476  O  O   . LYS A 1 62  ? -4.190  -7.456  8.529   1.00 24.64 ? 62  LYS A O   1 
ATOM   477  C  CB  . LYS A 1 62  ? -3.267  -9.129  6.572   1.00 24.18 ? 62  LYS A CB  1 
ATOM   478  C  CG  . LYS A 1 62  ? -2.923  -10.243 5.606   1.00 27.73 ? 62  LYS A CG  1 
ATOM   479  C  CD  . LYS A 1 62  ? -1.451  -10.633 5.726   1.00 33.52 ? 62  LYS A CD  1 
ATOM   480  C  CE  . LYS A 1 62  ? -1.170  -11.960 5.029   1.00 43.43 ? 62  LYS A CE  1 
ATOM   481  N  NZ  . LYS A 1 62  ? -1.250  -11.840 3.553   1.00 47.33 ? 62  LYS A NZ  1 
ATOM   482  N  N   . ILE A 1 63  ? -6.300  -7.325  7.763   1.00 21.27 ? 63  ILE A N   1 
ATOM   483  C  CA  . ILE A 1 63  ? -6.728  -6.357  8.777   1.00 25.01 ? 63  ILE A CA  1 
ATOM   484  C  C   . ILE A 1 63  ? -8.033  -6.823  9.409   1.00 22.00 ? 63  ILE A C   1 
ATOM   485  O  O   . ILE A 1 63  ? -8.647  -7.773  8.938   1.00 22.26 ? 63  ILE A O   1 
ATOM   486  C  CB  . ILE A 1 63  ? -6.912  -4.945  8.197   1.00 25.73 ? 63  ILE A CB  1 
ATOM   487  C  CG1 . ILE A 1 63  ? -7.926  -4.984  7.051   1.00 22.08 ? 63  ILE A CG1 1 
ATOM   488  C  CG2 . ILE A 1 63  ? -5.567  -4.367  7.742   1.00 23.77 ? 63  ILE A CG2 1 
ATOM   489  C  CD1 . ILE A 1 63  ? -8.148  -3.633  6.371   1.00 23.30 ? 63  ILE A CD1 1 
ATOM   490  N  N   . SER A 1 64  ? -8.447  -6.155  10.481  1.00 22.18 ? 64  SER A N   1 
ATOM   491  C  CA  . SER A 1 64  ? -9.591  -6.616  11.261  1.00 23.07 ? 64  SER A CA  1 
ATOM   492  C  C   . SER A 1 64  ? -10.916 -6.165  10.657  1.00 20.71 ? 64  SER A C   1 
ATOM   493  O  O   . SER A 1 64  ? -10.951 -5.222  9.869   1.00 22.64 ? 64  SER A O   1 
ATOM   494  C  CB  . SER A 1 64  ? -9.498  -6.099  12.698  1.00 24.55 ? 64  SER A CB  1 
ATOM   495  O  OG  . SER A 1 64  ? -9.848  -4.729  12.751  1.00 33.09 ? 64  SER A OG  1 
ATOM   496  N  N   . PRO A 1 65  ? -12.017 -6.836  11.025  1.00 20.83 ? 65  PRO A N   1 
ATOM   497  C  CA  . PRO A 1 65  ? -13.327 -6.392  10.540  1.00 18.85 ? 65  PRO A CA  1 
ATOM   498  C  C   . PRO A 1 65  ? -13.610 -4.933  10.920  1.00 20.20 ? 65  PRO A C   1 
ATOM   499  O  O   . PRO A 1 65  ? -14.204 -4.211  10.126  1.00 20.91 ? 65  PRO A O   1 
ATOM   500  C  CB  . PRO A 1 65  ? -14.296 -7.351  11.237  1.00 22.35 ? 65  PRO A CB  1 
ATOM   501  C  CG  . PRO A 1 65  ? -13.476 -8.617  11.395  1.00 24.91 ? 65  PRO A CG  1 
ATOM   502  C  CD  . PRO A 1 65  ? -12.101 -8.128  11.736  1.00 21.43 ? 65  PRO A CD  1 
ATOM   503  N  N   . ALA A 1 66  ? -13.177 -4.493  12.098  1.00 20.54 ? 66  ALA A N   1 
ATOM   504  C  CA  . ALA A 1 66  ? -13.387 -3.090  12.472  1.00 20.20 ? 66  ALA A CA  1 
ATOM   505  C  C   . ALA A 1 66  ? -12.684 -2.139  11.504  1.00 21.88 ? 66  ALA A C   1 
ATOM   506  O  O   . ALA A 1 66  ? -13.229 -1.103  11.123  1.00 22.31 ? 66  ALA A O   1 
ATOM   507  C  CB  . ALA A 1 66  ? -12.918 -2.828  13.906  1.00 22.45 ? 66  ALA A CB  1 
ATOM   508  N  N   . ALA A 1 67  ? -11.454 -2.477  11.130  1.00 20.60 ? 67  ALA A N   1 
ATOM   509  C  CA  . ALA A 1 67  ? -10.696 -1.652  10.204  1.00 20.77 ? 67  ALA A CA  1 
ATOM   510  C  C   . ALA A 1 67  ? -11.394 -1.603  8.852   1.00 22.62 ? 67  ALA A C   1 
ATOM   511  O  O   . ALA A 1 67  ? -11.447 -0.555  8.204   1.00 21.57 ? 67  ALA A O   1 
ATOM   512  C  CB  . ALA A 1 67  ? -9.270  -2.182  10.061  1.00 23.42 ? 67  ALA A CB  1 
ATOM   513  N  N   . VAL A 1 68  ? -11.912 -2.746  8.419   1.00 19.07 ? 68  VAL A N   1 
ATOM   514  C  CA  . VAL A 1 68  ? -12.586 -2.820  7.132   1.00 17.91 ? 68  VAL A CA  1 
ATOM   515  C  C   . VAL A 1 68  ? -13.863 -1.980  7.173   1.00 19.94 ? 68  VAL A C   1 
ATOM   516  O  O   . VAL A 1 68  ? -14.140 -1.192  6.257   1.00 20.60 ? 68  VAL A O   1 
ATOM   517  C  CB  . VAL A 1 68  ? -12.913 -4.272  6.760   1.00 20.33 ? 68  VAL A CB  1 
ATOM   518  C  CG1 . VAL A 1 68  ? -13.831 -4.315  5.549   1.00 20.01 ? 68  VAL A CG1 1 
ATOM   519  C  CG2 . VAL A 1 68  ? -11.634 -5.042  6.486   1.00 20.33 ? 68  VAL A CG2 1 
ATOM   520  N  N   . THR A 1 69  ? -14.630 -2.139  8.241   1.00 19.76 ? 69  THR A N   1 
ATOM   521  C  CA  . THR A 1 69  ? -15.879 -1.391  8.404   1.00 18.11 ? 69  THR A CA  1 
ATOM   522  C  C   . THR A 1 69  ? -15.634 0.118   8.324   1.00 21.05 ? 69  THR A C   1 
ATOM   523  O  O   . THR A 1 69  ? -16.365 0.830   7.640   1.00 24.90 ? 69  THR A O   1 
ATOM   524  C  CB  . THR A 1 69  ? -16.566 -1.760  9.732   1.00 21.52 ? 69  THR A CB  1 
ATOM   525  O  OG1 . THR A 1 69  ? -17.000 -3.126  9.661   1.00 21.53 ? 69  THR A OG1 1 
ATOM   526  C  CG2 . THR A 1 69  ? -17.770 -0.851  9.996   1.00 24.17 ? 69  THR A CG2 1 
ATOM   527  N  N   . LYS A 1 70  ? -14.598 0.592   9.015   1.00 21.44 ? 70  LYS A N   1 
ATOM   528  C  CA  . LYS A 1 70  ? -14.269 2.014   9.029   1.00 23.36 ? 70  LYS A CA  1 
ATOM   529  C  C   . LYS A 1 70  ? -13.920 2.518   7.629   1.00 23.56 ? 70  LYS A C   1 
ATOM   530  O  O   . LYS A 1 70  ? -14.430 3.549   7.179   1.00 24.82 ? 70  LYS A O   1 
ATOM   531  C  CB  . LYS A 1 70  ? -13.114 2.289   10.004  1.00 26.45 ? 70  LYS A CB  1 
ATOM   532  C  CG  . LYS A 1 70  ? -12.574 3.713   9.925   1.00 34.12 ? 70  LYS A CG  1 
ATOM   533  C  CD  . LYS A 1 70  ? -11.510 3.963   10.988  1.00 37.13 ? 70  LYS A CD  1 
ATOM   534  C  CE  . LYS A 1 70  ? -11.053 5.418   10.976  1.00 45.99 ? 70  LYS A CE  1 
ATOM   535  N  NZ  . LYS A 1 70  ? -10.192 5.730   12.155  1.00 49.30 ? 70  LYS A NZ  1 
ATOM   536  N  N   . ALA A 1 71  ? -13.058 1.784   6.933   1.00 22.76 ? 71  ALA A N   1 
ATOM   537  C  CA  . ALA A 1 71  ? -12.624 2.199   5.605   1.00 21.34 ? 71  ALA A CA  1 
ATOM   538  C  C   . ALA A 1 71  ? -13.772 2.169   4.607   1.00 21.86 ? 71  ALA A C   1 
ATOM   539  O  O   . ALA A 1 71  ? -13.890 3.062   3.766   1.00 22.34 ? 71  ALA A O   1 
ATOM   540  C  CB  . ALA A 1 71  ? -11.475 1.326   5.124   1.00 21.82 ? 71  ALA A CB  1 
ATOM   541  N  N   . LEU A 1 72  ? -14.611 1.142   4.685   1.00 21.65 ? 72  LEU A N   1 
ATOM   542  C  CA  . LEU A 1 72  ? -15.723 1.023   3.747   1.00 19.89 ? 72  LEU A CA  1 
ATOM   543  C  C   . LEU A 1 72  ? -16.706 2.166   3.960   1.00 22.46 ? 72  LEU A C   1 
ATOM   544  O  O   . LEU A 1 72  ? -17.266 2.706   3.001   1.00 22.67 ? 72  LEU A O   1 
ATOM   545  C  CB  . LEU A 1 72  ? -16.442 -0.313  3.924   1.00 21.99 ? 72  LEU A CB  1 
ATOM   546  C  CG  . LEU A 1 72  ? -15.714 -1.567  3.432   1.00 20.11 ? 72  LEU A CG  1 
ATOM   547  C  CD1 . LEU A 1 72  ? -16.518 -2.799  3.818   1.00 18.99 ? 72  LEU A CD1 1 
ATOM   548  C  CD2 . LEU A 1 72  ? -15.508 -1.529  1.929   1.00 21.81 ? 72  LEU A CD2 1 
ATOM   549  N  N   . LYS A 1 73  ? -16.927 2.526   5.220   1.00 21.11 ? 73  LYS A N   1 
ATOM   550  C  CA  . LYS A 1 73  ? -17.878 3.586   5.527   1.00 23.74 ? 73  LYS A CA  1 
ATOM   551  C  C   . LYS A 1 73  ? -17.431 4.871   4.846   1.00 25.54 ? 73  LYS A C   1 
ATOM   552  O  O   . LYS A 1 73  ? -18.221 5.553   4.202   1.00 25.29 ? 73  LYS A O   1 
ATOM   553  C  CB  . LYS A 1 73  ? -17.989 3.798   7.035   1.00 27.68 ? 73  LYS A CB  1 
ATOM   554  C  CG  . LYS A 1 73  ? -18.980 4.885   7.434   1.00 33.00 ? 73  LYS A CG  1 
ATOM   555  C  CD  . LYS A 1 73  ? -19.175 4.911   8.945   1.00 38.56 ? 73  LYS A CD  1 
ATOM   556  C  CE  . LYS A 1 73  ? -20.086 6.056   9.369   1.00 46.94 ? 73  LYS A CE  1 
ATOM   557  N  NZ  . LYS A 1 73  ? -19.404 7.374   9.241   1.00 47.94 ? 73  LYS A NZ  1 
ATOM   558  N  N   . LYS A 1 74  ? -16.152 5.196   4.987   1.00 24.06 ? 74  LYS A N   1 
ATOM   559  C  CA  . LYS A 1 74  ? -15.611 6.409   4.383   1.00 25.63 ? 74  LYS A CA  1 
ATOM   560  C  C   . LYS A 1 74  ? -15.634 6.362   2.858   1.00 25.07 ? 74  LYS A C   1 
ATOM   561  O  O   . LYS A 1 74  ? -15.986 7.346   2.209   1.00 25.00 ? 74  LYS A O   1 
ATOM   562  C  CB  . LYS A 1 74  ? -14.189 6.672   4.874   1.00 28.14 ? 74  LYS A CB  1 
ATOM   563  C  CG  . LYS A 1 74  ? -13.595 7.971   4.339   1.00 33.82 ? 74  LYS A CG  1 
ATOM   564  C  CD  . LYS A 1 74  ? -14.397 9.173   4.819   1.00 38.26 ? 74  LYS A CD  1 
ATOM   565  C  CE  . LYS A 1 74  ? -13.689 10.478  4.488   1.00 43.04 ? 74  LYS A CE  1 
ATOM   566  N  NZ  . LYS A 1 74  ? -14.366 11.651  5.106   1.00 47.63 ? 74  LYS A NZ  1 
ATOM   567  N  N   . LEU A 1 75  ? -15.253 5.227   2.276   1.00 21.45 ? 75  LEU A N   1 
ATOM   568  C  CA  . LEU A 1 75  ? -15.272 5.094   0.825   1.00 21.62 ? 75  LEU A CA  1 
ATOM   569  C  C   . LEU A 1 75  ? -16.683 5.229   0.259   1.00 22.64 ? 75  LEU A C   1 
ATOM   570  O  O   . LEU A 1 75  ? -16.889 5.830   -0.802  1.00 22.98 ? 75  LEU A O   1 
ATOM   571  C  CB  . LEU A 1 75  ? -14.672 3.758   0.394   1.00 21.50 ? 75  LEU A CB  1 
ATOM   572  C  CG  . LEU A 1 75  ? -13.162 3.657   0.595   1.00 21.94 ? 75  LEU A CG  1 
ATOM   573  C  CD1 . LEU A 1 75  ? -12.733 2.217   0.367   1.00 20.43 ? 75  LEU A CD1 1 
ATOM   574  C  CD2 . LEU A 1 75  ? -12.440 4.602   -0.364  1.00 23.48 ? 75  LEU A CD2 1 
ATOM   575  N  N   . GLN A 1 76  ? -17.650 4.661   0.965   1.00 22.42 ? 76  GLN A N   1 
ATOM   576  C  CA  . GLN A 1 76  ? -19.034 4.725   0.517   1.00 21.44 ? 76  GLN A CA  1 
ATOM   577  C  C   . GLN A 1 76  ? -19.561 6.157   0.606   1.00 25.04 ? 76  GLN A C   1 
ATOM   578  O  O   . GLN A 1 76  ? -20.259 6.628   -0.296  1.00 25.41 ? 76  GLN A O   1 
ATOM   579  C  CB  . GLN A 1 76  ? -19.888 3.765   1.343   1.00 23.39 ? 76  GLN A CB  1 
ATOM   580  C  CG  . GLN A 1 76  ? -21.353 3.714   0.945   1.00 24.00 ? 76  GLN A CG  1 
ATOM   581  C  CD  . GLN A 1 76  ? -22.110 2.729   1.801   1.00 26.08 ? 76  GLN A CD  1 
ATOM   582  O  OE1 . GLN A 1 76  ? -21.936 2.704   3.021   1.00 26.94 ? 76  GLN A OE1 1 
ATOM   583  N  NE2 . GLN A 1 76  ? -22.936 1.891   1.172   1.00 24.36 ? 76  GLN A NE2 1 
ATOM   584  N  N   . GLU A 1 77  ? -19.211 6.851   1.684   1.00 25.01 ? 77  GLU A N   1 
ATOM   585  C  CA  . GLU A 1 77  ? -19.576 8.263   1.855   1.00 27.59 ? 77  GLU A CA  1 
ATOM   586  C  C   . GLU A 1 77  ? -19.044 9.125   0.714   1.00 29.58 ? 77  GLU A C   1 
ATOM   587  O  O   . GLU A 1 77  ? -19.726 10.044  0.240   1.00 30.55 ? 77  GLU A O   1 
ATOM   588  C  CB  . GLU A 1 77  ? -19.071 8.794   3.198   1.00 29.35 ? 77  GLU A CB  1 
ATOM   589  C  CG  . GLU A 1 77  ? -19.782 8.178   4.392   1.00 33.90 ? 77  GLU A CG  1 
ATOM   590  C  CD  . GLU A 1 77  ? -19.163 8.551   5.731   1.00 38.79 ? 77  GLU A CD  1 
ATOM   591  O  OE1 . GLU A 1 77  ? -17.993 9.000   5.765   1.00 39.24 ? 77  GLU A OE1 1 
ATOM   592  O  OE2 . GLU A 1 77  ? -19.853 8.380   6.758   1.00 42.19 ? 77  GLU A OE2 1 
ATOM   593  N  N   . GLN A 1 78  ? -17.823 8.826   0.275   1.00 27.44 ? 78  GLN A N   1 
ATOM   594  C  CA  . GLN A 1 78  ? -17.204 9.532   -0.843  1.00 28.10 ? 78  GLN A CA  1 
ATOM   595  C  C   . GLN A 1 78  ? -17.670 9.000   -2.200  1.00 26.08 ? 78  GLN A C   1 
ATOM   596  O  O   . GLN A 1 78  ? -17.157 9.405   -3.245  1.00 28.60 ? 78  GLN A O   1 
ATOM   597  C  CB  . GLN A 1 78  ? -15.675 9.443   -0.735  1.00 27.06 ? 78  GLN A CB  1 
ATOM   598  C  CG  . GLN A 1 78  ? -15.109 10.088  0.521   1.00 32.00 ? 78  GLN A CG  1 
ATOM   599  C  CD  . GLN A 1 78  ? -15.354 11.586  0.563   1.00 41.48 ? 78  GLN A CD  1 
ATOM   600  O  OE1 . GLN A 1 78  ? -15.099 12.293  -0.414  1.00 47.25 ? 78  GLN A OE1 1 
ATOM   601  N  NE2 . GLN A 1 78  ? -15.861 12.076  1.690   1.00 44.76 ? 78  GLN A NE2 1 
ATOM   602  N  N   . GLU A 1 79  ? -18.630 8.082   -2.175  1.00 25.41 ? 79  GLU A N   1 
ATOM   603  C  CA  . GLU A 1 79  ? -19.212 7.518   -3.389  1.00 23.71 ? 79  GLU A CA  1 
ATOM   604  C  C   . GLU A 1 79  ? -18.176 6.861   -4.297  1.00 26.77 ? 79  GLU A C   1 
ATOM   605  O  O   . GLU A 1 79  ? -18.265 6.923   -5.527  1.00 26.14 ? 79  GLU A O   1 
ATOM   606  C  CB  . GLU A 1 79  ? -20.042 8.578   -4.128  1.00 28.18 ? 79  GLU A CB  1 
ATOM   607  C  CG  . GLU A 1 79  ? -21.203 9.073   -3.282  1.00 29.86 ? 79  GLU A CG  1 
ATOM   608  C  CD  . GLU A 1 79  ? -21.998 10.181  -3.938  1.00 39.93 ? 79  GLU A CD  1 
ATOM   609  O  OE1 . GLU A 1 79  ? -21.435 10.899  -4.785  1.00 40.46 ? 79  GLU A OE1 1 
ATOM   610  O  OE2 . GLU A 1 79  ? -23.188 10.330  -3.596  1.00 43.97 ? 79  GLU A OE2 1 
ATOM   611  N  N   . LEU A 1 80  ? -17.203 6.215   -3.658  1.00 23.93 ? 80  LEU A N   1 
ATOM   612  C  CA  . LEU A 1 80  ? -16.119 5.527   -4.342  1.00 24.10 ? 80  LEU A CA  1 
ATOM   613  C  C   . LEU A 1 80  ? -16.393 4.030   -4.471  1.00 22.88 ? 80  LEU A C   1 
ATOM   614  O  O   . LEU A 1 80  ? -15.794 3.348   -5.309  1.00 22.47 ? 80  LEU A O   1 
ATOM   615  C  CB  . LEU A 1 80  ? -14.796 5.767   -3.607  1.00 23.67 ? 80  LEU A CB  1 
ATOM   616  C  CG  . LEU A 1 80  ? -14.223 7.177   -3.769  1.00 23.86 ? 80  LEU A CG  1 
ATOM   617  C  CD1 . LEU A 1 80  ? -13.126 7.455   -2.755  1.00 24.08 ? 80  LEU A CD1 1 
ATOM   618  C  CD2 . LEU A 1 80  ? -13.716 7.354   -5.195  1.00 26.92 ? 80  LEU A CD2 1 
ATOM   619  N  N   . ILE A 1 81  ? -17.299 3.519   -3.639  1.00 20.83 ? 81  ILE A N   1 
ATOM   620  C  CA  . ILE A 1 81  ? -17.702 2.118   -3.728  1.00 19.15 ? 81  ILE A CA  1 
ATOM   621  C  C   . ILE A 1 81  ? -19.205 2.043   -3.556  1.00 20.59 ? 81  ILE A C   1 
ATOM   622  O  O   . ILE A 1 81  ? -19.824 3.002   -3.085  1.00 21.40 ? 81  ILE A O   1 
ATOM   623  C  CB  . ILE A 1 81  ? -17.046 1.238   -2.644  1.00 19.82 ? 81  ILE A CB  1 
ATOM   624  C  CG1 . ILE A 1 81  ? -17.458 1.715   -1.246  1.00 20.10 ? 81  ILE A CG1 1 
ATOM   625  C  CG2 . ILE A 1 81  ? -15.519 1.240   -2.804  1.00 21.58 ? 81  ILE A CG2 1 
ATOM   626  C  CD1 . ILE A 1 81  ? -16.832 0.917   -0.106  1.00 20.05 ? 81  ILE A CD1 1 
ATOM   627  N  N   . LYS A 1 82  ? -19.770 0.902   -3.927  1.00 20.37 ? 82  LYS A N   1 
ATOM   628  C  CA  . LYS A 1 82  ? -21.206 0.666   -3.810  1.00 20.20 ? 82  LYS A CA  1 
ATOM   629  C  C   . LYS A 1 82  ? -21.466 -0.787  -3.423  1.00 22.19 ? 82  LYS A C   1 
ATOM   630  O  O   . LYS A 1 82  ? -20.775 -1.709  -3.880  1.00 22.38 ? 82  LYS A O   1 
ATOM   631  C  CB  . LYS A 1 82  ? -21.914 1.015   -5.126  1.00 22.00 ? 82  LYS A CB  1 
ATOM   632  C  CG  . LYS A 1 82  ? -21.379 0.264   -6.348  1.00 26.57 ? 82  LYS A CG  1 
ATOM   633  C  CD  . LYS A 1 82  ? -22.044 0.770   -7.631  1.00 30.67 ? 82  LYS A CD  1 
ATOM   634  C  CE  . LYS A 1 82  ? -21.410 0.146   -8.870  1.00 33.25 ? 82  LYS A CE  1 
ATOM   635  N  NZ  . LYS A 1 82  ? -21.557 -1.333  -8.910  1.00 43.42 ? 82  LYS A NZ  1 
ATOM   636  N  N   . SER A 1 83  ? -22.472 -0.996  -2.580  1.00 19.51 ? 83  SER A N   1 
ATOM   637  C  CA  . SER A 1 83  ? -22.818 -2.334  -2.150  1.00 17.76 ? 83  SER A CA  1 
ATOM   638  C  C   . SER A 1 83  ? -23.885 -2.969  -3.035  1.00 23.27 ? 83  SER A C   1 
ATOM   639  O  O   . SER A 1 83  ? -24.690 -2.281  -3.672  1.00 21.39 ? 83  SER A O   1 
ATOM   640  C  CB  . SER A 1 83  ? -23.310 -2.308  -0.704  1.00 21.73 ? 83  SER A CB  1 
ATOM   641  O  OG  . SER A 1 83  ? -24.498 -1.522  -0.599  1.00 20.62 ? 83  SER A OG  1 
ATOM   642  N  N   . SER A 1 84  ? -23.876 -4.294  -3.047  1.00 22.68 ? 84  SER A N   1 
ATOM   643  C  CA  . SER A 1 84  ? -24.871 -5.079  -3.764  1.00 24.35 ? 84  SER A CA  1 
ATOM   644  C  C   . SER A 1 84  ? -25.073 -6.362  -2.978  1.00 28.40 ? 84  SER A C   1 
ATOM   645  O  O   . SER A 1 84  ? -24.326 -6.656  -2.042  1.00 26.49 ? 84  SER A O   1 
ATOM   646  C  CB  . SER A 1 84  ? -24.420 -5.368  -5.193  1.00 27.78 ? 84  SER A CB  1 
ATOM   647  O  OG  . SER A 1 84  ? -23.204 -6.108  -5.208  1.00 27.28 ? 84  SER A OG  1 
ATOM   648  N  N   . ARG A 1 85  ? -26.100 -7.113  -3.339  1.00 27.43 ? 85  ARG A N   1 
ATOM   649  C  CA  . ARG A 1 85  ? -26.460 -8.296  -2.590  1.00 33.23 ? 85  ARG A CA  1 
ATOM   650  C  C   . ARG A 1 85  ? -26.043 -9.503  -3.411  1.00 37.40 ? 85  ARG A C   1 
ATOM   651  O  O   . ARG A 1 85  ? -26.299 -9.557  -4.612  1.00 40.38 ? 85  ARG A O   1 
ATOM   652  C  CB  . ARG A 1 85  ? -27.975 -8.298  -2.354  1.00 34.14 ? 85  ARG A CB  1 
ATOM   653  C  CG  . ARG A 1 85  ? -28.420 -8.941  -1.069  1.00 36.89 ? 85  ARG A CG  1 
ATOM   654  C  CD  . ARG A 1 85  ? -29.935 -8.832  -0.913  1.00 37.15 ? 85  ARG A CD  1 
ATOM   655  N  NE  . ARG A 1 85  ? -30.372 -7.471  -0.606  1.00 28.05 ? 85  ARG A NE  1 
ATOM   656  C  CZ  . ARG A 1 85  ? -30.514 -6.997  0.627   1.00 30.56 ? 85  ARG A CZ  1 
ATOM   657  N  NH1 . ARG A 1 85  ? -30.247 -7.768  1.675   1.00 33.99 ? 85  ARG A NH1 1 
ATOM   658  N  NH2 . ARG A 1 85  ? -30.927 -5.751  0.819   1.00 26.10 ? 85  ARG A NH2 1 
ATOM   659  N  N   . ALA A 1 86  ? -25.374 -10.458 -2.775  1.00 41.63 ? 86  ALA A N   1 
ATOM   660  C  CA  . ALA A 1 86  ? -24.974 -11.679 -3.463  1.00 47.04 ? 86  ALA A CA  1 
ATOM   661  C  C   . ALA A 1 86  ? -26.213 -12.456 -3.901  1.00 52.13 ? 86  ALA A C   1 
ATOM   662  O  O   . ALA A 1 86  ? -27.102 -12.725 -3.094  1.00 54.09 ? 86  ALA A O   1 
ATOM   663  C  CB  . ALA A 1 86  ? -24.093 -12.534 -2.561  1.00 48.62 ? 86  ALA A CB  1 
ATOM   664  N  N   . THR A 1 87  ? -26.269 -12.807 -5.183  1.00 55.86 ? 87  THR A N   1 
ATOM   665  C  CA  . THR A 1 87  ? -27.419 -13.523 -5.731  1.00 59.13 ? 87  THR A CA  1 
ATOM   666  C  C   . THR A 1 87  ? -27.659 -14.861 -5.036  1.00 60.12 ? 87  THR A C   1 
ATOM   667  O  O   . THR A 1 87  ? -28.799 -15.324 -4.944  1.00 62.39 ? 87  THR A O   1 
ATOM   668  C  CB  . THR A 1 87  ? -27.279 -13.758 -7.247  1.00 58.51 ? 87  THR A CB  1 
ATOM   669  O  OG1 . THR A 1 87  ? -25.942 -14.182 -7.547  1.00 64.14 ? 87  THR A OG1 1 
ATOM   670  C  CG2 . THR A 1 87  ? -27.574 -12.476 -8.005  1.00 59.65 ? 87  THR A CG2 1 
ATOM   671  N  N   . ASN A 1 88  ? -26.586 -15.475 -4.545  1.00 61.82 ? 88  ASN A N   1 
ATOM   672  C  CA  . ASN A 1 88  ? -26.674 -16.775 -3.882  1.00 61.11 ? 88  ASN A CA  1 
ATOM   673  C  C   . ASN A 1 88  ? -27.271 -16.698 -2.478  1.00 61.39 ? 88  ASN A C   1 
ATOM   674  O  O   . ASN A 1 88  ? -27.955 -17.620 -2.037  1.00 60.98 ? 88  ASN A O   1 
ATOM   675  C  CB  . ASN A 1 88  ? -25.298 -17.445 -3.821  1.00 61.14 ? 88  ASN A CB  1 
ATOM   676  C  CG  . ASN A 1 88  ? -24.316 -16.690 -2.941  1.00 63.08 ? 88  ASN A CG  1 
ATOM   677  O  OD1 . ASN A 1 88  ? -24.443 -16.683 -1.716  1.00 64.11 ? 88  ASN A OD1 1 
ATOM   678  N  ND2 . ASN A 1 88  ? -23.321 -16.063 -3.561  1.00 59.39 ? 88  ASN A ND2 1 
ATOM   679  N  N   . ASP A 1 89  ? -26.997 -15.600 -1.778  1.00 58.49 ? 89  ASP A N   1 
ATOM   680  C  CA  . ASP A 1 89  ? -27.439 -15.442 -0.394  1.00 55.62 ? 89  ASP A CA  1 
ATOM   681  C  C   . ASP A 1 89  ? -27.828 -13.990 -0.108  1.00 56.32 ? 89  ASP A C   1 
ATOM   682  O  O   . ASP A 1 89  ? -27.009 -13.083 -0.246  1.00 51.57 ? 89  ASP A O   1 
ATOM   683  C  CB  . ASP A 1 89  ? -26.332 -15.896 0.560   1.00 55.91 ? 89  ASP A CB  1 
ATOM   684  C  CG  . ASP A 1 89  ? -26.775 -15.924 2.014   1.00 57.90 ? 89  ASP A CG  1 
ATOM   685  O  OD1 . ASP A 1 89  ? -27.702 -15.173 2.383   1.00 58.15 ? 89  ASP A OD1 1 
ATOM   686  O  OD2 . ASP A 1 89  ? -26.178 -16.697 2.795   1.00 60.27 ? 89  ASP A OD2 1 
ATOM   687  N  N   . GLU A 1 90  ? -29.077 -13.784 0.301   1.00 56.51 ? 90  GLU A N   1 
ATOM   688  C  CA  . GLU A 1 90  ? -29.614 -12.445 0.530   1.00 52.65 ? 90  GLU A CA  1 
ATOM   689  C  C   . GLU A 1 90  ? -28.888 -11.714 1.654   1.00 51.78 ? 90  GLU A C   1 
ATOM   690  O  O   . GLU A 1 90  ? -28.971 -10.489 1.760   1.00 47.46 ? 90  GLU A O   1 
ATOM   691  C  CB  . GLU A 1 90  ? -31.108 -12.521 0.864   1.00 52.91 ? 90  GLU A CB  1 
ATOM   692  C  CG  . GLU A 1 90  ? -31.392 -12.940 2.301   1.00 60.57 ? 90  GLU A CG  1 
ATOM   693  C  CD  . GLU A 1 90  ? -32.870 -12.988 2.625   1.00 65.92 ? 90  GLU A CD  1 
ATOM   694  O  OE1 . GLU A 1 90  ? -33.672 -13.280 1.712   1.00 67.60 ? 90  GLU A OE1 1 
ATOM   695  O  OE2 . GLU A 1 90  ? -33.230 -12.735 3.794   1.00 66.37 ? 90  GLU A OE2 1 
ATOM   696  N  N   . ARG A 1 91  ? -28.184 -12.461 2.499   1.00 49.18 ? 91  ARG A N   1 
ATOM   697  C  CA  . ARG A 1 91  ? -27.509 -11.870 3.647   1.00 45.89 ? 91  ARG A CA  1 
ATOM   698  C  C   . ARG A 1 91  ? -26.103 -11.368 3.329   1.00 41.08 ? 91  ARG A C   1 
ATOM   699  O  O   . ARG A 1 91  ? -25.522 -10.612 4.107   1.00 43.58 ? 91  ARG A O   1 
ATOM   700  C  CB  . ARG A 1 91  ? -27.439 -12.868 4.802   1.00 55.22 ? 91  ARG A CB  1 
ATOM   701  C  CG  . ARG A 1 91  ? -28.664 -12.900 5.698   1.00 56.65 ? 91  ARG A CG  1 
ATOM   702  C  CD  . ARG A 1 91  ? -28.518 -13.998 6.741   1.00 64.25 ? 91  ARG A CD  1 
ATOM   703  N  NE  . ARG A 1 91  ? -28.399 -15.314 6.116   1.00 67.07 ? 91  ARG A NE  1 
ATOM   704  C  CZ  . ARG A 1 91  ? -27.968 -16.405 6.741   1.00 68.82 ? 91  ARG A CZ  1 
ATOM   705  N  NH1 . ARG A 1 91  ? -27.898 -17.559 6.090   1.00 68.44 ? 91  ARG A NH1 1 
ATOM   706  N  NH2 . ARG A 1 91  ? -27.601 -16.344 8.016   1.00 66.71 ? 91  ARG A NH2 1 
ATOM   707  N  N   . VAL A 1 92  ? -25.559 -11.786 2.192   1.00 39.16 ? 92  VAL A N   1 
ATOM   708  C  CA  . VAL A 1 92  ? -24.176 -11.457 1.857   1.00 38.71 ? 92  VAL A CA  1 
ATOM   709  C  C   . VAL A 1 92  ? -24.045 -10.167 1.042   1.00 32.40 ? 92  VAL A C   1 
ATOM   710  O  O   . VAL A 1 92  ? -24.546 -10.079 -0.074  1.00 35.95 ? 92  VAL A O   1 
ATOM   711  C  CB  . VAL A 1 92  ? -23.498 -12.607 1.098   1.00 41.61 ? 92  VAL A CB  1 
ATOM   712  C  CG1 . VAL A 1 92  ? -22.076 -12.216 0.703   1.00 40.12 ? 92  VAL A CG1 1 
ATOM   713  C  CG2 . VAL A 1 92  ? -23.494 -13.872 1.954   1.00 48.83 ? 92  VAL A CG2 1 
ATOM   714  N  N   . VAL A 1 93  ? -23.352 -9.182  1.615   1.00 31.24 ? 93  VAL A N   1 
ATOM   715  C  CA  . VAL A 1 93  ? -23.107 -7.907  0.946   1.00 27.12 ? 93  VAL A CA  1 
ATOM   716  C  C   . VAL A 1 93  ? -21.795 -7.954  0.171   1.00 26.30 ? 93  VAL A C   1 
ATOM   717  O  O   . VAL A 1 93  ? -20.777 -8.391  0.703   1.00 24.92 ? 93  VAL A O   1 
ATOM   718  C  CB  . VAL A 1 93  ? -23.009 -6.753  1.962   1.00 28.80 ? 93  VAL A CB  1 
ATOM   719  C  CG1 . VAL A 1 93  ? -22.721 -5.439  1.248   1.00 29.23 ? 93  VAL A CG1 1 
ATOM   720  C  CG2 . VAL A 1 93  ? -24.290 -6.652  2.791   1.00 34.46 ? 93  VAL A CG2 1 
ATOM   721  N  N   . LEU A 1 94  ? -21.824 -7.485  -1.071  1.00 23.41 ? 94  LEU A N   1 
ATOM   722  C  CA  . LEU A 1 94  ? -20.621 -7.380  -1.896  1.00 24.22 ? 94  LEU A CA  1 
ATOM   723  C  C   . LEU A 1 94  ? -20.324 -5.918  -2.193  1.00 26.08 ? 94  LEU A C   1 
ATOM   724  O  O   . LEU A 1 94  ? -21.242 -5.096  -2.284  1.00 24.76 ? 94  LEU A O   1 
ATOM   725  C  CB  . LEU A 1 94  ? -20.824 -8.122  -3.217  1.00 25.85 ? 94  LEU A CB  1 
ATOM   726  C  CG  . LEU A 1 94  ? -21.096 -9.622  -3.158  1.00 31.06 ? 94  LEU A CG  1 
ATOM   727  C  CD1 . LEU A 1 94  ? -21.691 -10.083 -4.478  1.00 34.18 ? 94  LEU A CD1 1 
ATOM   728  C  CD2 . LEU A 1 94  ? -19.818 -10.369 -2.847  1.00 27.95 ? 94  LEU A CD2 1 
ATOM   729  N  N   . TRP A 1 95  ? -19.043 -5.596  -2.352  1.00 21.14 ? 95  TRP A N   1 
ATOM   730  C  CA  . TRP A 1 95  ? -18.625 -4.236  -2.665  1.00 19.75 ? 95  TRP A CA  1 
ATOM   731  C  C   . TRP A 1 95  ? -17.953 -4.165  -4.012  1.00 22.99 ? 95  TRP A C   1 
ATOM   732  O  O   . TRP A 1 95  ? -17.156 -5.043  -4.363  1.00 22.94 ? 95  TRP A O   1 
ATOM   733  C  CB  . TRP A 1 95  ? -17.667 -3.717  -1.592  1.00 19.38 ? 95  TRP A CB  1 
ATOM   734  C  CG  . TRP A 1 95  ? -18.328 -3.629  -0.261  1.00 19.38 ? 95  TRP A CG  1 
ATOM   735  C  CD1 . TRP A 1 95  ? -18.313 -4.567  0.723   1.00 20.60 ? 95  TRP A CD1 1 
ATOM   736  C  CD2 . TRP A 1 95  ? -19.144 -2.555  0.221   1.00 19.99 ? 95  TRP A CD2 1 
ATOM   737  N  NE1 . TRP A 1 95  ? -19.050 -4.136  1.801   1.00 20.73 ? 95  TRP A NE1 1 
ATOM   738  C  CE2 . TRP A 1 95  ? -19.568 -2.900  1.517   1.00 20.48 ? 95  TRP A CE2 1 
ATOM   739  C  CE3 . TRP A 1 95  ? -19.544 -1.326  -0.316  1.00 19.68 ? 95  TRP A CE3 1 
ATOM   740  C  CZ2 . TRP A 1 95  ? -20.385 -2.067  2.285   1.00 22.39 ? 95  TRP A CZ2 1 
ATOM   741  C  CZ3 . TRP A 1 95  ? -20.341 -0.501  0.447   1.00 20.51 ? 95  TRP A CZ3 1 
ATOM   742  C  CH2 . TRP A 1 95  ? -20.754 -0.873  1.733   1.00 19.82 ? 95  TRP A CH2 1 
ATOM   743  N  N   . SER A 1 96  ? -18.274 -3.114  -4.761  1.00 21.43 ? 96  SER A N   1 
ATOM   744  C  CA  . SER A 1 96  ? -17.620 -2.854  -6.037  1.00 21.18 ? 96  SER A CA  1 
ATOM   745  C  C   . SER A 1 96  ? -17.255 -1.382  -6.188  1.00 23.52 ? 96  SER A C   1 
ATOM   746  O  O   . SER A 1 96  ? -17.779 -0.521  -5.477  1.00 21.60 ? 96  SER A O   1 
ATOM   747  C  CB  . SER A 1 96  ? -18.514 -3.307  -7.191  1.00 28.78 ? 96  SER A CB  1 
ATOM   748  O  OG  . SER A 1 96  ? -19.753 -2.637  -7.142  1.00 32.87 ? 96  SER A OG  1 
ATOM   749  N  N   . LEU A 1 97  ? -16.345 -1.094  -7.116  1.00 22.80 ? 97  LEU A N   1 
ATOM   750  C  CA  . LEU A 1 97  ? -15.973 0.279   -7.410  1.00 22.17 ? 97  LEU A CA  1 
ATOM   751  C  C   . LEU A 1 97  ? -17.108 1.000   -8.124  1.00 23.64 ? 97  LEU A C   1 
ATOM   752  O  O   . LEU A 1 97  ? -17.855 0.389   -8.885  1.00 27.47 ? 97  LEU A O   1 
ATOM   753  C  CB  . LEU A 1 97  ? -14.756 0.317   -8.332  1.00 25.41 ? 97  LEU A CB  1 
ATOM   754  C  CG  . LEU A 1 97  ? -13.462 -0.287  -7.802  1.00 22.84 ? 97  LEU A CG  1 
ATOM   755  C  CD1 . LEU A 1 97  ? -12.356 0.013   -8.800  1.00 27.07 ? 97  LEU A CD1 1 
ATOM   756  C  CD2 . LEU A 1 97  ? -13.141 0.309   -6.445  1.00 23.18 ? 97  LEU A CD2 1 
ATOM   757  N  N   . THR A 1 98  ? -17.216 2.295   -7.872  1.00 24.06 ? 98  THR A N   1 
ATOM   758  C  CA  . THR A 1 98  ? -18.001 3.175   -8.734  1.00 23.35 ? 98  THR A CA  1 
ATOM   759  C  C   . THR A 1 98  ? -17.084 3.650   -9.858  1.00 29.86 ? 98  THR A C   1 
ATOM   760  O  O   . THR A 1 98  ? -15.861 3.521   -9.767  1.00 26.70 ? 98  THR A O   1 
ATOM   761  C  CB  . THR A 1 98  ? -18.541 4.391   -7.972  1.00 23.86 ? 98  THR A CB  1 
ATOM   762  O  OG1 . THR A 1 98  ? -17.454 5.209   -7.520  1.00 24.68 ? 98  THR A OG1 1 
ATOM   763  C  CG2 . THR A 1 98  ? -19.400 3.950   -6.780  1.00 24.70 ? 98  THR A CG2 1 
ATOM   764  N  N   . GLU A 1 99  ? -17.658 4.200   -10.924 1.00 28.44 ? 99  GLU A N   1 
ATOM   765  C  CA  . GLU A 1 99  ? -16.822 4.711   -12.012 1.00 30.41 ? 99  GLU A CA  1 
ATOM   766  C  C   . GLU A 1 99  ? -15.837 5.769   -11.516 1.00 26.62 ? 99  GLU A C   1 
ATOM   767  O  O   . GLU A 1 99  ? -14.705 5.850   -11.997 1.00 30.60 ? 99  GLU A O   1 
ATOM   768  C  CB  . GLU A 1 99  ? -17.682 5.267   -13.153 1.00 35.09 ? 99  GLU A CB  1 
ATOM   769  C  CG  . GLU A 1 99  ? -17.800 4.332   -14.353 1.00 44.13 ? 99  GLU A CG  1 
ATOM   770  C  CD  . GLU A 1 99  ? -16.445 3.901   -14.916 1.00 47.57 ? 99  GLU A CD  1 
ATOM   771  O  OE1 . GLU A 1 99  ? -15.495 4.718   -14.922 1.00 47.00 ? 99  GLU A OE1 1 
ATOM   772  O  OE2 . GLU A 1 99  ? -16.329 2.733   -15.346 1.00 47.41 ? 99  GLU A OE2 1 
ATOM   773  N  N   . LYS A 1 100 ? -16.263 6.575   -10.549 1.00 26.37 ? 100 LYS A N   1 
ATOM   774  C  CA  . LYS A 1 100 ? -15.411 7.596   -9.950  1.00 29.88 ? 100 LYS A CA  1 
ATOM   775  C  C   . LYS A 1 100 ? -14.094 6.991   -9.441  1.00 30.82 ? 100 LYS A C   1 
ATOM   776  O  O   . LYS A 1 100 ? -13.034 7.616   -9.515  1.00 28.11 ? 100 LYS A O   1 
ATOM   777  C  CB  . LYS A 1 100 ? -16.162 8.272   -8.799  1.00 32.05 ? 100 LYS A CB  1 
ATOM   778  C  CG  . LYS A 1 100 ? -15.392 9.340   -8.031  1.00 33.75 ? 100 LYS A CG  1 
ATOM   779  C  CD  . LYS A 1 100 ? -16.265 9.924   -6.920  1.00 31.67 ? 100 LYS A CD  1 
ATOM   780  C  CE  . LYS A 1 100 ? -15.488 10.846  -5.999  1.00 38.12 ? 100 LYS A CE  1 
ATOM   781  N  NZ  . LYS A 1 100 ? -16.378 11.534  -5.007  1.00 35.99 ? 100 LYS A NZ  1 
ATOM   782  N  N   . ALA A 1 101 ? -14.173 5.762   -8.936  1.00 27.72 ? 101 ALA A N   1 
ATOM   783  C  CA  . ALA A 1 101 ? -13.036 5.133   -8.267  1.00 25.27 ? 101 ALA A CA  1 
ATOM   784  C  C   . ALA A 1 101 ? -12.062 4.442   -9.208  1.00 27.55 ? 101 ALA A C   1 
ATOM   785  O  O   . ALA A 1 101 ? -10.914 4.180   -8.837  1.00 24.93 ? 101 ALA A O   1 
ATOM   786  C  CB  . ALA A 1 101 ? -13.527 4.135   -7.222  1.00 24.63 ? 101 ALA A CB  1 
ATOM   787  N  N   . VAL A 1 102 ? -12.522 4.131   -10.412 1.00 28.35 ? 102 VAL A N   1 
ATOM   788  C  CA  . VAL A 1 102 ? -11.715 3.385   -11.370 1.00 28.23 ? 102 VAL A CA  1 
ATOM   789  C  C   . VAL A 1 102 ? -10.336 4.023   -11.596 1.00 26.58 ? 102 VAL A C   1 
ATOM   790  O  O   . VAL A 1 102 ? -9.321  3.349   -11.471 1.00 26.84 ? 102 VAL A O   1 
ATOM   791  C  CB  . VAL A 1 102 ? -12.480 3.181   -12.694 1.00 30.69 ? 102 VAL A CB  1 
ATOM   792  C  CG1 . VAL A 1 102 ? -11.565 2.601   -13.761 1.00 34.18 ? 102 VAL A CG1 1 
ATOM   793  C  CG2 . VAL A 1 102 ? -13.677 2.274   -12.457 1.00 30.85 ? 102 VAL A CG2 1 
ATOM   794  N  N   . PRO A 1 103 ? -10.290 5.326   -11.916 1.00 27.60 ? 103 PRO A N   1 
ATOM   795  C  CA  . PRO A 1 103 ? -8.956  5.906   -12.123 1.00 30.84 ? 103 PRO A CA  1 
ATOM   796  C  C   . PRO A 1 103 ? -8.148  6.040   -10.828 1.00 29.39 ? 103 PRO A C   1 
ATOM   797  O  O   . PRO A 1 103 ? -6.913  6.030   -10.882 1.00 28.41 ? 103 PRO A O   1 
ATOM   798  C  CB  . PRO A 1 103 ? -9.258  7.291   -12.708 1.00 29.72 ? 103 PRO A CB  1 
ATOM   799  C  CG  . PRO A 1 103 ? -10.653 7.611   -12.227 1.00 32.04 ? 103 PRO A CG  1 
ATOM   800  C  CD  . PRO A 1 103 ? -11.367 6.284   -12.233 1.00 29.35 ? 103 PRO A CD  1 
ATOM   801  N  N   . VAL A 1 104 ? -8.836  6.166   -9.694  1.00 25.76 ? 104 VAL A N   1 
ATOM   802  C  CA  . VAL A 1 104 ? -8.193  6.317   -8.395  1.00 27.09 ? 104 VAL A CA  1 
ATOM   803  C  C   . VAL A 1 104 ? -7.437  5.034   -8.079  1.00 24.69 ? 104 VAL A C   1 
ATOM   804  O  O   . VAL A 1 104 ? -6.269  5.070   -7.687  1.00 24.12 ? 104 VAL A O   1 
ATOM   805  C  CB  . VAL A 1 104 ? -9.228  6.609   -7.273  1.00 26.11 ? 104 VAL A CB  1 
ATOM   806  C  CG1 . VAL A 1 104 ? -8.562  6.654   -5.898  1.00 26.91 ? 104 VAL A CG1 1 
ATOM   807  C  CG2 . VAL A 1 104 ? -9.971  7.917   -7.554  1.00 27.69 ? 104 VAL A CG2 1 
ATOM   808  N  N   . ALA A 1 105 ? -8.104  3.900   -8.268  1.00 23.69 ? 105 ALA A N   1 
ATOM   809  C  CA  . ALA A 1 105 ? -7.489  2.599   -8.001  1.00 24.15 ? 105 ALA A CA  1 
ATOM   810  C  C   . ALA A 1 105 ? -6.357  2.331   -8.988  1.00 26.31 ? 105 ALA A C   1 
ATOM   811  O  O   . ALA A 1 105 ? -5.307  1.795   -8.623  1.00 23.87 ? 105 ALA A O   1 
ATOM   812  C  CB  . ALA A 1 105 ? -8.528  1.489   -8.078  1.00 24.16 ? 105 ALA A CB  1 
ATOM   813  N  N   . LYS A 1 106 ? -6.574  2.709   -10.246 1.00 24.64 ? 106 LYS A N   1 
ATOM   814  C  CA  . LYS A 1 106 ? -5.559  2.500   -11.267 1.00 26.46 ? 106 LYS A CA  1 
ATOM   815  C  C   . LYS A 1 106 ? -4.310  3.298   -10.929 1.00 24.32 ? 106 LYS A C   1 
ATOM   816  O  O   . LYS A 1 106 ? -3.196  2.786   -11.060 1.00 25.66 ? 106 LYS A O   1 
ATOM   817  C  CB  . LYS A 1 106 ? -6.081  2.899   -12.653 1.00 26.03 ? 106 LYS A CB  1 
ATOM   818  C  CG  . LYS A 1 106 ? -5.077  2.663   -13.772 1.00 34.29 ? 106 LYS A CG  1 
ATOM   819  C  CD  . LYS A 1 106 ? -5.556  3.286   -15.079 1.00 39.01 ? 106 LYS A CD  1 
ATOM   820  C  CE  . LYS A 1 106 ? -4.442  3.327   -16.119 1.00 46.66 ? 106 LYS A CE  1 
ATOM   821  N  NZ  . LYS A 1 106 ? -4.831  4.147   -17.300 1.00 50.34 ? 106 LYS A NZ  1 
ATOM   822  N  N   . GLU A 1 107 ? -4.497  4.540   -10.483 1.00 22.40 ? 107 GLU A N   1 
ATOM   823  C  CA  . GLU A 1 107 ? -3.367  5.399   -10.137 1.00 25.71 ? 107 GLU A CA  1 
ATOM   824  C  C   . GLU A 1 107 ? -2.585  4.821   -8.974  1.00 25.63 ? 107 GLU A C   1 
ATOM   825  O  O   . GLU A 1 107 ? -1.357  4.777   -9.006  1.00 23.97 ? 107 GLU A O   1 
ATOM   826  C  CB  . GLU A 1 107 ? -3.812  6.814   -9.780  1.00 28.52 ? 107 GLU A CB  1 
ATOM   827  C  CG  . GLU A 1 107 ? -2.652  7.721   -9.382  1.00 34.52 ? 107 GLU A CG  1 
ATOM   828  C  CD  . GLU A 1 107 ? -3.083  9.130   -9.006  1.00 44.10 ? 107 GLU A CD  1 
ATOM   829  O  OE1 . GLU A 1 107 ? -4.186  9.555   -9.412  1.00 49.03 ? 107 GLU A OE1 1 
ATOM   830  O  OE2 . GLU A 1 107 ? -2.308  9.817   -8.302  1.00 51.31 ? 107 GLU A OE2 1 
ATOM   831  N  N   . HIS A 1 108 ? -3.290  4.390   -7.934  1.00 24.19 ? 108 HIS A N   1 
ATOM   832  C  CA  . HIS A 1 108 ? -2.576  3.853   -6.784  1.00 23.14 ? 108 HIS A CA  1 
ATOM   833  C  C   . HIS A 1 108 ? -1.829  2.571   -7.126  1.00 22.65 ? 108 HIS A C   1 
ATOM   834  O  O   . HIS A 1 108 ? -0.708  2.359   -6.654  1.00 22.43 ? 108 HIS A O   1 
ATOM   835  C  CB  . HIS A 1 108 ? -3.505  3.617   -5.596  1.00 24.23 ? 108 HIS A CB  1 
ATOM   836  C  CG  . HIS A 1 108 ? -2.778  3.536   -4.292  1.00 22.59 ? 108 HIS A CG  1 
ATOM   837  N  ND1 . HIS A 1 108 ? -2.257  4.646   -3.667  1.00 21.28 ? 108 HIS A ND1 1 
ATOM   838  C  CD2 . HIS A 1 108 ? -2.459  2.475   -3.510  1.00 21.89 ? 108 HIS A CD2 1 
ATOM   839  C  CE1 . HIS A 1 108 ? -1.669  4.280   -2.540  1.00 23.98 ? 108 HIS A CE1 1 
ATOM   840  N  NE2 . HIS A 1 108 ? -1.761  2.967   -2.436  1.00 22.05 ? 108 HIS A NE2 1 
ATOM   841  N  N   . ALA A 1 109 ? -2.450  1.711   -7.927  1.00 21.73 ? 109 ALA A N   1 
ATOM   842  C  CA  . ALA A 1 109 ? -1.803  0.486   -8.356  1.00 23.05 ? 109 ALA A CA  1 
ATOM   843  C  C   . ALA A 1 109 ? -0.529  0.840   -9.116  1.00 25.56 ? 109 ALA A C   1 
ATOM   844  O  O   . ALA A 1 109 ? 0.516   0.222   -8.920  1.00 25.31 ? 109 ALA A O   1 
ATOM   845  C  CB  . ALA A 1 109 ? -2.735  -0.337  -9.225  1.00 27.42 ? 109 ALA A CB  1 
ATOM   846  N  N   . THR A 1 110 ? -0.617  1.849   -9.972  1.00 23.68 ? 110 THR A N   1 
ATOM   847  C  CA  . THR A 1 110 ? 0.556   2.267   -10.731 1.00 26.65 ? 110 THR A CA  1 
ATOM   848  C  C   . THR A 1 110 ? 1.692   2.724   -9.813  1.00 24.14 ? 110 THR A C   1 
ATOM   849  O  O   . THR A 1 110 ? 2.865   2.395   -10.052 1.00 24.11 ? 110 THR A O   1 
ATOM   850  C  CB  . THR A 1 110 ? 0.211   3.371   -11.735 1.00 26.16 ? 110 THR A CB  1 
ATOM   851  O  OG1 . THR A 1 110 ? -0.725  2.855   -12.688 1.00 28.24 ? 110 THR A OG1 1 
ATOM   852  C  CG2 . THR A 1 110 ? 1.454   3.825   -12.470 1.00 27.66 ? 110 THR A CG2 1 
ATOM   853  N  N   . HIS A 1 111 ? 1.356   3.478   -8.772  1.00 21.92 ? 111 HIS A N   1 
ATOM   854  C  CA  . HIS A 1 111 ? 2.374   3.942   -7.834  1.00 23.14 ? 111 HIS A CA  1 
ATOM   855  C  C   . HIS A 1 111 ? 3.093   2.772   -7.169  1.00 22.46 ? 111 HIS A C   1 
ATOM   856  O  O   . HIS A 1 111 ? 4.320   2.771   -7.062  1.00 21.41 ? 111 HIS A O   1 
ATOM   857  C  CB  . HIS A 1 111 ? 1.778   4.851   -6.763  1.00 23.55 ? 111 HIS A CB  1 
ATOM   858  C  CG  . HIS A 1 111 ? 1.239   6.138   -7.298  1.00 26.26 ? 111 HIS A CG  1 
ATOM   859  N  ND1 . HIS A 1 111 ? 1.803   6.789   -8.373  1.00 27.13 ? 111 HIS A ND1 1 
ATOM   860  C  CD2 . HIS A 1 111 ? 0.188   6.897   -6.906  1.00 30.74 ? 111 HIS A CD2 1 
ATOM   861  C  CE1 . HIS A 1 111 ? 1.115   7.889   -8.627  1.00 33.47 ? 111 HIS A CE1 1 
ATOM   862  N  NE2 . HIS A 1 111 ? 0.132   7.979   -7.749  1.00 33.64 ? 111 HIS A NE2 1 
ATOM   863  N  N   . HIS A 1 112 ? 2.335   1.784   -6.703  1.00 23.22 ? 112 HIS A N   1 
ATOM   864  C  CA  . HIS A 1 112 ? 2.958   0.589   -6.137  1.00 21.81 ? 112 HIS A CA  1 
ATOM   865  C  C   . HIS A 1 112 ? 3.828   -0.151  -7.138  1.00 21.45 ? 112 HIS A C   1 
ATOM   866  O  O   . HIS A 1 112 ? 4.926   -0.600  -6.807  1.00 21.44 ? 112 HIS A O   1 
ATOM   867  C  CB  . HIS A 1 112 ? 1.907   -0.351  -5.553  1.00 22.99 ? 112 HIS A CB  1 
ATOM   868  C  CG  . HIS A 1 112 ? 1.496   0.025   -4.170  1.00 25.54 ? 112 HIS A CG  1 
ATOM   869  N  ND1 . HIS A 1 112 ? 2.265   -0.268  -3.062  1.00 25.15 ? 112 HIS A ND1 1 
ATOM   870  C  CD2 . HIS A 1 112 ? 0.421   0.704   -3.715  1.00 20.65 ? 112 HIS A CD2 1 
ATOM   871  C  CE1 . HIS A 1 112 ? 1.670   0.201   -1.982  1.00 27.28 ? 112 HIS A CE1 1 
ATOM   872  N  NE2 . HIS A 1 112 ? 0.550   0.796   -2.350  1.00 25.09 ? 112 HIS A NE2 1 
ATOM   873  N  N   . GLU A 1 113 ? 3.333   -0.273  -8.364  1.00 22.96 ? 113 GLU A N   1 
ATOM   874  C  CA  . GLU A 1 113 ? 4.062   -0.968  -9.414  1.00 24.77 ? 113 GLU A CA  1 
ATOM   875  C  C   . GLU A 1 113 ? 5.396   -0.282  -9.698  1.00 22.98 ? 113 GLU A C   1 
ATOM   876  O  O   . GLU A 1 113 ? 6.427   -0.947  -9.796  1.00 24.20 ? 113 GLU A O   1 
ATOM   877  C  CB  . GLU A 1 113 ? 3.215   -1.031  -10.681 1.00 27.25 ? 113 GLU A CB  1 
ATOM   878  C  CG  . GLU A 1 113 ? 3.838   -1.823  -11.812 1.00 29.62 ? 113 GLU A CG  1 
ATOM   879  C  CD  . GLU A 1 113 ? 2.970   -1.798  -13.060 1.00 37.50 ? 113 GLU A CD  1 
ATOM   880  O  OE1 . GLU A 1 113 ? 2.788   -0.701  -13.640 1.00 39.53 ? 113 GLU A OE1 1 
ATOM   881  O  OE2 . GLU A 1 113 ? 2.459   -2.873  -13.450 1.00 44.10 ? 113 GLU A OE2 1 
ATOM   882  N  N   . LYS A 1 114 ? 5.358   1.045   -9.813  1.00 20.71 ? 114 LYS A N   1 
ATOM   883  C  CA  . LYS A 1 114 ? 6.548   1.859   -10.092 1.00 22.24 ? 114 LYS A CA  1 
ATOM   884  C  C   . LYS A 1 114 ? 7.556   1.738   -8.965  1.00 21.61 ? 114 LYS A C   1 
ATOM   885  O  O   . LYS A 1 114 ? 8.768   1.634   -9.186  1.00 21.71 ? 114 LYS A O   1 
ATOM   886  C  CB  . LYS A 1 114 ? 6.157   3.334   -10.239 1.00 25.54 ? 114 LYS A CB  1 
ATOM   887  C  CG  . LYS A 1 114 ? 7.306   4.221   -10.690 1.00 24.36 ? 114 LYS A CG  1 
ATOM   888  C  CD  . LYS A 1 114 ? 7.875   3.655   -11.983 1.00 25.34 ? 114 LYS A CD  1 
ATOM   889  C  CE  . LYS A 1 114 ? 8.565   4.708   -12.804 1.00 27.82 ? 114 LYS A CE  1 
ATOM   890  N  NZ  . LYS A 1 114 ? 9.063   4.100   -14.053 1.00 23.68 ? 114 LYS A NZ  1 
ATOM   891  N  N   . THR A 1 115 ? 7.043   1.761   -7.744  1.00 20.67 ? 115 THR A N   1 
ATOM   892  C  CA  . THR A 1 115 ? 7.885   1.705   -6.563  1.00 19.60 ? 115 THR A CA  1 
ATOM   893  C  C   . THR A 1 115 ? 8.585   0.360   -6.506  1.00 19.72 ? 115 THR A C   1 
ATOM   894  O  O   . THR A 1 115 ? 9.813   0.287   -6.353  1.00 19.22 ? 115 THR A O   1 
ATOM   895  C  CB  . THR A 1 115 ? 7.051   1.924   -5.297  1.00 19.38 ? 115 THR A CB  1 
ATOM   896  O  OG1 . THR A 1 115 ? 6.435   3.216   -5.378  1.00 21.11 ? 115 THR A OG1 1 
ATOM   897  C  CG2 . THR A 1 115 ? 7.925   1.878   -4.051  1.00 20.83 ? 115 THR A CG2 1 
ATOM   898  N  N   . LEU A 1 116 ? 7.806   -0.708  -6.620  1.00 19.62 ? 116 LEU A N   1 
ATOM   899  C  CA  . LEU A 1 116 ? 8.382   -2.045  -6.546  1.00 22.18 ? 116 LEU A CA  1 
ATOM   900  C  C   . LEU A 1 116 ? 9.354   -2.317  -7.686  1.00 22.18 ? 116 LEU A C   1 
ATOM   901  O  O   . LEU A 1 116 ? 10.422  -2.891  -7.466  1.00 22.24 ? 116 LEU A O   1 
ATOM   902  C  CB  . LEU A 1 116 ? 7.282   -3.108  -6.480  1.00 22.51 ? 116 LEU A CB  1 
ATOM   903  C  CG  . LEU A 1 116 ? 6.604   -3.161  -5.104  1.00 30.33 ? 116 LEU A CG  1 
ATOM   904  C  CD1 . LEU A 1 116 ? 5.391   -4.086  -5.121  1.00 36.34 ? 116 LEU A CD1 1 
ATOM   905  C  CD2 . LEU A 1 116 ? 7.595   -3.577  -3.998  1.00 32.64 ? 116 LEU A CD2 1 
ATOM   906  N  N   . SER A 1 117 ? 9.016   -1.869  -8.896  1.00 22.56 ? 117 SER A N   1 
ATOM   907  C  CA  . SER A 1 117 ? 9.904   -2.087  -10.035 1.00 23.08 ? 117 SER A CA  1 
ATOM   908  C  C   . SER A 1 117 ? 11.225  -1.334  -9.838  1.00 20.18 ? 117 SER A C   1 
ATOM   909  O  O   . SER A 1 117 ? 12.287  -1.817  -10.224 1.00 23.14 ? 117 SER A O   1 
ATOM   910  C  CB  . SER A 1 117 ? 9.227   -1.703  -11.359 1.00 25.76 ? 117 SER A CB  1 
ATOM   911  O  OG  . SER A 1 117 ? 9.086   -0.304  -11.494 1.00 31.06 ? 117 SER A OG  1 
ATOM   912  N  N   . THR A 1 118 ? 11.158  -0.159  -9.221  1.00 19.41 ? 118 THR A N   1 
ATOM   913  C  CA  . THR A 1 118 ? 12.369  0.594   -8.930  1.00 19.33 ? 118 THR A CA  1 
ATOM   914  C  C   . THR A 1 118 ? 13.279  -0.182  -7.977  1.00 19.56 ? 118 THR A C   1 
ATOM   915  O  O   . THR A 1 118 ? 14.499  -0.255  -8.179  1.00 21.38 ? 118 THR A O   1 
ATOM   916  C  CB  . THR A 1 118 ? 12.034  1.980   -8.337  1.00 21.76 ? 118 THR A CB  1 
ATOM   917  O  OG1 . THR A 1 118 ? 11.279  2.739   -9.294  1.00 22.37 ? 118 THR A OG1 1 
ATOM   918  C  CG2 . THR A 1 118 ? 13.311  2.744   -7.974  1.00 21.03 ? 118 THR A CG2 1 
ATOM   919  N  N   . TYR A 1 119 ? 12.693  -0.769  -6.940  1.00 19.60 ? 119 TYR A N   1 
ATOM   920  C  CA  . TYR A 1 119 ? 13.486  -1.561  -6.000  1.00 19.64 ? 119 TYR A CA  1 
ATOM   921  C  C   . TYR A 1 119 ? 14.002  -2.817  -6.688  1.00 20.75 ? 119 TYR A C   1 
ATOM   922  O  O   . TYR A 1 119 ? 15.127  -3.254  -6.441  1.00 20.39 ? 119 TYR A O   1 
ATOM   923  C  CB  . TYR A 1 119 ? 12.686  -1.941  -4.741  1.00 20.63 ? 119 TYR A CB  1 
ATOM   924  C  CG  . TYR A 1 119 ? 12.119  -0.763  -3.968  1.00 18.71 ? 119 TYR A CG  1 
ATOM   925  C  CD1 . TYR A 1 119 ? 12.720  0.490   -4.021  1.00 18.44 ? 119 TYR A CD1 1 
ATOM   926  C  CD2 . TYR A 1 119 ? 10.975  -0.910  -3.192  1.00 20.02 ? 119 TYR A CD2 1 
ATOM   927  C  CE1 . TYR A 1 119 ? 12.180  1.566   -3.325  1.00 20.80 ? 119 TYR A CE1 1 
ATOM   928  C  CE2 . TYR A 1 119 ? 10.436  0.153   -2.493  1.00 18.54 ? 119 TYR A CE2 1 
ATOM   929  C  CZ  . TYR A 1 119 ? 11.043  1.387   -2.564  1.00 20.26 ? 119 TYR A CZ  1 
ATOM   930  O  OH  . TYR A 1 119 ? 10.517  2.458   -1.889  1.00 21.10 ? 119 TYR A OH  1 
ATOM   931  N  N   . GLN A 1 120 ? 13.168  -3.408  -7.539  1.00 20.29 ? 120 GLN A N   1 
ATOM   932  C  CA  . GLN A 1 120 ? 13.565  -4.618  -8.247  1.00 21.83 ? 120 GLN A CA  1 
ATOM   933  C  C   . GLN A 1 120 ? 14.765  -4.351  -9.155  1.00 21.98 ? 120 GLN A C   1 
ATOM   934  O  O   . GLN A 1 120 ? 15.736  -5.113  -9.156  1.00 22.90 ? 120 GLN A O   1 
ATOM   935  C  CB  . GLN A 1 120 ? 12.394  -5.170  -9.061  1.00 23.90 ? 120 GLN A CB  1 
ATOM   936  C  CG  . GLN A 1 120 ? 12.712  -6.447  -9.800  1.00 29.51 ? 120 GLN A CG  1 
ATOM   937  C  CD  . GLN A 1 120 ? 12.853  -7.623  -8.870  1.00 31.42 ? 120 GLN A CD  1 
ATOM   938  O  OE1 . GLN A 1 120 ? 12.136  -7.730  -7.876  1.00 36.24 ? 120 GLN A OE1 1 
ATOM   939  N  NE2 . GLN A 1 120 ? 13.782  -8.522  -9.183  1.00 39.44 ? 120 GLN A NE2 1 
ATOM   940  N  N   . GLU A 1 121 ? 14.699  -3.268  -9.923  1.00 20.87 ? 121 GLU A N   1 
ATOM   941  C  CA  . GLU A 1 121 ? 15.790  -2.914  -10.820 1.00 22.46 ? 121 GLU A CA  1 
ATOM   942  C  C   . GLU A 1 121 ? 17.071  -2.655  -10.045 1.00 22.83 ? 121 GLU A C   1 
ATOM   943  O  O   . GLU A 1 121 ? 18.154  -3.038  -10.483 1.00 22.99 ? 121 GLU A O   1 
ATOM   944  C  CB  . GLU A 1 121 ? 15.426  -1.701  -11.674 1.00 25.38 ? 121 GLU A CB  1 
ATOM   945  C  CG  . GLU A 1 121 ? 14.332  -2.000  -12.680 1.00 27.94 ? 121 GLU A CG  1 
ATOM   946  C  CD  . GLU A 1 121 ? 13.712  -0.743  -13.261 1.00 34.75 ? 121 GLU A CD  1 
ATOM   947  O  OE1 . GLU A 1 121 ? 14.041  0.369   -12.788 1.00 40.12 ? 121 GLU A OE1 1 
ATOM   948  O  OE2 . GLU A 1 121 ? 12.877  -0.877  -14.183 1.00 43.80 ? 121 GLU A OE2 1 
ATOM   949  N  N   . LEU A 1 122 ? 16.952  -2.020  -8.884  1.00 20.52 ? 122 LEU A N   1 
ATOM   950  C  CA  . LEU A 1 122 ? 18.141  -1.788  -8.068  1.00 21.46 ? 122 LEU A CA  1 
ATOM   951  C  C   . LEU A 1 122 ? 18.716  -3.122  -7.577  1.00 21.27 ? 122 LEU A C   1 
ATOM   952  O  O   . LEU A 1 122 ? 19.926  -3.369  -7.669  1.00 20.97 ? 122 LEU A O   1 
ATOM   953  C  CB  . LEU A 1 122 ? 17.822  -0.851  -6.891  1.00 23.04 ? 122 LEU A CB  1 
ATOM   954  C  CG  . LEU A 1 122 ? 18.932  -0.699  -5.838  1.00 23.89 ? 122 LEU A CG  1 
ATOM   955  C  CD1 . LEU A 1 122 ? 20.259  -0.318  -6.482  1.00 26.70 ? 122 LEU A CD1 1 
ATOM   956  C  CD2 . LEU A 1 122 ? 18.540  0.331   -4.796  1.00 27.80 ? 122 LEU A CD2 1 
ATOM   957  N  N   . GLY A 1 123 ? 17.850  -3.980  -7.048  1.00 20.74 ? 123 GLY A N   1 
ATOM   958  C  CA  . GLY A 1 123 ? 18.281  -5.280  -6.564  1.00 20.91 ? 123 GLY A CA  1 
ATOM   959  C  C   . GLY A 1 123 ? 18.935  -6.081  -7.677  1.00 22.81 ? 123 GLY A C   1 
ATOM   960  O  O   . GLY A 1 123 ? 19.917  -6.788  -7.435  1.00 22.11 ? 123 GLY A O   1 
ATOM   961  N  N   . ASN A 1 124 ? 18.402  -5.958  -8.895  1.00 22.32 ? 124 ASN A N   1 
ATOM   962  C  CA  . ASN A 1 124 ? 18.924  -6.703  -10.051 1.00 23.93 ? 124 ASN A CA  1 
ATOM   963  C  C   . ASN A 1 124 ? 20.375  -6.379  -10.374 1.00 22.15 ? 124 ASN A C   1 
ATOM   964  O  O   . ASN A 1 124 ? 21.023  -7.108  -11.132 1.00 26.94 ? 124 ASN A O   1 
ATOM   965  C  CB  . ASN A 1 124 ? 18.087  -6.443  -11.311 1.00 27.84 ? 124 ASN A CB  1 
ATOM   966  C  CG  . ASN A 1 124 ? 16.733  -7.125  -11.279 1.00 29.55 ? 124 ASN A CG  1 
ATOM   967  O  OD1 . ASN A 1 124 ? 16.477  -8.010  -10.456 1.00 28.82 ? 124 ASN A OD1 1 
ATOM   968  N  ND2 . ASN A 1 124 ? 15.854  -6.720  -12.194 1.00 33.89 ? 124 ASN A ND2 1 
ATOM   969  N  N   . LYS A 1 125 ? 20.887  -5.281  -9.830  1.00 20.72 ? 125 LYS A N   1 
ATOM   970  C  CA  . LYS A 1 125 ? 22.280  -4.909  -10.058 1.00 20.91 ? 125 LYS A CA  1 
ATOM   971  C  C   . LYS A 1 125 ? 23.229  -5.688  -9.160  1.00 19.36 ? 125 LYS A C   1 
ATOM   972  O  O   . LYS A 1 125 ? 24.455  -5.604  -9.313  1.00 22.68 ? 125 LYS A O   1 
ATOM   973  C  CB  . LYS A 1 125 ? 22.475  -3.405  -9.847  1.00 21.49 ? 125 LYS A CB  1 
ATOM   974  C  CG  . LYS A 1 125 ? 21.672  -2.575  -10.841 1.00 23.70 ? 125 LYS A CG  1 
ATOM   975  C  CD  . LYS A 1 125 ? 21.857  -1.093  -10.621 1.00 28.73 ? 125 LYS A CD  1 
ATOM   976  C  CE  . LYS A 1 125 ? 21.007  -0.298  -11.601 1.00 30.07 ? 125 LYS A CE  1 
ATOM   977  N  NZ  . LYS A 1 125 ? 21.008  1.160   -11.253 1.00 36.79 ? 125 LYS A NZ  1 
ATOM   978  N  N   . PHE A 1 126 ? 22.659  -6.433  -8.219  1.00 18.95 ? 126 PHE A N   1 
ATOM   979  C  CA  . PHE A 1 126 ? 23.424  -7.220  -7.268  1.00 19.68 ? 126 PHE A CA  1 
ATOM   980  C  C   . PHE A 1 126 ? 23.214  -8.723  -7.484  1.00 19.27 ? 126 PHE A C   1 
ATOM   981  O  O   . PHE A 1 126 ? 22.111  -9.184  -7.815  1.00 20.34 ? 126 PHE A O   1 
ATOM   982  C  CB  . PHE A 1 126 ? 23.009  -6.850  -5.840  1.00 19.97 ? 126 PHE A CB  1 
ATOM   983  C  CG  . PHE A 1 126 ? 23.306  -5.419  -5.471  1.00 17.67 ? 126 PHE A CG  1 
ATOM   984  C  CD1 . PHE A 1 126 ? 24.532  -5.079  -4.907  1.00 19.65 ? 126 PHE A CD1 1 
ATOM   985  C  CD2 . PHE A 1 126 ? 22.366  -4.417  -5.680  1.00 19.03 ? 126 PHE A CD2 1 
ATOM   986  C  CE1 . PHE A 1 126 ? 24.807  -3.768  -4.557  1.00 20.62 ? 126 PHE A CE1 1 
ATOM   987  C  CE2 . PHE A 1 126 ? 22.631  -3.104  -5.326  1.00 18.67 ? 126 PHE A CE2 1 
ATOM   988  C  CZ  . PHE A 1 126 ? 23.855  -2.776  -4.777  1.00 19.14 ? 126 PHE A CZ  1 
ATOM   989  N  N   . THR A 1 127 ? 24.285  -9.484  -7.304  1.00 20.27 ? 127 THR A N   1 
ATOM   990  C  CA  . THR A 1 127 ? 24.189  -10.930 -7.379  1.00 19.06 ? 127 THR A CA  1 
ATOM   991  C  C   . THR A 1 127 ? 23.443  -11.455 -6.168  1.00 21.86 ? 127 THR A C   1 
ATOM   992  O  O   . THR A 1 127 ? 23.226  -10.733 -5.199  1.00 19.47 ? 127 THR A O   1 
ATOM   993  C  CB  . THR A 1 127 ? 25.575  -11.579 -7.355  1.00 20.19 ? 127 THR A CB  1 
ATOM   994  O  OG1 . THR A 1 127 ? 26.207  -11.304 -6.094  1.00 24.68 ? 127 THR A OG1 1 
ATOM   995  C  CG2 . THR A 1 127 ? 26.427  -11.042 -8.497  1.00 23.17 ? 127 THR A CG2 1 
ATOM   996  N  N   . ASP A 1 128 ? 23.056  -12.727 -6.210  1.00 19.30 ? 128 ASP A N   1 
ATOM   997  C  CA  . ASP A 1 128 ? 22.373  -13.327 -5.072  1.00 20.34 ? 128 ASP A CA  1 
ATOM   998  C  C   . ASP A 1 128 ? 23.183  -13.223 -3.784  1.00 20.81 ? 128 ASP A C   1 
ATOM   999  O  O   . ASP A 1 128 ? 22.629  -12.922 -2.720  1.00 22.05 ? 128 ASP A O   1 
ATOM   1000 C  CB  . ASP A 1 128 ? 22.022  -14.797 -5.350  1.00 21.55 ? 128 ASP A CB  1 
ATOM   1001 C  CG  . ASP A 1 128 ? 20.945  -14.953 -6.401  1.00 27.29 ? 128 ASP A CG  1 
ATOM   1002 O  OD1 . ASP A 1 128 ? 19.980  -14.156 -6.416  1.00 28.07 ? 128 ASP A OD1 1 
ATOM   1003 O  OD2 . ASP A 1 128 ? 21.054  -15.887 -7.218  1.00 24.95 ? 128 ASP A OD2 1 
ATOM   1004 N  N   . GLU A 1 129 ? 24.489  -13.484 -3.871  1.00 22.39 ? 129 GLU A N   1 
ATOM   1005 C  CA  . GLU A 1 129 ? 25.357  -13.409 -2.703  1.00 23.59 ? 129 GLU A CA  1 
ATOM   1006 C  C   . GLU A 1 129 ? 25.319  -12.005 -2.104  1.00 21.34 ? 129 GLU A C   1 
ATOM   1007 O  O   . GLU A 1 129 ? 25.235  -11.846 -0.884  1.00 21.39 ? 129 GLU A O   1 
ATOM   1008 C  CB  . GLU A 1 129 ? 26.794  -13.781 -3.075  1.00 24.79 ? 129 GLU A CB  1 
ATOM   1009 C  CG  . GLU A 1 129 ? 27.823  -13.459 -1.995  1.00 32.50 ? 129 GLU A CG  1 
ATOM   1010 C  CD  . GLU A 1 129 ? 29.235  -13.898 -2.361  1.00 41.37 ? 129 GLU A CD  1 
ATOM   1011 O  OE1 . GLU A 1 129 ? 29.721  -13.529 -3.454  1.00 41.12 ? 129 GLU A OE1 1 
ATOM   1012 O  OE2 . GLU A 1 129 ? 29.863  -14.614 -1.546  1.00 48.41 ? 129 GLU A OE2 1 
ATOM   1013 N  N   . GLU A 1 130 ? 25.378  -10.999 -2.967  1.00 20.82 ? 130 GLU A N   1 
ATOM   1014 C  CA  . GLU A 1 130 ? 25.333  -9.601  -2.515  1.00 17.41 ? 130 GLU A CA  1 
ATOM   1015 C  C   . GLU A 1 130 ? 23.957  -9.264  -1.959  1.00 20.68 ? 130 GLU A C   1 
ATOM   1016 O  O   . GLU A 1 130 ? 23.846  -8.543  -0.964  1.00 19.99 ? 130 GLU A O   1 
ATOM   1017 C  CB  . GLU A 1 130 ? 25.700  -8.649  -3.662  1.00 18.17 ? 130 GLU A CB  1 
ATOM   1018 C  CG  . GLU A 1 130 ? 27.163  -8.796  -4.119  1.00 20.21 ? 130 GLU A CG  1 
ATOM   1019 C  CD  . GLU A 1 130 ? 27.432  -8.184  -5.471  1.00 22.62 ? 130 GLU A CD  1 
ATOM   1020 O  OE1 . GLU A 1 130 ? 26.470  -7.873  -6.202  1.00 21.96 ? 130 GLU A OE1 1 
ATOM   1021 O  OE2 . GLU A 1 130 ? 28.620  -8.001  -5.801  1.00 27.76 ? 130 GLU A OE2 1 
ATOM   1022 N  N   . GLN A 1 131 ? 22.906  -9.772  -2.593  1.00 19.04 ? 131 GLN A N   1 
ATOM   1023 C  CA  . GLN A 1 131 ? 21.557  -9.548  -2.074  1.00 18.56 ? 131 GLN A CA  1 
ATOM   1024 C  C   . GLN A 1 131 ? 21.376  -10.149 -0.683  1.00 20.53 ? 131 GLN A C   1 
ATOM   1025 O  O   . GLN A 1 131 ? 20.665  -9.591  0.143   1.00 20.15 ? 131 GLN A O   1 
ATOM   1026 C  CB  . GLN A 1 131 ? 20.481  -10.079 -3.020  1.00 17.99 ? 131 GLN A CB  1 
ATOM   1027 C  CG  . GLN A 1 131 ? 20.418  -9.353  -4.336  1.00 18.04 ? 131 GLN A CG  1 
ATOM   1028 C  CD  . GLN A 1 131 ? 19.224  -9.798  -5.154  1.00 22.43 ? 131 GLN A CD  1 
ATOM   1029 O  OE1 . GLN A 1 131 ? 18.347  -10.496 -4.650  1.00 24.63 ? 131 GLN A OE1 1 
ATOM   1030 N  NE2 . GLN A 1 131 ? 19.197  -9.423  -6.420  1.00 25.00 ? 131 GLN A NE2 1 
ATOM   1031 N  N   . GLU A 1 132 ? 22.016  -11.289 -0.428  1.00 18.83 ? 132 GLU A N   1 
ATOM   1032 C  CA  . GLU A 1 132 ? 21.970  -11.880 0.907   1.00 21.27 ? 132 GLU A CA  1 
ATOM   1033 C  C   . GLU A 1 132 ? 22.587  -10.947 1.954   1.00 19.97 ? 132 GLU A C   1 
ATOM   1034 O  O   . GLU A 1 132 ? 22.044  -10.809 3.058   1.00 18.94 ? 132 GLU A O   1 
ATOM   1035 C  CB  . GLU A 1 132 ? 22.685  -13.230 0.922   1.00 24.50 ? 132 GLU A CB  1 
ATOM   1036 C  CG  . GLU A 1 132 ? 22.520  -13.968 2.237   1.00 29.66 ? 132 GLU A CG  1 
ATOM   1037 C  CD  . GLU A 1 132 ? 23.098  -15.372 2.192   1.00 42.52 ? 132 GLU A CD  1 
ATOM   1038 O  OE1 . GLU A 1 132 ? 24.022  -15.617 1.380   1.00 42.35 ? 132 GLU A OE1 1 
ATOM   1039 O  OE2 . GLU A 1 132 ? 22.624  -16.234 2.967   1.00 51.10 ? 132 GLU A OE2 1 
ATOM   1040 N  N   . VAL A 1 133 ? 23.712  -10.316 1.609   1.00 18.11 ? 133 VAL A N   1 
ATOM   1041 C  CA  . VAL A 1 133 ? 24.351  -9.357  2.509   1.00 18.03 ? 133 VAL A CA  1 
ATOM   1042 C  C   . VAL A 1 133 ? 23.389  -8.200  2.792   1.00 17.75 ? 133 VAL A C   1 
ATOM   1043 O  O   . VAL A 1 133 ? 23.160  -7.833  3.945   1.00 18.01 ? 133 VAL A O   1 
ATOM   1044 C  CB  . VAL A 1 133 ? 25.667  -8.803  1.921   1.00 18.76 ? 133 VAL A CB  1 
ATOM   1045 C  CG1 . VAL A 1 133 ? 26.203  -7.661  2.773   1.00 18.88 ? 133 VAL A CG1 1 
ATOM   1046 C  CG2 . VAL A 1 133 ? 26.704  -9.925  1.814   1.00 22.08 ? 133 VAL A CG2 1 
ATOM   1047 N  N   . ILE A 1 134 ? 22.837  -7.628  1.728   1.00 16.64 ? 134 ILE A N   1 
ATOM   1048 C  CA  . ILE A 1 134 ? 21.883  -6.531  1.870   1.00 16.77 ? 134 ILE A CA  1 
ATOM   1049 C  C   . ILE A 1 134 ? 20.689  -6.957  2.727   1.00 18.70 ? 134 ILE A C   1 
ATOM   1050 O  O   . ILE A 1 134 ? 20.254  -6.231  3.618   1.00 16.97 ? 134 ILE A O   1 
ATOM   1051 C  CB  . ILE A 1 134 ? 21.405  -6.032  0.505   1.00 17.35 ? 134 ILE A CB  1 
ATOM   1052 C  CG1 . ILE A 1 134 ? 22.583  -5.444  -0.275  1.00 17.86 ? 134 ILE A CG1 1 
ATOM   1053 C  CG2 . ILE A 1 134 ? 20.303  -4.975  0.677   1.00 19.51 ? 134 ILE A CG2 1 
ATOM   1054 C  CD1 . ILE A 1 134 ? 22.308  -5.273  -1.780  1.00 20.42 ? 134 ILE A CD1 1 
ATOM   1055 N  N   . SER A 1 135 ? 20.159  -8.144  2.455   1.00 16.98 ? 135 SER A N   1 
ATOM   1056 C  CA  . SER A 1 135 ? 19.000  -8.639  3.198   1.00 16.59 ? 135 SER A CA  1 
ATOM   1057 C  C   . SER A 1 135 ? 19.290  -8.793  4.694   1.00 17.26 ? 135 SER A C   1 
ATOM   1058 O  O   . SER A 1 135 ? 18.476  -8.393  5.539   1.00 18.86 ? 135 SER A O   1 
ATOM   1059 C  CB  . SER A 1 135 ? 18.533  -9.975  2.606   1.00 18.22 ? 135 SER A CB  1 
ATOM   1060 O  OG  . SER A 1 135 ? 17.415  -10.487 3.305   1.00 22.17 ? 135 SER A OG  1 
ATOM   1061 N  N   . LYS A 1 136 ? 20.445  -9.369  5.020   1.00 17.89 ? 136 LYS A N   1 
ATOM   1062 C  CA  . LYS A 1 136 ? 20.854  -9.524  6.414   1.00 17.27 ? 136 LYS A CA  1 
ATOM   1063 C  C   . LYS A 1 136 ? 20.985  -8.166  7.086   1.00 18.85 ? 136 LYS A C   1 
ATOM   1064 O  O   . LYS A 1 136 ? 20.533  -7.987  8.217   1.00 19.38 ? 136 LYS A O   1 
ATOM   1065 C  CB  . LYS A 1 136 ? 22.163  -10.316 6.515   1.00 18.35 ? 136 LYS A CB  1 
ATOM   1066 C  CG  . LYS A 1 136 ? 21.961  -11.787 6.177   1.00 23.00 ? 136 LYS A CG  1 
ATOM   1067 C  CD  . LYS A 1 136 ? 23.246  -12.590 6.321   1.00 30.77 ? 136 LYS A CD  1 
ATOM   1068 C  CE  . LYS A 1 136 ? 23.583  -12.843 7.778   1.00 42.31 ? 136 LYS A CE  1 
ATOM   1069 N  NZ  . LYS A 1 136 ? 24.722  -13.802 7.911   1.00 45.05 ? 136 LYS A NZ  1 
ATOM   1070 N  N   . PHE A 1 137 ? 21.575  -7.218  6.365   1.00 18.03 ? 137 PHE A N   1 
ATOM   1071 C  CA  . PHE A 1 137 ? 21.690  -5.848  6.842   1.00 17.47 ? 137 PHE A CA  1 
ATOM   1072 C  C   . PHE A 1 137 ? 20.312  -5.231  7.134   1.00 18.93 ? 137 PHE A C   1 
ATOM   1073 O  O   . PHE A 1 137 ? 20.080  -4.667  8.212   1.00 18.61 ? 137 PHE A O   1 
ATOM   1074 C  CB  . PHE A 1 137 ? 22.449  -4.989  5.817   1.00 16.97 ? 137 PHE A CB  1 
ATOM   1075 C  CG  . PHE A 1 137 ? 22.461  -3.533  6.169   1.00 18.02 ? 137 PHE A CG  1 
ATOM   1076 C  CD1 . PHE A 1 137 ? 23.289  -3.068  7.182   1.00 21.65 ? 137 PHE A CD1 1 
ATOM   1077 C  CD2 . PHE A 1 137 ? 21.644  -2.641  5.500   1.00 21.72 ? 137 PHE A CD2 1 
ATOM   1078 C  CE1 . PHE A 1 137 ? 23.291  -1.738  7.525   1.00 24.14 ? 137 PHE A CE1 1 
ATOM   1079 C  CE2 . PHE A 1 137 ? 21.645  -1.296  5.845   1.00 23.60 ? 137 PHE A CE2 1 
ATOM   1080 C  CZ  . PHE A 1 137 ? 22.470  -0.857  6.858   1.00 21.87 ? 137 PHE A CZ  1 
ATOM   1081 N  N   . LEU A 1 138 ? 19.403  -5.323  6.173   1.00 18.27 ? 138 LEU A N   1 
ATOM   1082 C  CA  . LEU A 1 138 ? 18.088  -4.724  6.348   1.00 17.68 ? 138 LEU A CA  1 
ATOM   1083 C  C   . LEU A 1 138 ? 17.329  -5.359  7.500   1.00 17.52 ? 138 LEU A C   1 
ATOM   1084 O  O   . LEU A 1 138 ? 16.641  -4.667  8.246   1.00 19.86 ? 138 LEU A O   1 
ATOM   1085 C  CB  . LEU A 1 138 ? 17.260  -4.815  5.071   1.00 18.00 ? 138 LEU A CB  1 
ATOM   1086 C  CG  . LEU A 1 138 ? 17.795  -3.974  3.917   1.00 19.05 ? 138 LEU A CG  1 
ATOM   1087 C  CD1 . LEU A 1 138 ? 16.906  -4.221  2.709   1.00 21.26 ? 138 LEU A CD1 1 
ATOM   1088 C  CD2 . LEU A 1 138 ? 17.821  -2.501  4.297   1.00 22.07 ? 138 LEU A CD2 1 
ATOM   1089 N  N   . SER A 1 139 ? 17.428  -6.683  7.617   1.00 19.36 ? 139 SER A N   1 
ATOM   1090 C  CA  . SER A 1 139 ? 16.743  -7.397  8.690   1.00 18.60 ? 139 SER A CA  1 
ATOM   1091 C  C   . SER A 1 139 ? 17.240  -6.932  10.049  1.00 20.14 ? 139 SER A C   1 
ATOM   1092 O  O   . SER A 1 139 ? 16.446  -6.668  10.951  1.00 20.60 ? 139 SER A O   1 
ATOM   1093 C  CB  . SER A 1 139 ? 16.945  -8.901  8.529   1.00 21.15 ? 139 SER A CB  1 
ATOM   1094 O  OG  . SER A 1 139 ? 16.227  -9.367  7.404   1.00 26.33 ? 139 SER A OG  1 
ATOM   1095 N  N   . ALA A 1 140 ? 18.556  -6.806  10.178  1.00 19.36 ? 140 ALA A N   1 
ATOM   1096 C  CA  . ALA A 1 140 ? 19.159  -6.404  11.442  1.00 19.88 ? 140 ALA A CA  1 
ATOM   1097 C  C   . ALA A 1 140 ? 18.818  -4.964  11.775  1.00 18.88 ? 140 ALA A C   1 
ATOM   1098 O  O   . ALA A 1 140 ? 18.507  -4.636  12.926  1.00 21.72 ? 140 ALA A O   1 
ATOM   1099 C  CB  . ALA A 1 140 ? 20.666  -6.591  11.396  1.00 21.06 ? 140 ALA A CB  1 
ATOM   1100 N  N   . LEU A 1 141 ? 18.873  -4.093  10.772  1.00 17.30 ? 141 LEU A N   1 
ATOM   1101 C  CA  . LEU A 1 141 ? 18.576  -2.688  11.009  1.00 16.86 ? 141 LEU A CA  1 
ATOM   1102 C  C   . LEU A 1 141 ? 17.108  -2.514  11.398  1.00 19.01 ? 141 LEU A C   1 
ATOM   1103 O  O   . LEU A 1 141 ? 16.772  -1.714  12.270  1.00 19.25 ? 141 LEU A O   1 
ATOM   1104 C  CB  . LEU A 1 141 ? 18.906  -1.874  9.765   1.00 17.26 ? 141 LEU A CB  1 
ATOM   1105 C  CG  . LEU A 1 141 ? 18.823  -0.360  9.898   1.00 16.52 ? 141 LEU A CG  1 
ATOM   1106 C  CD1 . LEU A 1 141 ? 19.651  0.126   11.083  1.00 19.94 ? 141 LEU A CD1 1 
ATOM   1107 C  CD2 . LEU A 1 141 ? 19.296  0.287   8.604   1.00 17.88 ? 141 LEU A CD2 1 
ATOM   1108 N  N   . THR A 1 142 ? 16.240  -3.283  10.754  1.00 17.69 ? 142 THR A N   1 
ATOM   1109 C  CA  . THR A 1 142 ? 14.810  -3.238  11.065  1.00 20.22 ? 142 THR A CA  1 
ATOM   1110 C  C   . THR A 1 142 ? 14.555  -3.501  12.545  1.00 20.45 ? 142 THR A C   1 
ATOM   1111 O  O   . THR A 1 142 ? 13.692  -2.866  13.149  1.00 21.39 ? 142 THR A O   1 
ATOM   1112 C  CB  . THR A 1 142 ? 14.035  -4.279  10.247  1.00 22.55 ? 142 THR A CB  1 
ATOM   1113 O  OG1 . THR A 1 142 ? 14.026  -3.880  8.876   1.00 20.80 ? 142 THR A OG1 1 
ATOM   1114 C  CG2 . THR A 1 142 ? 12.602  -4.404  10.747  1.00 26.69 ? 142 THR A CG2 1 
ATOM   1115 N  N   . GLU A 1 143 ? 15.316  -4.423  13.123  1.00 21.30 ? 143 GLU A N   1 
ATOM   1116 C  CA  . GLU A 1 143 ? 15.125  -4.798  14.523  1.00 19.32 ? 143 GLU A CA  1 
ATOM   1117 C  C   . GLU A 1 143 ? 15.374  -3.632  15.476  1.00 21.63 ? 143 GLU A C   1 
ATOM   1118 O  O   . GLU A 1 143 ? 14.847  -3.606  16.587  1.00 23.01 ? 143 GLU A O   1 
ATOM   1119 C  CB  . GLU A 1 143 ? 16.030  -5.966  14.901  1.00 22.40 ? 143 GLU A CB  1 
ATOM   1120 C  CG  . GLU A 1 143 ? 15.733  -7.252  14.137  1.00 26.43 ? 143 GLU A CG  1 
ATOM   1121 C  CD  . GLU A 1 143 ? 16.504  -8.436  14.690  1.00 34.55 ? 143 GLU A CD  1 
ATOM   1122 O  OE1 . GLU A 1 143 ? 17.179  -8.281  15.733  1.00 38.84 ? 143 GLU A OE1 1 
ATOM   1123 O  OE2 . GLU A 1 143 ? 16.427  -9.527  14.090  1.00 41.49 ? 143 GLU A OE2 1 
ATOM   1124 N  N   . GLU A 1 144 ? 16.183  -2.672  15.044  1.00 20.26 ? 144 GLU A N   1 
ATOM   1125 C  CA  . GLU A 1 144 ? 16.529  -1.553  15.914  1.00 20.88 ? 144 GLU A CA  1 
ATOM   1126 C  C   . GLU A 1 144 ? 15.386  -0.560  16.022  1.00 22.65 ? 144 GLU A C   1 
ATOM   1127 O  O   . GLU A 1 144 ? 15.362  0.269   16.941  1.00 22.95 ? 144 GLU A O   1 
ATOM   1128 C  CB  . GLU A 1 144 ? 17.793  -0.840  15.412  1.00 18.85 ? 144 GLU A CB  1 
ATOM   1129 C  CG  . GLU A 1 144 ? 19.036  -1.723  15.318  1.00 19.59 ? 144 GLU A CG  1 
ATOM   1130 C  CD  . GLU A 1 144 ? 19.555  -2.202  16.674  1.00 22.27 ? 144 GLU A CD  1 
ATOM   1131 O  OE1 . GLU A 1 144 ? 19.018  -1.758  17.710  1.00 23.25 ? 144 GLU A OE1 1 
ATOM   1132 O  OE2 . GLU A 1 144 ? 20.508  -3.007  16.690  1.00 24.53 ? 144 GLU A OE2 1 
ATOM   1133 N  N   . PHE A 1 145 ? 14.443  -0.632  15.085  1.00 22.90 ? 145 PHE A N   1 
ATOM   1134 C  CA  . PHE A 1 145 ? 13.370  0.348   15.016  1.00 24.92 ? 145 PHE A CA  1 
ATOM   1135 C  C   . PHE A 1 145 ? 12.021  -0.186  15.466  1.00 29.15 ? 145 PHE A C   1 
ATOM   1136 O  O   . PHE A 1 145 ? 10.985  0.434   15.220  1.00 33.10 ? 145 PHE A O   1 
ATOM   1137 C  CB  . PHE A 1 145 ? 13.308  0.958   13.612  1.00 24.64 ? 145 PHE A CB  1 
ATOM   1138 C  CG  . PHE A 1 145 ? 14.521  1.773   13.279  1.00 23.27 ? 145 PHE A CG  1 
ATOM   1139 C  CD1 . PHE A 1 145 ? 14.642  3.069   13.752  1.00 22.37 ? 145 PHE A CD1 1 
ATOM   1140 C  CD2 . PHE A 1 145 ? 15.566  1.238   12.553  1.00 23.85 ? 145 PHE A CD2 1 
ATOM   1141 C  CE1 . PHE A 1 145 ? 15.763  3.821   13.480  1.00 24.25 ? 145 PHE A CE1 1 
ATOM   1142 C  CE2 . PHE A 1 145 ? 16.687  1.988   12.277  1.00 23.69 ? 145 PHE A CE2 1 
ATOM   1143 C  CZ  . PHE A 1 145 ? 16.789  3.280   12.747  1.00 25.24 ? 145 PHE A CZ  1 
ATOM   1144 N  N   . GLN A 1 146 ? 12.050  -1.332  16.142  1.00 28.59 ? 146 GLN A N   1 
ATOM   1145 C  CA  . GLN A 1 146 ? 10.853  -1.888  16.765  1.00 32.84 ? 146 GLN A CA  1 
ATOM   1146 C  C   . GLN A 1 146 ? 10.587  -1.237  18.117  1.00 37.02 ? 146 GLN A C   1 
ATOM   1147 O  O   . GLN A 1 146 ? 11.517  -0.937  18.865  1.00 40.17 ? 146 GLN A O   1 
ATOM   1148 C  CB  . GLN A 1 146 ? 11.002  -3.396  16.932  1.00 33.19 ? 146 GLN A CB  1 
ATOM   1149 C  CG  . GLN A 1 146 ? 11.237  -4.103  15.624  1.00 30.09 ? 146 GLN A CG  1 
ATOM   1150 C  CD  . GLN A 1 146 ? 10.194  -3.746  14.591  1.00 35.07 ? 146 GLN A CD  1 
ATOM   1151 O  OE1 . GLN A 1 146 ? 9.002   -3.982  14.792  1.00 42.05 ? 146 GLN A OE1 1 
ATOM   1152 N  NE2 . GLN A 1 146 ? 10.632  -3.167  13.481  1.00 32.97 ? 146 GLN A NE2 1 
HETATM 1153 ZN ZN  . ZN  B 2 .   ? -0.710  1.834   -1.117  1.00 22.57 ? 201 ZN  A ZN  1 
HETATM 1154 O  O   . HOH C 3 .   ? -8.867  -3.184  14.356  1.00 37.06 ? 301 HOH A O   1 
HETATM 1155 O  O   . HOH C 3 .   ? 16.141  1.668   -12.554 1.00 40.43 ? 302 HOH A O   1 
HETATM 1156 O  O   . HOH C 3 .   ? -4.917  -7.257  -9.723  1.00 48.67 ? 303 HOH A O   1 
HETATM 1157 O  O   . HOH C 3 .   ? 2.760   9.399   -11.316 1.00 38.15 ? 304 HOH A O   1 
HETATM 1158 O  O   . HOH C 3 .   ? -0.195  4.769   6.422   1.00 42.92 ? 305 HOH A O   1 
HETATM 1159 O  O   . HOH C 3 .   ? -12.286 9.991   -10.166 1.00 39.12 ? 306 HOH A O   1 
HETATM 1160 O  O   . HOH C 3 .   ? 30.438  -9.584  -4.900  1.00 33.58 ? 307 HOH A O   1 
HETATM 1161 O  O   . HOH C 3 .   ? 19.449  1.490   -9.190  1.00 36.67 ? 308 HOH A O   1 
HETATM 1162 O  O   . HOH C 3 .   ? -1.869  4.692   -14.146 1.00 39.97 ? 309 HOH A O   1 
HETATM 1163 O  O   . HOH C 3 .   ? 12.311  0.076   21.142  1.00 31.90 ? 310 HOH A O   1 
HETATM 1164 O  O   . HOH C 3 .   ? -0.310  16.881  -7.696  1.00 58.38 ? 311 HOH A O   1 
HETATM 1165 O  O   . HOH C 3 .   ? -2.835  -4.566  4.085   1.00 36.78 ? 312 HOH A O   1 
HETATM 1166 O  O   . HOH C 3 .   ? -3.833  -1.144  5.635   1.00 41.91 ? 313 HOH A O   1 
HETATM 1167 O  O   . HOH C 3 .   ? 2.679   14.036  -12.076 1.00 34.64 ? 314 HOH A O   1 
HETATM 1168 O  O   . HOH C 3 .   ? 19.200  13.129  0.744   1.00 40.28 ? 315 HOH A O   1 
HETATM 1169 O  O   . HOH C 3 .   ? -3.351  8.049   -0.500  1.00 39.07 ? 316 HOH A O   1 
HETATM 1170 O  O   . HOH C 3 .   ? 25.901  11.326  10.761  1.00 37.57 ? 317 HOH A O   1 
HETATM 1171 O  O   . HOH C 3 .   ? -17.126 11.149  4.488   1.00 43.90 ? 318 HOH A O   1 
HETATM 1172 O  O   . HOH C 3 .   ? 13.798  1.545   18.659  1.00 27.54 ? 319 HOH A O   1 
HETATM 1173 O  O   . HOH C 3 .   ? -23.035 -7.945  -7.122  1.00 41.77 ? 320 HOH A O   1 
HETATM 1174 O  O   . HOH C 3 .   ? 19.516  8.016   12.294  1.00 22.82 ? 321 HOH A O   1 
HETATM 1175 O  O   . HOH C 3 .   ? 17.164  -9.518  18.099  1.00 43.07 ? 322 HOH A O   1 
HETATM 1176 O  O   . HOH C 3 .   ? 18.112  -9.915  12.046  1.00 38.17 ? 323 HOH A O   1 
HETATM 1177 O  O   . HOH C 3 .   ? -5.169  6.773   -5.937  1.00 29.84 ? 324 HOH A O   1 
HETATM 1178 O  O   . HOH C 3 .   ? -2.005  0.132   4.399   1.00 41.43 ? 325 HOH A O   1 
HETATM 1179 O  O   . HOH C 3 .   ? -15.247 -3.358  -8.464  1.00 28.73 ? 326 HOH A O   1 
HETATM 1180 O  O   . HOH C 3 .   ? 28.901  -11.801 -5.360  1.00 29.03 ? 327 HOH A O   1 
HETATM 1181 O  O   . HOH C 3 .   ? 31.655  6.795   12.528  1.00 39.47 ? 328 HOH A O   1 
HETATM 1182 O  O   . HOH C 3 .   ? 0.378   -2.405  -8.278  1.00 31.52 ? 329 HOH A O   1 
HETATM 1183 O  O   . HOH C 3 .   ? 9.973   1.558   -13.823 1.00 35.70 ? 330 HOH A O   1 
HETATM 1184 O  O   . HOH C 3 .   ? -19.918 -8.487  3.273   1.00 28.01 ? 331 HOH A O   1 
HETATM 1185 O  O   . HOH C 3 .   ? 25.788  9.817   2.918   1.00 34.76 ? 332 HOH A O   1 
HETATM 1186 O  O   . HOH C 3 .   ? 23.725  8.199   3.272   1.00 28.86 ? 333 HOH A O   1 
HETATM 1187 O  O   . HOH C 3 .   ? 13.592  -9.971  7.677   1.00 38.40 ? 334 HOH A O   1 
HETATM 1188 O  O   . HOH C 3 .   ? 17.104  -9.754  -8.468  1.00 35.18 ? 335 HOH A O   1 
HETATM 1189 O  O   . HOH C 3 .   ? 25.762  -4.533  -11.445 1.00 34.29 ? 336 HOH A O   1 
HETATM 1190 O  O   . HOH C 3 .   ? -5.758  6.769   -13.234 1.00 36.07 ? 337 HOH A O   1 
HETATM 1191 O  O   . HOH C 3 .   ? 7.753   14.736  2.340   1.00 40.13 ? 338 HOH A O   1 
HETATM 1192 O  O   . HOH C 3 .   ? -4.176  -12.729 3.029   1.00 40.93 ? 339 HOH A O   1 
HETATM 1193 O  O   . HOH C 3 .   ? 17.477  -11.363 6.026   1.00 32.47 ? 340 HOH A O   1 
HETATM 1194 O  O   . HOH C 3 .   ? 20.393  -5.059  14.893  1.00 27.65 ? 341 HOH A O   1 
HETATM 1195 O  O   . HOH C 3 .   ? 13.678  -8.221  -5.675  1.00 30.04 ? 342 HOH A O   1 
HETATM 1196 O  O   . HOH C 3 .   ? -18.324 -1.647  -10.646 1.00 42.34 ? 343 HOH A O   1 
HETATM 1197 O  O   . HOH C 3 .   ? 20.603  -11.190 -8.897  1.00 35.18 ? 344 HOH A O   1 
HETATM 1198 O  O   . HOH C 3 .   ? 35.519  4.717   8.114   1.00 52.76 ? 345 HOH A O   1 
HETATM 1199 O  O   . HOH C 3 .   ? -10.589 9.500   3.465   1.00 36.67 ? 346 HOH A O   1 
HETATM 1200 O  O   . HOH C 3 .   ? -9.484  1.278   8.739   1.00 28.20 ? 347 HOH A O   1 
HETATM 1201 O  O   . HOH C 3 .   ? -21.482 -3.986  -5.400  1.00 28.71 ? 348 HOH A O   1 
HETATM 1202 O  O   . HOH C 3 .   ? 2.335   14.364  -1.349  1.00 61.90 ? 349 HOH A O   1 
HETATM 1203 O  O   . HOH C 3 .   ? -24.611 -0.483  1.941   1.00 27.80 ? 350 HOH A O   1 
HETATM 1204 O  O   . HOH C 3 .   ? -11.556 -12.447 6.884   1.00 26.45 ? 351 HOH A O   1 
HETATM 1205 O  O   . HOH C 3 .   ? -6.702  2.988   -4.749  1.00 25.07 ? 352 HOH A O   1 
HETATM 1206 O  O   . HOH C 3 .   ? 5.224   2.842   3.071   1.00 34.03 ? 353 HOH A O   1 
HETATM 1207 O  O   . HOH C 3 .   ? -19.637 -3.455  8.945   1.00 28.23 ? 354 HOH A O   1 
HETATM 1208 O  O   . HOH C 3 .   ? 3.073   8.443   -1.024  1.00 35.50 ? 355 HOH A O   1 
HETATM 1209 O  O   . HOH C 3 .   ? -5.740  10.887  5.172   1.00 46.69 ? 356 HOH A O   1 
HETATM 1210 O  O   . HOH C 3 .   ? 19.279  14.972  3.896   1.00 52.11 ? 357 HOH A O   1 
HETATM 1211 O  O   . HOH C 3 .   ? 18.858  -3.174  -13.143 1.00 33.29 ? 358 HOH A O   1 
HETATM 1212 O  O   . HOH C 3 .   ? 24.025  -15.283 10.128  1.00 59.89 ? 359 HOH A O   1 
HETATM 1213 O  O   . HOH C 3 .   ? -20.942 1.287   5.168   1.00 41.74 ? 360 HOH A O   1 
HETATM 1214 O  O   . HOH C 3 .   ? -21.620 5.048   -3.528  1.00 37.50 ? 361 HOH A O   1 
HETATM 1215 O  O   . HOH C 3 .   ? -14.088 -11.892 -4.289  1.00 39.10 ? 362 HOH A O   1 
HETATM 1216 O  O   . HOH C 3 .   ? -14.904 0.384   12.737  1.00 27.91 ? 363 HOH A O   1 
HETATM 1217 O  O   . HOH C 3 .   ? 32.739  9.289   8.999   1.00 43.69 ? 364 HOH A O   1 
HETATM 1218 O  O   . HOH C 3 .   ? -21.204 5.022   4.335   1.00 33.49 ? 365 HOH A O   1 
HETATM 1219 O  O   . HOH C 3 .   ? 26.227  -13.543 1.064   1.00 35.20 ? 366 HOH A O   1 
HETATM 1220 O  O   . HOH C 3 .   ? 13.911  -2.450  18.924  1.00 24.19 ? 367 HOH A O   1 
HETATM 1221 O  O   . HOH C 3 .   ? -15.102 5.860   8.560   1.00 36.08 ? 368 HOH A O   1 
HETATM 1222 O  O   . HOH C 3 .   ? 4.524   1.382   -13.038 1.00 34.60 ? 369 HOH A O   1 
HETATM 1223 O  O   . HOH C 3 .   ? 19.670  11.296  10.261  1.00 33.93 ? 370 HOH A O   1 
HETATM 1224 O  O   . HOH C 3 .   ? 18.668  -13.305 -4.112  1.00 30.91 ? 371 HOH A O   1 
HETATM 1225 O  O   . HOH C 3 .   ? -6.806  0.160   8.750   1.00 29.43 ? 372 HOH A O   1 
HETATM 1226 O  O   . HOH C 3 .   ? 20.236  11.075  13.606  1.00 28.89 ? 373 HOH A O   1 
HETATM 1227 O  O   . HOH C 3 .   ? -3.827  -2.292  3.440   1.00 33.61 ? 374 HOH A O   1 
HETATM 1228 O  O   . HOH C 3 .   ? -10.590 -3.255  -13.088 1.00 45.47 ? 375 HOH A O   1 
HETATM 1229 O  O   . HOH C 3 .   ? -11.071 -16.369 5.162   1.00 34.83 ? 376 HOH A O   1 
HETATM 1230 O  O   . HOH C 3 .   ? -22.934 13.152  -5.489  1.00 49.44 ? 377 HOH A O   1 
HETATM 1231 O  O   . HOH C 3 .   ? -5.873  -2.962  -8.479  1.00 34.13 ? 378 HOH A O   1 
HETATM 1232 O  O   . HOH C 3 .   ? 25.003  -16.589 8.025   1.00 60.07 ? 379 HOH A O   1 
HETATM 1233 O  O   . HOH C 3 .   ? 5.046   -0.632  -3.103  1.00 36.92 ? 380 HOH A O   1 
HETATM 1234 O  O   . HOH C 3 .   ? 7.109   9.946   -5.214  1.00 35.05 ? 381 HOH A O   1 
HETATM 1235 O  O   . HOH C 3 .   ? -19.821 7.953   -7.637  1.00 31.59 ? 382 HOH A O   1 
HETATM 1236 O  O   . HOH C 3 .   ? -10.834 -9.951  -3.324  1.00 39.12 ? 383 HOH A O   1 
HETATM 1237 O  O   . HOH C 3 .   ? -2.526  7.066   -5.084  1.00 32.65 ? 384 HOH A O   1 
HETATM 1238 O  O   . HOH C 3 .   ? 20.123  -14.000 -2.010  1.00 36.02 ? 385 HOH A O   1 
HETATM 1239 O  O   . HOH C 3 .   ? -22.436 10.490  0.906   1.00 39.72 ? 386 HOH A O   1 
HETATM 1240 O  O   . HOH C 3 .   ? 4.443   12.500  8.552   1.00 38.79 ? 387 HOH A O   1 
HETATM 1241 O  O   . HOH C 3 .   ? 8.955   11.591  8.395   1.00 34.09 ? 388 HOH A O   1 
HETATM 1242 O  O   . HOH C 3 .   ? -16.820 7.844   8.151   1.00 45.85 ? 389 HOH A O   1 
HETATM 1243 O  O   . HOH C 3 .   ? 13.916  -7.950  11.188  1.00 28.25 ? 390 HOH A O   1 
HETATM 1244 O  O   . HOH C 3 .   ? 6.367   -3.788  -9.999  1.00 32.59 ? 391 HOH A O   1 
HETATM 1245 O  O   . HOH C 3 .   ? 20.411  13.115  5.159   1.00 41.71 ? 392 HOH A O   1 
HETATM 1246 O  O   . HOH C 3 .   ? -9.075  0.529   -11.824 1.00 35.22 ? 393 HOH A O   1 
HETATM 1247 O  O   . HOH C 3 .   ? -19.983 10.797  -7.239  1.00 44.45 ? 394 HOH A O   1 
HETATM 1248 O  O   . HOH C 3 .   ? 4.247   6.029   -9.653  1.00 28.98 ? 395 HOH A O   1 
HETATM 1249 O  O   . HOH C 3 .   ? 7.040   0.207   -13.439 1.00 35.52 ? 396 HOH A O   1 
HETATM 1250 O  O   . HOH C 3 .   ? 20.214  -10.202 10.016  1.00 34.14 ? 397 HOH A O   1 
HETATM 1251 O  O   . HOH C 3 .   ? 13.295  -5.884  17.416  1.00 26.02 ? 398 HOH A O   1 
HETATM 1252 O  O   . HOH C 3 .   ? -7.120  -17.593 3.224   1.00 39.67 ? 399 HOH A O   1 
HETATM 1253 O  O   . HOH C 3 .   ? 4.630   10.028  7.587   1.00 36.35 ? 400 HOH A O   1 
HETATM 1254 O  O   . HOH C 3 .   ? 16.295  1.503   -9.588  1.00 24.99 ? 401 HOH A O   1 
HETATM 1255 O  O   . HOH C 3 .   ? 1.003   1.288   -14.744 1.00 41.14 ? 402 HOH A O   1 
HETATM 1256 O  O   . HOH C 3 .   ? 0.979   8.334   1.008   1.00 39.23 ? 403 HOH A O   1 
HETATM 1257 O  O   . HOH C 3 .   ? -5.078  -9.920  -4.326  1.00 53.21 ? 404 HOH A O   1 
HETATM 1258 O  O   . HOH C 3 .   ? -19.024 0.150   6.683   1.00 26.72 ? 405 HOH A O   1 
HETATM 1259 O  O   . HOH C 3 .   ? 11.890  2.374   -12.115 1.00 27.22 ? 406 HOH A O   1 
HETATM 1260 O  O   . HOH C 3 .   ? -6.036  -12.120 6.941   1.00 26.17 ? 407 HOH A O   1 
HETATM 1261 O  O   . HOH C 3 .   ? 28.182  -16.611 -2.869  1.00 45.66 ? 408 HOH A O   1 
HETATM 1262 O  O   . HOH C 3 .   ? 31.658  10.110  13.097  1.00 47.25 ? 409 HOH A O   1 
HETATM 1263 O  O   . HOH C 3 .   ? -14.460 -7.716  7.665   1.00 22.08 ? 410 HOH A O   1 
HETATM 1264 O  O   . HOH C 3 .   ? -19.094 7.263   -10.178 1.00 29.31 ? 411 HOH A O   1 
HETATM 1265 O  O   . HOH C 3 .   ? -18.491 -10.590 4.703   1.00 27.00 ? 412 HOH A O   1 
HETATM 1266 O  O   . HOH C 3 .   ? 9.450   9.816   -6.713  1.00 28.93 ? 413 HOH A O   1 
HETATM 1267 O  O   . HOH C 3 .   ? 15.400  -10.638 -4.750  1.00 38.39 ? 414 HOH A O   1 
HETATM 1268 O  O   . HOH C 3 .   ? -15.390 -9.697  -9.495  1.00 39.68 ? 415 HOH A O   1 
HETATM 1269 O  O   . HOH C 3 .   ? 14.572  13.058  0.746   1.00 37.26 ? 416 HOH A O   1 
HETATM 1270 O  O   . HOH C 3 .   ? -0.044  12.471  -7.233  1.00 54.47 ? 417 HOH A O   1 
HETATM 1271 O  O   . HOH C 3 .   ? 16.754  -4.690  -14.168 1.00 35.61 ? 418 HOH A O   1 
HETATM 1272 O  O   . HOH C 3 .   ? 11.292  -4.025  7.714   1.00 32.04 ? 419 HOH A O   1 
HETATM 1273 O  O   . HOH C 3 .   ? -6.465  -4.238  11.595  1.00 28.32 ? 420 HOH A O   1 
HETATM 1274 O  O   . HOH C 3 .   ? -4.588  3.174   6.642   1.00 28.08 ? 421 HOH A O   1 
HETATM 1275 O  O   . HOH C 3 .   ? -16.127 -5.637  8.306   1.00 22.30 ? 422 HOH A O   1 
HETATM 1276 O  O   . HOH C 3 .   ? -1.701  -5.904  7.885   1.00 39.96 ? 423 HOH A O   1 
HETATM 1277 O  O   . HOH C 3 .   ? -19.668 -2.587  6.346   1.00 26.92 ? 424 HOH A O   1 
HETATM 1278 O  O   . HOH C 3 .   ? -10.649 8.525   6.868   1.00 42.07 ? 425 HOH A O   1 
HETATM 1279 O  O   . HOH C 3 .   ? -2.622  0.487   -12.926 1.00 33.79 ? 426 HOH A O   1 
HETATM 1280 O  O   . HOH C 3 .   ? -2.759  -8.980  -6.876  1.00 53.89 ? 427 HOH A O   1 
HETATM 1281 O  O   . HOH C 3 .   ? -15.792 -12.022 -1.695  1.00 28.65 ? 428 HOH A O   1 
HETATM 1282 O  O   . HOH C 3 .   ? -4.162  -6.075  11.236  1.00 38.60 ? 429 HOH A O   1 
HETATM 1283 O  O   . HOH C 3 .   ? 20.119  -7.661  15.234  1.00 37.15 ? 430 HOH A O   1 
HETATM 1284 O  O   . HOH C 3 .   ? 15.851  -7.415  -7.134  1.00 32.46 ? 431 HOH A O   1 
HETATM 1285 O  O   . HOH C 3 .   ? -3.055  5.609   6.190   1.00 37.01 ? 432 HOH A O   1 
HETATM 1286 O  O   . HOH C 3 .   ? 0.629   2.530   5.024   1.00 44.04 ? 433 HOH A O   1 
HETATM 1287 O  O   . HOH C 3 .   ? 31.630  1.999   3.239   1.00 40.29 ? 434 HOH A O   1 
HETATM 1288 O  O   . HOH C 3 .   ? -9.304  3.740   6.986   1.00 18.44 ? 435 HOH A O   1 
HETATM 1289 O  O   . HOH C 3 .   ? 16.992  -14.620 -7.191  1.00 44.10 ? 436 HOH A O   1 
HETATM 1290 O  O   . HOH C 3 .   ? -21.339 -6.895  5.268   1.00 39.35 ? 437 HOH A O   1 
HETATM 1291 O  O   . HOH C 3 .   ? -25.192 8.129   -4.790  1.00 45.62 ? 438 HOH A O   1 
HETATM 1292 O  O   . HOH C 3 .   ? -28.623 -5.634  3.451   1.00 45.87 ? 439 HOH A O   1 
HETATM 1293 O  O   . HOH C 3 .   ? -10.175 -14.517 -3.692  1.00 47.05 ? 440 HOH A O   1 
HETATM 1294 O  O   . HOH C 3 .   ? 9.991   -6.122  12.266  1.00 47.68 ? 441 HOH A O   1 
HETATM 1295 O  O   . HOH C 3 .   ? 29.702  -11.926 0.339   1.00 42.36 ? 442 HOH A O   1 
HETATM 1296 O  O   . HOH C 3 .   ? 27.058  -12.369 6.030   1.00 44.28 ? 443 HOH A O   1 
HETATM 1297 O  O   . HOH C 3 .   ? 23.523  -9.308  -11.276 1.00 41.43 ? 444 HOH A O   1 
HETATM 1298 O  O   . HOH C 3 .   ? 14.108  -6.490  6.769   1.00 26.88 ? 445 HOH A O   1 
HETATM 1299 O  O   . HOH C 3 .   ? -13.332 -14.389 2.672   1.00 38.07 ? 446 HOH A O   1 
HETATM 1300 O  O   . HOH C 3 .   ? -6.903  -0.615  -10.887 1.00 38.11 ? 447 HOH A O   1 
HETATM 1301 O  O   . HOH C 3 .   ? -0.364  -0.898  -12.366 1.00 38.62 ? 448 HOH A O   1 
HETATM 1302 O  O   . HOH C 3 .   ? 8.050   13.299  -8.202  1.00 37.28 ? 449 HOH A O   1 
HETATM 1303 O  O   . HOH C 3 .   ? 8.724   -5.215  -9.624  1.00 38.15 ? 450 HOH A O   1 
HETATM 1304 O  O   . HOH C 3 .   ? 20.391  4.523   -11.674 1.00 42.93 ? 451 HOH A O   1 
HETATM 1305 O  O   . HOH C 3 .   ? 26.909  -11.131 8.184   1.00 38.84 ? 452 HOH A O   1 
HETATM 1306 O  O   . HOH C 3 .   ? 2.565   -3.494  -7.260  1.00 38.58 ? 453 HOH A O   1 
HETATM 1307 O  O   . HOH C 3 .   ? 3.306   2.351   4.945   1.00 41.25 ? 454 HOH A O   1 
HETATM 1308 O  O   . HOH C 3 .   ? -0.994  6.540   0.403   1.00 37.44 ? 455 HOH A O   1 
HETATM 1309 O  O   . HOH C 3 .   ? -23.392 6.092   -1.905  1.00 43.82 ? 456 HOH A O   1 
HETATM 1310 O  O   . HOH C 3 .   ? 8.978   10.921  -9.179  1.00 29.39 ? 457 HOH A O   1 
HETATM 1311 O  O   . HOH C 3 .   ? -25.368 -2.828  2.673   1.00 46.42 ? 458 HOH A O   1 
HETATM 1312 O  O   . HOH C 3 .   ? -11.298 -12.050 -4.583  1.00 40.88 ? 459 HOH A O   1 
HETATM 1313 O  O   . HOH C 3 .   ? -9.244  4.683   -15.350 1.00 40.15 ? 460 HOH A O   1 
HETATM 1314 O  O   . HOH C 3 .   ? -4.221  -4.407  -2.406  1.00 36.73 ? 461 HOH A O   1 
HETATM 1315 O  O   . HOH C 3 .   ? -4.020  -5.788  -6.886  1.00 46.42 ? 462 HOH A O   1 
HETATM 1316 O  O   . HOH C 3 .   ? -16.438 2.584   11.489  1.00 34.26 ? 463 HOH A O   1 
HETATM 1317 O  O   . HOH C 3 .   ? 18.332  0.578   -13.699 1.00 43.37 ? 464 HOH A O   1 
HETATM 1318 O  O   . HOH C 3 .   ? -21.778 -4.122  4.987   1.00 38.51 ? 465 HOH A O   1 
HETATM 1319 O  O   . HOH C 3 .   ? -22.876 6.849   2.607   1.00 38.66 ? 466 HOH A O   1 
HETATM 1320 O  O   . HOH C 3 .   ? -10.370 0.610   13.086  1.00 41.97 ? 467 HOH A O   1 
HETATM 1321 O  O   . HOH C 3 .   ? -19.823 -7.951  7.557   1.00 40.41 ? 468 HOH A O   1 
HETATM 1322 O  O   . HOH C 3 .   ? -18.268 0.540   -12.713 1.00 48.21 ? 469 HOH A O   1 
HETATM 1323 O  O   . HOH C 3 .   ? -18.719 9.340   -11.811 1.00 45.63 ? 470 HOH A O   1 
HETATM 1324 O  O   . HOH C 3 .   ? -3.118  6.808   -13.356 1.00 41.94 ? 471 HOH A O   1 
HETATM 1325 O  O   . HOH C 3 .   ? 19.391  -16.734 -3.527  1.00 43.34 ? 472 HOH A O   1 
HETATM 1326 O  O   . HOH C 3 .   ? 33.602  2.383   4.599   1.00 45.53 ? 473 HOH A O   1 
HETATM 1327 O  O   . HOH C 3 .   ? 25.857  -13.116 3.783   1.00 41.63 ? 474 HOH A O   1 
HETATM 1328 O  O   . HOH C 3 .   ? 12.225  -6.845  13.268  1.00 36.12 ? 475 HOH A O   1 
HETATM 1329 O  O   . HOH C 3 .   ? -3.544  -14.700 4.977   1.00 42.38 ? 476 HOH A O   1 
HETATM 1330 O  O   . HOH C 3 .   ? -7.731  -3.162  -12.911 1.00 46.73 ? 477 HOH A O   1 
HETATM 1331 O  O   . HOH C 3 .   ? -27.198 -7.075  4.892   1.00 49.76 ? 478 HOH A O   1 
HETATM 1332 O  O   . HOH C 3 .   ? 4.409   5.868   -12.532 1.00 27.59 ? 479 HOH A O   1 
HETATM 1333 O  O   . HOH C 3 .   ? 0.445   -3.498  -1.549  1.00 45.58 ? 480 HOH A O   1 
HETATM 1334 O  O   . HOH C 3 .   ? -6.564  4.200   8.628   1.00 39.34 ? 481 HOH A O   1 
HETATM 1335 O  O   . HOH C 3 .   ? 21.157  -16.601 -1.939  1.00 40.62 ? 482 HOH A O   1 
HETATM 1336 O  O   . HOH C 3 .   ? 12.722  -7.894  8.780   1.00 32.73 ? 483 HOH A O   1 
HETATM 1337 O  O   . HOH C 3 .   ? -0.703  -3.161  -10.812 1.00 41.28 ? 484 HOH A O   1 
HETATM 1338 O  O   . HOH C 3 .   ? -4.542  -5.524  -4.550  1.00 36.89 ? 485 HOH A O   1 
HETATM 1339 O  O   . HOH C 3 .   ? 6.742   -2.618  -13.944 1.00 47.89 ? 486 HOH A O   1 
HETATM 1340 O  O   . HOH C 3 .   ? -16.473 -14.538 -0.931  1.00 47.13 ? 487 HOH A O   1 
HETATM 1341 O  O   . HOH C 3 .   ? 7.382   0.840   -16.332 1.00 39.02 ? 488 HOH A O   1 
HETATM 1342 O  O   . HOH C 3 .   ? -12.882 7.557   8.479   1.00 46.78 ? 489 HOH A O   1 
HETATM 1343 O  O   . HOH C 3 .   ? -16.044 -0.831  -12.636 1.00 45.44 ? 490 HOH A O   1 
HETATM 1344 O  O   . HOH C 3 .   ? -8.295  0.674   -14.734 1.00 45.92 ? 491 HOH A O   1 
HETATM 1345 O  O   . HOH C 3 .   ? -5.896  -16.075 5.263   1.00 35.27 ? 492 HOH A O   1 
HETATM 1346 O  O   . HOH C 3 .   ? 13.350  -12.309 8.836   1.00 46.65 ? 493 HOH A O   1 
HETATM 1347 O  O   . HOH C 3 .   ? -3.045  -1.492  8.835   1.00 49.30 ? 494 HOH A O   1 
HETATM 1348 O  O   . HOH C 3 .   ? 17.596  -15.148 -2.903  1.00 42.83 ? 495 HOH A O   1 
HETATM 1349 O  O   . HOH C 3 .   ? -3.079  0.473   -15.634 1.00 49.57 ? 496 HOH A O   1 
HETATM 1350 O  O   . HOH C 3 .   ? 24.493  11.307  0.260   1.00 51.96 ? 497 HOH A O   1 
HETATM 1351 O  O   . HOH C 3 .   ? -20.648 1.052   8.722   1.00 36.29 ? 498 HOH A O   1 
HETATM 1352 O  O   . HOH C 3 .   ? -7.229  -14.627 7.070   1.00 27.52 ? 499 HOH A O   1 
HETATM 1353 O  O   . HOH C 3 .   ? -4.710  -1.206  -12.351 1.00 37.82 ? 500 HOH A O   1 
HETATM 1354 O  O   . HOH C 3 .   ? -15.899 5.343   11.217  1.00 46.73 ? 501 HOH A O   1 
HETATM 1355 O  O   . HOH C 3 .   ? -0.619  0.540   -16.608 1.00 43.93 ? 502 HOH A O   1 
HETATM 1356 O  O   . HOH C 3 .   ? -11.345 -0.742  -12.630 1.00 39.51 ? 503 HOH A O   1 
HETATM 1357 O  O   . HOH C 3 .   ? -1.901  -3.623  -2.273  1.00 39.13 ? 504 HOH A O   1 
HETATM 1358 O  O   . HOH C 3 .   ? -9.048  2.358   -16.509 1.00 49.28 ? 505 HOH A O   1 
HETATM 1359 O  O   . HOH C 3 .   ? -21.375 -1.477  9.955   1.00 42.09 ? 506 HOH A O   1 
HETATM 1360 O  O   . HOH C 3 .   ? -5.605  -1.737  10.358  1.00 32.76 ? 507 HOH A O   1 
HETATM 1361 O  O   . HOH C 3 .   ? 4.062   -5.054  -9.001  1.00 40.87 ? 508 HOH A O   1 
HETATM 1362 O  O   . HOH C 3 .   ? -19.278 2.281   11.228  1.00 37.99 ? 509 HOH A O   1 
HETATM 1363 O  O   . HOH C 3 .   ? -22.478 2.967   7.952   1.00 45.87 ? 510 HOH A O   1 
HETATM 1364 O  O   . HOH C 3 .   ? 11.904  -12.280 11.182  1.00 51.10 ? 511 HOH A O   1 
HETATM 1365 O  O   . HOH C 3 .   ? -1.267  -5.266  -4.565  1.00 36.50 ? 512 HOH A O   1 
# 
loop_
_pdbx_poly_seq_scheme.asym_id 
_pdbx_poly_seq_scheme.entity_id 
_pdbx_poly_seq_scheme.seq_id 
_pdbx_poly_seq_scheme.mon_id 
_pdbx_poly_seq_scheme.ndb_seq_num 
_pdbx_poly_seq_scheme.pdb_seq_num 
_pdbx_poly_seq_scheme.auth_seq_num 
_pdbx_poly_seq_scheme.pdb_mon_id 
_pdbx_poly_seq_scheme.auth_mon_id 
_pdbx_poly_seq_scheme.pdb_strand_id 
_pdbx_poly_seq_scheme.pdb_ins_code 
_pdbx_poly_seq_scheme.hetero 
A 1 1   GLY 1   1   1   GLY GLY A . n 
A 1 2   MET 2   2   2   MET MET A . n 
A 1 3   SER 3   3   3   SER SER A . n 
A 1 4   LEU 4   4   4   LEU LEU A . n 
A 1 5   ALA 5   5   5   ALA ALA A . n 
A 1 6   ASN 6   6   6   ASN ASN A . n 
A 1 7   GLN 7   7   7   GLN GLN A . n 
A 1 8   ILE 8   8   8   ILE ILE A . n 
A 1 9   ASP 9   9   9   ASP ASP A . n 
A 1 10  GLN 10  10  10  GLN GLN A . n 
A 1 11  PHE 11  11  11  PHE PHE A . n 
A 1 12  LEU 12  12  12  LEU LEU A . n 
A 1 13  GLY 13  13  13  GLY GLY A . n 
A 1 14  THR 14  14  14  THR THR A . n 
A 1 15  ILE 15  15  15  ILE ILE A . n 
A 1 16  MET 16  16  16  MET MET A . n 
A 1 17  GLN 17  17  17  GLN GLN A . n 
A 1 18  PHE 18  18  18  PHE PHE A . n 
A 1 19  ALA 19  19  19  ALA ALA A . n 
A 1 20  GLU 20  20  20  GLU GLU A . n 
A 1 21  ASN 21  21  21  ASN ASN A . n 
A 1 22  LYS 22  22  22  LYS LYS A . n 
A 1 23  HIS 23  23  23  HIS HIS A . n 
A 1 24  GLU 24  24  24  GLU GLU A . n 
A 1 25  ILE 25  25  25  ILE ILE A . n 
A 1 26  LEU 26  26  26  LEU LEU A . n 
A 1 27  LEU 27  27  27  LEU LEU A . n 
A 1 28  GLY 28  28  28  GLY GLY A . n 
A 1 29  LYS 29  29  29  LYS LYS A . n 
A 1 30  SER 30  30  30  SER SER A . n 
A 1 31  GLU 31  31  31  GLU GLU A . n 
A 1 32  SER 32  32  32  SER SER A . n 
A 1 33  ASP 33  33  33  ASP ASP A . n 
A 1 34  VAL 34  34  34  VAL VAL A . n 
A 1 35  LYS 35  35  35  LYS LYS A . n 
A 1 36  LEU 36  36  36  LEU LEU A . n 
A 1 37  THR 37  37  37  THR THR A . n 
A 1 38  SER 38  38  38  SER SER A . n 
A 1 39  THR 39  39  39  THR THR A . n 
A 1 40  GLN 40  40  40  GLN GLN A . n 
A 1 41  GLU 41  41  41  GLU GLU A . n 
A 1 42  HIS 42  42  42  HIS HIS A . n 
A 1 43  ILE 43  43  43  ILE ILE A . n 
A 1 44  LEU 44  44  44  LEU LEU A . n 
A 1 45  MET 45  45  45  MET MET A . n 
A 1 46  LEU 46  46  46  LEU LEU A . n 
A 1 47  LEU 47  47  47  LEU LEU A . n 
A 1 48  ALA 48  48  48  ALA ALA A . n 
A 1 49  GLU 49  49  49  GLU GLU A . n 
A 1 50  GLN 50  50  50  GLN GLN A . n 
A 1 51  ILE 51  51  51  ILE ILE A . n 
A 1 52  SER 52  52  52  SER SER A . n 
A 1 53  THR 53  53  53  THR THR A . n 
A 1 54  ASN 54  54  54  ASN ASN A . n 
A 1 55  ALA 55  55  55  ALA ALA A . n 
A 1 56  LYS 56  56  56  LYS LYS A . n 
A 1 57  ILE 57  57  57  ILE ILE A . n 
A 1 58  ALA 58  58  58  ALA ALA A . n 
A 1 59  GLU 59  59  59  GLU GLU A . n 
A 1 60  LYS 60  60  60  LYS LYS A . n 
A 1 61  LEU 61  61  61  LEU LEU A . n 
A 1 62  LYS 62  62  62  LYS LYS A . n 
A 1 63  ILE 63  63  63  ILE ILE A . n 
A 1 64  SER 64  64  64  SER SER A . n 
A 1 65  PRO 65  65  65  PRO PRO A . n 
A 1 66  ALA 66  66  66  ALA ALA A . n 
A 1 67  ALA 67  67  67  ALA ALA A . n 
A 1 68  VAL 68  68  68  VAL VAL A . n 
A 1 69  THR 69  69  69  THR THR A . n 
A 1 70  LYS 70  70  70  LYS LYS A . n 
A 1 71  ALA 71  71  71  ALA ALA A . n 
A 1 72  LEU 72  72  72  LEU LEU A . n 
A 1 73  LYS 73  73  73  LYS LYS A . n 
A 1 74  LYS 74  74  74  LYS LYS A . n 
A 1 75  LEU 75  75  75  LEU LEU A . n 
A 1 76  GLN 76  76  76  GLN GLN A . n 
A 1 77  GLU 77  77  77  GLU GLU A . n 
A 1 78  GLN 78  78  78  GLN GLN A . n 
A 1 79  GLU 79  79  79  GLU GLU A . n 
A 1 80  LEU 80  80  80  LEU LEU A . n 
A 1 81  ILE 81  81  81  ILE ILE A . n 
A 1 82  LYS 82  82  82  LYS LYS A . n 
A 1 83  SER 83  83  83  SER SER A . n 
A 1 84  SER 84  84  84  SER SER A . n 
A 1 85  ARG 85  85  85  ARG ARG A . n 
A 1 86  ALA 86  86  86  ALA ALA A . n 
A 1 87  THR 87  87  87  THR THR A . n 
A 1 88  ASN 88  88  88  ASN ASN A . n 
A 1 89  ASP 89  89  89  ASP ASP A . n 
A 1 90  GLU 90  90  90  GLU GLU A . n 
A 1 91  ARG 91  91  91  ARG ARG A . n 
A 1 92  VAL 92  92  92  VAL VAL A . n 
A 1 93  VAL 93  93  93  VAL VAL A . n 
A 1 94  LEU 94  94  94  LEU LEU A . n 
A 1 95  TRP 95  95  95  TRP TRP A . n 
A 1 96  SER 96  96  96  SER SER A . n 
A 1 97  LEU 97  97  97  LEU LEU A . n 
A 1 98  THR 98  98  98  THR THR A . n 
A 1 99  GLU 99  99  99  GLU GLU A . n 
A 1 100 LYS 100 100 100 LYS LYS A . n 
A 1 101 ALA 101 101 101 ALA ALA A . n 
A 1 102 VAL 102 102 102 VAL VAL A . n 
A 1 103 PRO 103 103 103 PRO PRO A . n 
A 1 104 VAL 104 104 104 VAL VAL A . n 
A 1 105 ALA 105 105 105 ALA ALA A . n 
A 1 106 LYS 106 106 106 LYS LYS A . n 
A 1 107 GLU 107 107 107 GLU GLU A . n 
A 1 108 HIS 108 108 108 HIS HIS A . n 
A 1 109 ALA 109 109 109 ALA ALA A . n 
A 1 110 THR 110 110 110 THR THR A . n 
A 1 111 HIS 111 111 111 HIS HIS A . n 
A 1 112 HIS 112 112 112 HIS HIS A . n 
A 1 113 GLU 113 113 113 GLU GLU A . n 
A 1 114 LYS 114 114 114 LYS LYS A . n 
A 1 115 THR 115 115 115 THR THR A . n 
A 1 116 LEU 116 116 116 LEU LEU A . n 
A 1 117 SER 117 117 117 SER SER A . n 
A 1 118 THR 118 118 118 THR THR A . n 
A 1 119 TYR 119 119 119 TYR TYR A . n 
A 1 120 GLN 120 120 120 GLN GLN A . n 
A 1 121 GLU 121 121 121 GLU GLU A . n 
A 1 122 LEU 122 122 122 LEU LEU A . n 
A 1 123 GLY 123 123 123 GLY GLY A . n 
A 1 124 ASN 124 124 124 ASN ASN A . n 
A 1 125 LYS 125 125 125 LYS LYS A . n 
A 1 126 PHE 126 126 126 PHE PHE A . n 
A 1 127 THR 127 127 127 THR THR A . n 
A 1 128 ASP 128 128 128 ASP ASP A . n 
A 1 129 GLU 129 129 129 GLU GLU A . n 
A 1 130 GLU 130 130 130 GLU GLU A . n 
A 1 131 GLN 131 131 131 GLN GLN A . n 
A 1 132 GLU 132 132 132 GLU GLU A . n 
A 1 133 VAL 133 133 133 VAL VAL A . n 
A 1 134 ILE 134 134 134 ILE ILE A . n 
A 1 135 SER 135 135 135 SER SER A . n 
A 1 136 LYS 136 136 136 LYS LYS A . n 
A 1 137 PHE 137 137 137 PHE PHE A . n 
A 1 138 LEU 138 138 138 LEU LEU A . n 
A 1 139 SER 139 139 139 SER SER A . n 
A 1 140 ALA 140 140 140 ALA ALA A . n 
A 1 141 LEU 141 141 141 LEU LEU A . n 
A 1 142 THR 142 142 142 THR THR A . n 
A 1 143 GLU 143 143 143 GLU GLU A . n 
A 1 144 GLU 144 144 144 GLU GLU A . n 
A 1 145 PHE 145 145 145 PHE PHE A . n 
A 1 146 GLN 146 146 146 GLN GLN A . n 
# 
loop_
_pdbx_nonpoly_scheme.asym_id 
_pdbx_nonpoly_scheme.entity_id 
_pdbx_nonpoly_scheme.mon_id 
_pdbx_nonpoly_scheme.ndb_seq_num 
_pdbx_nonpoly_scheme.pdb_seq_num 
_pdbx_nonpoly_scheme.auth_seq_num 
_pdbx_nonpoly_scheme.pdb_mon_id 
_pdbx_nonpoly_scheme.auth_mon_id 
_pdbx_nonpoly_scheme.pdb_strand_id 
_pdbx_nonpoly_scheme.pdb_ins_code 
B 2 ZN  1   201 201 ZN  ZN  A . 
C 3 HOH 1   301 301 HOH HOH A . 
C 3 HOH 2   302 302 HOH HOH A . 
C 3 HOH 3   303 303 HOH HOH A . 
C 3 HOH 4   304 304 HOH HOH A . 
C 3 HOH 5   305 305 HOH HOH A . 
C 3 HOH 6   306 306 HOH HOH A . 
C 3 HOH 7   307 307 HOH HOH A . 
C 3 HOH 8   308 308 HOH HOH A . 
C 3 HOH 9   309 309 HOH HOH A . 
C 3 HOH 10  310 310 HOH HOH A . 
C 3 HOH 11  311 311 HOH HOH A . 
C 3 HOH 12  312 312 HOH HOH A . 
C 3 HOH 13  313 313 HOH HOH A . 
C 3 HOH 14  314 314 HOH HOH A . 
C 3 HOH 15  315 315 HOH HOH A . 
C 3 HOH 16  316 316 HOH HOH A . 
C 3 HOH 17  317 317 HOH HOH A . 
C 3 HOH 18  318 318 HOH HOH A . 
C 3 HOH 19  319 319 HOH HOH A . 
C 3 HOH 20  320 320 HOH HOH A . 
C 3 HOH 21  321 321 HOH HOH A . 
C 3 HOH 22  322 322 HOH HOH A . 
C 3 HOH 23  323 323 HOH HOH A . 
C 3 HOH 24  324 324 HOH HOH A . 
C 3 HOH 25  325 325 HOH HOH A . 
C 3 HOH 26  326 326 HOH HOH A . 
C 3 HOH 27  327 327 HOH HOH A . 
C 3 HOH 28  328 328 HOH HOH A . 
C 3 HOH 29  329 329 HOH HOH A . 
C 3 HOH 30  330 330 HOH HOH A . 
C 3 HOH 31  331 331 HOH HOH A . 
C 3 HOH 32  332 332 HOH HOH A . 
C 3 HOH 33  333 333 HOH HOH A . 
C 3 HOH 34  334 334 HOH HOH A . 
C 3 HOH 35  335 335 HOH HOH A . 
C 3 HOH 36  336 336 HOH HOH A . 
C 3 HOH 37  337 337 HOH HOH A . 
C 3 HOH 38  338 338 HOH HOH A . 
C 3 HOH 39  339 339 HOH HOH A . 
C 3 HOH 40  340 340 HOH HOH A . 
C 3 HOH 41  341 341 HOH HOH A . 
C 3 HOH 42  342 342 HOH HOH A . 
C 3 HOH 43  343 343 HOH HOH A . 
C 3 HOH 44  344 344 HOH HOH A . 
C 3 HOH 45  345 345 HOH HOH A . 
C 3 HOH 46  346 346 HOH HOH A . 
C 3 HOH 47  347 347 HOH HOH A . 
C 3 HOH 48  348 348 HOH HOH A . 
C 3 HOH 49  349 349 HOH HOH A . 
C 3 HOH 50  350 350 HOH HOH A . 
C 3 HOH 51  351 351 HOH HOH A . 
C 3 HOH 52  352 352 HOH HOH A . 
C 3 HOH 53  353 353 HOH HOH A . 
C 3 HOH 54  354 354 HOH HOH A . 
C 3 HOH 55  355 355 HOH HOH A . 
C 3 HOH 56  356 356 HOH HOH A . 
C 3 HOH 57  357 357 HOH HOH A . 
C 3 HOH 58  358 358 HOH HOH A . 
C 3 HOH 59  359 359 HOH HOH A . 
C 3 HOH 60  360 360 HOH HOH A . 
C 3 HOH 61  361 361 HOH HOH A . 
C 3 HOH 62  362 362 HOH HOH A . 
C 3 HOH 63  363 363 HOH HOH A . 
C 3 HOH 64  364 364 HOH HOH A . 
C 3 HOH 65  365 365 HOH HOH A . 
C 3 HOH 66  366 366 HOH HOH A . 
C 3 HOH 67  367 367 HOH HOH A . 
C 3 HOH 68  368 368 HOH HOH A . 
C 3 HOH 69  369 369 HOH HOH A . 
C 3 HOH 70  370 370 HOH HOH A . 
C 3 HOH 71  371 371 HOH HOH A . 
C 3 HOH 72  372 372 HOH HOH A . 
C 3 HOH 73  373 373 HOH HOH A . 
C 3 HOH 74  374 374 HOH HOH A . 
C 3 HOH 75  375 375 HOH HOH A . 
C 3 HOH 76  376 376 HOH HOH A . 
C 3 HOH 77  377 377 HOH HOH A . 
C 3 HOH 78  378 378 HOH HOH A . 
C 3 HOH 79  379 379 HOH HOH A . 
C 3 HOH 80  380 380 HOH HOH A . 
C 3 HOH 81  381 381 HOH HOH A . 
C 3 HOH 82  382 382 HOH HOH A . 
C 3 HOH 83  383 383 HOH HOH A . 
C 3 HOH 84  384 384 HOH HOH A . 
C 3 HOH 85  385 385 HOH HOH A . 
C 3 HOH 86  386 386 HOH HOH A . 
C 3 HOH 87  387 387 HOH HOH A . 
C 3 HOH 88  388 388 HOH HOH A . 
C 3 HOH 89  389 389 HOH HOH A . 
C 3 HOH 90  390 390 HOH HOH A . 
C 3 HOH 91  391 391 HOH HOH A . 
C 3 HOH 92  392 392 HOH HOH A . 
C 3 HOH 93  393 393 HOH HOH A . 
C 3 HOH 94  394 394 HOH HOH A . 
C 3 HOH 95  395 395 HOH HOH A . 
C 3 HOH 96  396 396 HOH HOH A . 
C 3 HOH 97  397 397 HOH HOH A . 
C 3 HOH 98  398 398 HOH HOH A . 
C 3 HOH 99  399 399 HOH HOH A . 
C 3 HOH 100 400 400 HOH HOH A . 
C 3 HOH 101 401 401 HOH HOH A . 
C 3 HOH 102 402 402 HOH HOH A . 
C 3 HOH 103 403 403 HOH HOH A . 
C 3 HOH 104 404 404 HOH HOH A . 
C 3 HOH 105 405 405 HOH HOH A . 
C 3 HOH 106 406 406 HOH HOH A . 
C 3 HOH 107 407 407 HOH HOH A . 
C 3 HOH 108 408 408 HOH HOH A . 
C 3 HOH 109 409 409 HOH HOH A . 
C 3 HOH 110 410 410 HOH HOH A . 
C 3 HOH 111 411 411 HOH HOH A . 
C 3 HOH 112 412 412 HOH HOH A . 
C 3 HOH 113 413 413 HOH HOH A . 
C 3 HOH 114 414 414 HOH HOH A . 
C 3 HOH 115 415 415 HOH HOH A . 
C 3 HOH 116 416 416 HOH HOH A . 
C 3 HOH 117 417 417 HOH HOH A . 
C 3 HOH 118 418 418 HOH HOH A . 
C 3 HOH 119 419 419 HOH HOH A . 
C 3 HOH 120 420 420 HOH HOH A . 
C 3 HOH 121 421 421 HOH HOH A . 
C 3 HOH 122 422 422 HOH HOH A . 
C 3 HOH 123 423 423 HOH HOH A . 
C 3 HOH 124 424 424 HOH HOH A . 
C 3 HOH 125 425 425 HOH HOH A . 
C 3 HOH 126 426 426 HOH HOH A . 
C 3 HOH 127 427 427 HOH HOH A . 
C 3 HOH 128 428 428 HOH HOH A . 
C 3 HOH 129 429 429 HOH HOH A . 
C 3 HOH 130 430 430 HOH HOH A . 
C 3 HOH 131 431 431 HOH HOH A . 
C 3 HOH 132 432 432 HOH HOH A . 
C 3 HOH 133 433 433 HOH HOH A . 
C 3 HOH 134 434 434 HOH HOH A . 
C 3 HOH 135 435 435 HOH HOH A . 
C 3 HOH 136 436 436 HOH HOH A . 
C 3 HOH 137 437 437 HOH HOH A . 
C 3 HOH 138 438 438 HOH HOH A . 
C 3 HOH 139 439 439 HOH HOH A . 
C 3 HOH 140 440 440 HOH HOH A . 
C 3 HOH 141 441 441 HOH HOH A . 
C 3 HOH 142 442 442 HOH HOH A . 
C 3 HOH 143 443 443 HOH HOH A . 
C 3 HOH 144 444 444 HOH HOH A . 
C 3 HOH 145 445 445 HOH HOH A . 
C 3 HOH 146 446 446 HOH HOH A . 
C 3 HOH 147 447 447 HOH HOH A . 
C 3 HOH 148 448 448 HOH HOH A . 
C 3 HOH 149 449 449 HOH HOH A . 
C 3 HOH 150 450 450 HOH HOH A . 
C 3 HOH 151 451 451 HOH HOH A . 
C 3 HOH 152 452 452 HOH HOH A . 
C 3 HOH 153 453 453 HOH HOH A . 
C 3 HOH 154 454 454 HOH HOH A . 
C 3 HOH 155 455 455 HOH HOH A . 
C 3 HOH 156 456 456 HOH HOH A . 
C 3 HOH 157 457 457 HOH HOH A . 
C 3 HOH 158 458 458 HOH HOH A . 
C 3 HOH 159 459 459 HOH HOH A . 
C 3 HOH 160 460 460 HOH HOH A . 
C 3 HOH 161 461 461 HOH HOH A . 
C 3 HOH 162 462 462 HOH HOH A . 
C 3 HOH 163 463 463 HOH HOH A . 
C 3 HOH 164 464 464 HOH HOH A . 
C 3 HOH 165 465 465 HOH HOH A . 
C 3 HOH 166 466 466 HOH HOH A . 
C 3 HOH 167 467 467 HOH HOH A . 
C 3 HOH 168 468 468 HOH HOH A . 
C 3 HOH 169 469 469 HOH HOH A . 
C 3 HOH 170 470 470 HOH HOH A . 
C 3 HOH 171 471 471 HOH HOH A . 
C 3 HOH 172 472 472 HOH HOH A . 
C 3 HOH 173 473 473 HOH HOH A . 
C 3 HOH 174 474 474 HOH HOH A . 
C 3 HOH 175 475 475 HOH HOH A . 
C 3 HOH 176 476 476 HOH HOH A . 
C 3 HOH 177 477 477 HOH HOH A . 
C 3 HOH 178 478 478 HOH HOH A . 
C 3 HOH 179 479 479 HOH HOH A . 
C 3 HOH 180 480 480 HOH HOH A . 
C 3 HOH 181 481 481 HOH HOH A . 
C 3 HOH 182 482 482 HOH HOH A . 
C 3 HOH 183 483 483 HOH HOH A . 
C 3 HOH 184 484 484 HOH HOH A . 
C 3 HOH 185 485 485 HOH HOH A . 
C 3 HOH 186 486 486 HOH HOH A . 
C 3 HOH 187 487 487 HOH HOH A . 
C 3 HOH 188 488 488 HOH HOH A . 
C 3 HOH 189 489 489 HOH HOH A . 
C 3 HOH 190 490 490 HOH HOH A . 
C 3 HOH 191 491 491 HOH HOH A . 
C 3 HOH 192 492 492 HOH HOH A . 
C 3 HOH 193 493 493 HOH HOH A . 
C 3 HOH 194 494 494 HOH HOH A . 
C 3 HOH 195 495 495 HOH HOH A . 
C 3 HOH 196 496 496 HOH HOH A . 
C 3 HOH 197 497 497 HOH HOH A . 
C 3 HOH 198 498 498 HOH HOH A . 
C 3 HOH 199 499 499 HOH HOH A . 
C 3 HOH 200 500 500 HOH HOH A . 
C 3 HOH 201 501 501 HOH HOH A . 
C 3 HOH 202 502 502 HOH HOH A . 
C 3 HOH 203 503 503 HOH HOH A . 
C 3 HOH 204 504 504 HOH HOH A . 
C 3 HOH 205 505 505 HOH HOH A . 
C 3 HOH 206 506 506 HOH HOH A . 
C 3 HOH 207 507 507 HOH HOH A . 
C 3 HOH 208 508 508 HOH HOH A . 
C 3 HOH 209 509 509 HOH HOH A . 
C 3 HOH 210 510 510 HOH HOH A . 
C 3 HOH 211 511 511 HOH HOH A . 
C 3 HOH 212 512 512 HOH HOH A . 
# 
_pdbx_struct_assembly.id                   1 
_pdbx_struct_assembly.details              author_and_software_defined_assembly 
_pdbx_struct_assembly.method_details       PISA 
_pdbx_struct_assembly.oligomeric_details   dimeric 
_pdbx_struct_assembly.oligomeric_count     2 
# 
_pdbx_struct_assembly_gen.assembly_id       1 
_pdbx_struct_assembly_gen.oper_expression   1,2 
_pdbx_struct_assembly_gen.asym_id_list      A,B,C 
# 
loop_
_pdbx_struct_assembly_prop.biol_id 
_pdbx_struct_assembly_prop.type 
_pdbx_struct_assembly_prop.value 
_pdbx_struct_assembly_prop.details 
1 'ABSA (A^2)' 4060  ? 
1 MORE         -48   ? 
1 'SSA (A^2)'  17760 ? 
# 
loop_
_pdbx_struct_oper_list.id 
_pdbx_struct_oper_list.type 
_pdbx_struct_oper_list.name 
_pdbx_struct_oper_list.symmetry_operation 
_pdbx_struct_oper_list.matrix[1][1] 
_pdbx_struct_oper_list.matrix[1][2] 
_pdbx_struct_oper_list.matrix[1][3] 
_pdbx_struct_oper_list.vector[1] 
_pdbx_struct_oper_list.matrix[2][1] 
_pdbx_struct_oper_list.matrix[2][2] 
_pdbx_struct_oper_list.matrix[2][3] 
_pdbx_struct_oper_list.vector[2] 
_pdbx_struct_oper_list.matrix[3][1] 
_pdbx_struct_oper_list.matrix[3][2] 
_pdbx_struct_oper_list.matrix[3][3] 
_pdbx_struct_oper_list.vector[3] 
1 'identity operation'         1_555 x,y,z      1.0000000000  0.0000000000  0.0000000000  0.0000000000  0.0000000000  1.0000000000  0.0000000000 0.0000000000  0.0000000000  0.0000000000 1.0000000000  0.0000000000  
2 'crystal symmetry operation' 7_645 y+1,x-1,-z -0.0342116630 -0.9112147599 -0.4105084938 21.3851224467 -0.9112147599 -0.1402750408 0.3873119857 16.0318277814 -0.4105084938 0.3873119857 -0.8255132962 14.7257945536 
# 
loop_
_pdbx_struct_conn_angle.id 
_pdbx_struct_conn_angle.ptnr1_label_atom_id 
_pdbx_struct_conn_angle.ptnr1_label_alt_id 
_pdbx_struct_conn_angle.ptnr1_label_asym_id 
_pdbx_struct_conn_angle.ptnr1_label_comp_id 
_pdbx_struct_conn_angle.ptnr1_label_seq_id 
_pdbx_struct_conn_angle.ptnr1_auth_atom_id 
_pdbx_struct_conn_angle.ptnr1_auth_asym_id 
_pdbx_struct_conn_angle.ptnr1_auth_comp_id 
_pdbx_struct_conn_angle.ptnr1_auth_seq_id 
_pdbx_struct_conn_angle.ptnr1_PDB_ins_code 
_pdbx_struct_conn_angle.ptnr1_symmetry 
_pdbx_struct_conn_angle.ptnr2_label_atom_id 
_pdbx_struct_conn_angle.ptnr2_label_alt_id 
_pdbx_struct_conn_angle.ptnr2_label_asym_id 
_pdbx_struct_conn_angle.ptnr2_label_comp_id 
_pdbx_struct_conn_angle.ptnr2_label_seq_id 
_pdbx_struct_conn_angle.ptnr2_auth_atom_id 
_pdbx_struct_conn_angle.ptnr2_auth_asym_id 
_pdbx_struct_conn_angle.ptnr2_auth_comp_id 
_pdbx_struct_conn_angle.ptnr2_auth_seq_id 
_pdbx_struct_conn_angle.ptnr2_PDB_ins_code 
_pdbx_struct_conn_angle.ptnr2_symmetry 
_pdbx_struct_conn_angle.ptnr3_label_atom_id 
_pdbx_struct_conn_angle.ptnr3_label_alt_id 
_pdbx_struct_conn_angle.ptnr3_label_asym_id 
_pdbx_struct_conn_angle.ptnr3_label_comp_id 
_pdbx_struct_conn_angle.ptnr3_label_seq_id 
_pdbx_struct_conn_angle.ptnr3_auth_atom_id 
_pdbx_struct_conn_angle.ptnr3_auth_asym_id 
_pdbx_struct_conn_angle.ptnr3_auth_comp_id 
_pdbx_struct_conn_angle.ptnr3_auth_seq_id 
_pdbx_struct_conn_angle.ptnr3_PDB_ins_code 
_pdbx_struct_conn_angle.ptnr3_symmetry 
_pdbx_struct_conn_angle.value 
_pdbx_struct_conn_angle.value_esd 
1  OE1 ? A GLU 24  ? A GLU 24  ? 1_555 ZN ? B ZN . ? A ZN 201 ? 1_555 OE2 ? A GLU 24  ? A GLU 24  ? 1_555 53.9  ? 
2  OE1 ? A GLU 24  ? A GLU 24  ? 1_555 ZN ? B ZN . ? A ZN 201 ? 1_555 NE2 ? A HIS 42  ? A HIS 42  ? 1_555 111.6 ? 
3  OE2 ? A GLU 24  ? A GLU 24  ? 1_555 ZN ? B ZN . ? A ZN 201 ? 1_555 NE2 ? A HIS 42  ? A HIS 42  ? 1_555 83.5  ? 
4  OE1 ? A GLU 24  ? A GLU 24  ? 1_555 ZN ? B ZN . ? A ZN 201 ? 1_555 NE2 ? A HIS 108 ? A HIS 108 ? 1_555 101.7 ? 
5  OE2 ? A GLU 24  ? A GLU 24  ? 1_555 ZN ? B ZN . ? A ZN 201 ? 1_555 NE2 ? A HIS 108 ? A HIS 108 ? 1_555 155.1 ? 
6  NE2 ? A HIS 42  ? A HIS 42  ? 1_555 ZN ? B ZN . ? A ZN 201 ? 1_555 NE2 ? A HIS 108 ? A HIS 108 ? 1_555 114.0 ? 
7  OE1 ? A GLU 24  ? A GLU 24  ? 1_555 ZN ? B ZN . ? A ZN 201 ? 1_555 NE2 ? A HIS 112 ? A HIS 112 ? 1_555 118.6 ? 
8  OE2 ? A GLU 24  ? A GLU 24  ? 1_555 ZN ? B ZN . ? A ZN 201 ? 1_555 NE2 ? A HIS 112 ? A HIS 112 ? 1_555 87.7  ? 
9  NE2 ? A HIS 42  ? A HIS 42  ? 1_555 ZN ? B ZN . ? A ZN 201 ? 1_555 NE2 ? A HIS 112 ? A HIS 112 ? 1_555 108.4 ? 
10 NE2 ? A HIS 108 ? A HIS 108 ? 1_555 ZN ? B ZN . ? A ZN 201 ? 1_555 NE2 ? A HIS 112 ? A HIS 112 ? 1_555 102.1 ? 
# 
loop_
_pdbx_audit_revision_history.ordinal 
_pdbx_audit_revision_history.data_content_type 
_pdbx_audit_revision_history.major_revision 
_pdbx_audit_revision_history.minor_revision 
_pdbx_audit_revision_history.revision_date 
1 'Structure model' 1 0 2017-12-06 
2 'Structure model' 1 1 2019-12-25 
3 'Structure model' 1 2 2023-11-22 
# 
_pdbx_audit_revision_details.ordinal             1 
_pdbx_audit_revision_details.revision_ordinal    1 
_pdbx_audit_revision_details.data_content_type   'Structure model' 
_pdbx_audit_revision_details.provider            repository 
_pdbx_audit_revision_details.type                'Initial release' 
_pdbx_audit_revision_details.description         ? 
_pdbx_audit_revision_details.details             ? 
# 
loop_
_pdbx_audit_revision_group.ordinal 
_pdbx_audit_revision_group.revision_ordinal 
_pdbx_audit_revision_group.data_content_type 
_pdbx_audit_revision_group.group 
1 2 'Structure model' 'Database references'    
2 3 'Structure model' 'Data collection'        
3 3 'Structure model' 'Database references'    
4 3 'Structure model' 'Refinement description' 
# 
loop_
_pdbx_audit_revision_category.ordinal 
_pdbx_audit_revision_category.revision_ordinal 
_pdbx_audit_revision_category.data_content_type 
_pdbx_audit_revision_category.category 
1 2 'Structure model' citation                      
2 2 'Structure model' citation_author               
3 3 'Structure model' chem_comp_atom                
4 3 'Structure model' chem_comp_bond                
5 3 'Structure model' database_2                    
6 3 'Structure model' pdbx_initial_refinement_model 
# 
loop_
_pdbx_audit_revision_item.ordinal 
_pdbx_audit_revision_item.revision_ordinal 
_pdbx_audit_revision_item.data_content_type 
_pdbx_audit_revision_item.item 
1 2 'Structure model' '_citation.journal_abbrev'            
2 2 'Structure model' '_citation.journal_volume'            
3 2 'Structure model' '_citation.page_first'                
4 2 'Structure model' '_citation.page_last'                 
5 2 'Structure model' '_citation.pdbx_database_id_PubMed'   
6 2 'Structure model' '_citation.title'                     
7 3 'Structure model' '_database_2.pdbx_DOI'                
8 3 'Structure model' '_database_2.pdbx_database_accession' 
# 
loop_
_software.citation_id 
_software.classification 
_software.compiler_name 
_software.compiler_version 
_software.contact_author 
_software.contact_author_email 
_software.date 
_software.description 
_software.dependencies 
_software.hardware 
_software.language 
_software.location 
_software.mods 
_software.name 
_software.os 
_software.os_version 
_software.type 
_software.version 
_software.pdbx_ordinal 
? refinement       ? ? ? ? ? ? ? ? ? ? ? PHENIX   ? ? ? 1.6.2_432 1 
? 'data reduction' ? ? ? ? ? ? ? ? ? ? ? HKL-2000 ? ? ? .         2 
? 'data scaling'   ? ? ? ? ? ? ? ? ? ? ? HKL-2000 ? ? ? .         3 
? phasing          ? ? ? ? ? ? ? ? ? ? ? PHASER   ? ? ? .         4 
# 
loop_
_pdbx_distant_solvent_atoms.id 
_pdbx_distant_solvent_atoms.PDB_model_num 
_pdbx_distant_solvent_atoms.auth_atom_id 
_pdbx_distant_solvent_atoms.label_alt_id 
_pdbx_distant_solvent_atoms.auth_asym_id 
_pdbx_distant_solvent_atoms.auth_comp_id 
_pdbx_distant_solvent_atoms.auth_seq_id 
_pdbx_distant_solvent_atoms.PDB_ins_code 
_pdbx_distant_solvent_atoms.neighbor_macromolecule_distance 
_pdbx_distant_solvent_atoms.neighbor_ligand_distance 
1 1 O ? A HOH 511 ? 6.04 . 
2 1 O ? A HOH 512 ? 6.30 . 
# 
loop_
_chem_comp_atom.comp_id 
_chem_comp_atom.atom_id 
_chem_comp_atom.type_symbol 
_chem_comp_atom.pdbx_aromatic_flag 
_chem_comp_atom.pdbx_stereo_config 
_chem_comp_atom.pdbx_ordinal 
ALA N    N  N N 1   
ALA CA   C  N S 2   
ALA C    C  N N 3   
ALA O    O  N N 4   
ALA CB   C  N N 5   
ALA OXT  O  N N 6   
ALA H    H  N N 7   
ALA H2   H  N N 8   
ALA HA   H  N N 9   
ALA HB1  H  N N 10  
ALA HB2  H  N N 11  
ALA HB3  H  N N 12  
ALA HXT  H  N N 13  
ARG N    N  N N 14  
ARG CA   C  N S 15  
ARG C    C  N N 16  
ARG O    O  N N 17  
ARG CB   C  N N 18  
ARG CG   C  N N 19  
ARG CD   C  N N 20  
ARG NE   N  N N 21  
ARG CZ   C  N N 22  
ARG NH1  N  N N 23  
ARG NH2  N  N N 24  
ARG OXT  O  N N 25  
ARG H    H  N N 26  
ARG H2   H  N N 27  
ARG HA   H  N N 28  
ARG HB2  H  N N 29  
ARG HB3  H  N N 30  
ARG HG2  H  N N 31  
ARG HG3  H  N N 32  
ARG HD2  H  N N 33  
ARG HD3  H  N N 34  
ARG HE   H  N N 35  
ARG HH11 H  N N 36  
ARG HH12 H  N N 37  
ARG HH21 H  N N 38  
ARG HH22 H  N N 39  
ARG HXT  H  N N 40  
ASN N    N  N N 41  
ASN CA   C  N S 42  
ASN C    C  N N 43  
ASN O    O  N N 44  
ASN CB   C  N N 45  
ASN CG   C  N N 46  
ASN OD1  O  N N 47  
ASN ND2  N  N N 48  
ASN OXT  O  N N 49  
ASN H    H  N N 50  
ASN H2   H  N N 51  
ASN HA   H  N N 52  
ASN HB2  H  N N 53  
ASN HB3  H  N N 54  
ASN HD21 H  N N 55  
ASN HD22 H  N N 56  
ASN HXT  H  N N 57  
ASP N    N  N N 58  
ASP CA   C  N S 59  
ASP C    C  N N 60  
ASP O    O  N N 61  
ASP CB   C  N N 62  
ASP CG   C  N N 63  
ASP OD1  O  N N 64  
ASP OD2  O  N N 65  
ASP OXT  O  N N 66  
ASP H    H  N N 67  
ASP H2   H  N N 68  
ASP HA   H  N N 69  
ASP HB2  H  N N 70  
ASP HB3  H  N N 71  
ASP HD2  H  N N 72  
ASP HXT  H  N N 73  
CYS N    N  N N 74  
CYS CA   C  N R 75  
CYS C    C  N N 76  
CYS O    O  N N 77  
CYS CB   C  N N 78  
CYS SG   S  N N 79  
CYS OXT  O  N N 80  
CYS H    H  N N 81  
CYS H2   H  N N 82  
CYS HA   H  N N 83  
CYS HB2  H  N N 84  
CYS HB3  H  N N 85  
CYS HG   H  N N 86  
CYS HXT  H  N N 87  
GLN N    N  N N 88  
GLN CA   C  N S 89  
GLN C    C  N N 90  
GLN O    O  N N 91  
GLN CB   C  N N 92  
GLN CG   C  N N 93  
GLN CD   C  N N 94  
GLN OE1  O  N N 95  
GLN NE2  N  N N 96  
GLN OXT  O  N N 97  
GLN H    H  N N 98  
GLN H2   H  N N 99  
GLN HA   H  N N 100 
GLN HB2  H  N N 101 
GLN HB3  H  N N 102 
GLN HG2  H  N N 103 
GLN HG3  H  N N 104 
GLN HE21 H  N N 105 
GLN HE22 H  N N 106 
GLN HXT  H  N N 107 
GLU N    N  N N 108 
GLU CA   C  N S 109 
GLU C    C  N N 110 
GLU O    O  N N 111 
GLU CB   C  N N 112 
GLU CG   C  N N 113 
GLU CD   C  N N 114 
GLU OE1  O  N N 115 
GLU OE2  O  N N 116 
GLU OXT  O  N N 117 
GLU H    H  N N 118 
GLU H2   H  N N 119 
GLU HA   H  N N 120 
GLU HB2  H  N N 121 
GLU HB3  H  N N 122 
GLU HG2  H  N N 123 
GLU HG3  H  N N 124 
GLU HE2  H  N N 125 
GLU HXT  H  N N 126 
GLY N    N  N N 127 
GLY CA   C  N N 128 
GLY C    C  N N 129 
GLY O    O  N N 130 
GLY OXT  O  N N 131 
GLY H    H  N N 132 
GLY H2   H  N N 133 
GLY HA2  H  N N 134 
GLY HA3  H  N N 135 
GLY HXT  H  N N 136 
HIS N    N  N N 137 
HIS CA   C  N S 138 
HIS C    C  N N 139 
HIS O    O  N N 140 
HIS CB   C  N N 141 
HIS CG   C  Y N 142 
HIS ND1  N  Y N 143 
HIS CD2  C  Y N 144 
HIS CE1  C  Y N 145 
HIS NE2  N  Y N 146 
HIS OXT  O  N N 147 
HIS H    H  N N 148 
HIS H2   H  N N 149 
HIS HA   H  N N 150 
HIS HB2  H  N N 151 
HIS HB3  H  N N 152 
HIS HD1  H  N N 153 
HIS HD2  H  N N 154 
HIS HE1  H  N N 155 
HIS HE2  H  N N 156 
HIS HXT  H  N N 157 
HOH O    O  N N 158 
HOH H1   H  N N 159 
HOH H2   H  N N 160 
ILE N    N  N N 161 
ILE CA   C  N S 162 
ILE C    C  N N 163 
ILE O    O  N N 164 
ILE CB   C  N S 165 
ILE CG1  C  N N 166 
ILE CG2  C  N N 167 
ILE CD1  C  N N 168 
ILE OXT  O  N N 169 
ILE H    H  N N 170 
ILE H2   H  N N 171 
ILE HA   H  N N 172 
ILE HB   H  N N 173 
ILE HG12 H  N N 174 
ILE HG13 H  N N 175 
ILE HG21 H  N N 176 
ILE HG22 H  N N 177 
ILE HG23 H  N N 178 
ILE HD11 H  N N 179 
ILE HD12 H  N N 180 
ILE HD13 H  N N 181 
ILE HXT  H  N N 182 
LEU N    N  N N 183 
LEU CA   C  N S 184 
LEU C    C  N N 185 
LEU O    O  N N 186 
LEU CB   C  N N 187 
LEU CG   C  N N 188 
LEU CD1  C  N N 189 
LEU CD2  C  N N 190 
LEU OXT  O  N N 191 
LEU H    H  N N 192 
LEU H2   H  N N 193 
LEU HA   H  N N 194 
LEU HB2  H  N N 195 
LEU HB3  H  N N 196 
LEU HG   H  N N 197 
LEU HD11 H  N N 198 
LEU HD12 H  N N 199 
LEU HD13 H  N N 200 
LEU HD21 H  N N 201 
LEU HD22 H  N N 202 
LEU HD23 H  N N 203 
LEU HXT  H  N N 204 
LYS N    N  N N 205 
LYS CA   C  N S 206 
LYS C    C  N N 207 
LYS O    O  N N 208 
LYS CB   C  N N 209 
LYS CG   C  N N 210 
LYS CD   C  N N 211 
LYS CE   C  N N 212 
LYS NZ   N  N N 213 
LYS OXT  O  N N 214 
LYS H    H  N N 215 
LYS H2   H  N N 216 
LYS HA   H  N N 217 
LYS HB2  H  N N 218 
LYS HB3  H  N N 219 
LYS HG2  H  N N 220 
LYS HG3  H  N N 221 
LYS HD2  H  N N 222 
LYS HD3  H  N N 223 
LYS HE2  H  N N 224 
LYS HE3  H  N N 225 
LYS HZ1  H  N N 226 
LYS HZ2  H  N N 227 
LYS HZ3  H  N N 228 
LYS HXT  H  N N 229 
MET N    N  N N 230 
MET CA   C  N S 231 
MET C    C  N N 232 
MET O    O  N N 233 
MET CB   C  N N 234 
MET CG   C  N N 235 
MET SD   S  N N 236 
MET CE   C  N N 237 
MET OXT  O  N N 238 
MET H    H  N N 239 
MET H2   H  N N 240 
MET HA   H  N N 241 
MET HB2  H  N N 242 
MET HB3  H  N N 243 
MET HG2  H  N N 244 
MET HG3  H  N N 245 
MET HE1  H  N N 246 
MET HE2  H  N N 247 
MET HE3  H  N N 248 
MET HXT  H  N N 249 
PHE N    N  N N 250 
PHE CA   C  N S 251 
PHE C    C  N N 252 
PHE O    O  N N 253 
PHE CB   C  N N 254 
PHE CG   C  Y N 255 
PHE CD1  C  Y N 256 
PHE CD2  C  Y N 257 
PHE CE1  C  Y N 258 
PHE CE2  C  Y N 259 
PHE CZ   C  Y N 260 
PHE OXT  O  N N 261 
PHE H    H  N N 262 
PHE H2   H  N N 263 
PHE HA   H  N N 264 
PHE HB2  H  N N 265 
PHE HB3  H  N N 266 
PHE HD1  H  N N 267 
PHE HD2  H  N N 268 
PHE HE1  H  N N 269 
PHE HE2  H  N N 270 
PHE HZ   H  N N 271 
PHE HXT  H  N N 272 
PRO N    N  N N 273 
PRO CA   C  N S 274 
PRO C    C  N N 275 
PRO O    O  N N 276 
PRO CB   C  N N 277 
PRO CG   C  N N 278 
PRO CD   C  N N 279 
PRO OXT  O  N N 280 
PRO H    H  N N 281 
PRO HA   H  N N 282 
PRO HB2  H  N N 283 
PRO HB3  H  N N 284 
PRO HG2  H  N N 285 
PRO HG3  H  N N 286 
PRO HD2  H  N N 287 
PRO HD3  H  N N 288 
PRO HXT  H  N N 289 
SER N    N  N N 290 
SER CA   C  N S 291 
SER C    C  N N 292 
SER O    O  N N 293 
SER CB   C  N N 294 
SER OG   O  N N 295 
SER OXT  O  N N 296 
SER H    H  N N 297 
SER H2   H  N N 298 
SER HA   H  N N 299 
SER HB2  H  N N 300 
SER HB3  H  N N 301 
SER HG   H  N N 302 
SER HXT  H  N N 303 
THR N    N  N N 304 
THR CA   C  N S 305 
THR C    C  N N 306 
THR O    O  N N 307 
THR CB   C  N R 308 
THR OG1  O  N N 309 
THR CG2  C  N N 310 
THR OXT  O  N N 311 
THR H    H  N N 312 
THR H2   H  N N 313 
THR HA   H  N N 314 
THR HB   H  N N 315 
THR HG1  H  N N 316 
THR HG21 H  N N 317 
THR HG22 H  N N 318 
THR HG23 H  N N 319 
THR HXT  H  N N 320 
TRP N    N  N N 321 
TRP CA   C  N S 322 
TRP C    C  N N 323 
TRP O    O  N N 324 
TRP CB   C  N N 325 
TRP CG   C  Y N 326 
TRP CD1  C  Y N 327 
TRP CD2  C  Y N 328 
TRP NE1  N  Y N 329 
TRP CE2  C  Y N 330 
TRP CE3  C  Y N 331 
TRP CZ2  C  Y N 332 
TRP CZ3  C  Y N 333 
TRP CH2  C  Y N 334 
TRP OXT  O  N N 335 
TRP H    H  N N 336 
TRP H2   H  N N 337 
TRP HA   H  N N 338 
TRP HB2  H  N N 339 
TRP HB3  H  N N 340 
TRP HD1  H  N N 341 
TRP HE1  H  N N 342 
TRP HE3  H  N N 343 
TRP HZ2  H  N N 344 
TRP HZ3  H  N N 345 
TRP HH2  H  N N 346 
TRP HXT  H  N N 347 
TYR N    N  N N 348 
TYR CA   C  N S 349 
TYR C    C  N N 350 
TYR O    O  N N 351 
TYR CB   C  N N 352 
TYR CG   C  Y N 353 
TYR CD1  C  Y N 354 
TYR CD2  C  Y N 355 
TYR CE1  C  Y N 356 
TYR CE2  C  Y N 357 
TYR CZ   C  Y N 358 
TYR OH   O  N N 359 
TYR OXT  O  N N 360 
TYR H    H  N N 361 
TYR H2   H  N N 362 
TYR HA   H  N N 363 
TYR HB2  H  N N 364 
TYR HB3  H  N N 365 
TYR HD1  H  N N 366 
TYR HD2  H  N N 367 
TYR HE1  H  N N 368 
TYR HE2  H  N N 369 
TYR HH   H  N N 370 
TYR HXT  H  N N 371 
VAL N    N  N N 372 
VAL CA   C  N S 373 
VAL C    C  N N 374 
VAL O    O  N N 375 
VAL CB   C  N N 376 
VAL CG1  C  N N 377 
VAL CG2  C  N N 378 
VAL OXT  O  N N 379 
VAL H    H  N N 380 
VAL H2   H  N N 381 
VAL HA   H  N N 382 
VAL HB   H  N N 383 
VAL HG11 H  N N 384 
VAL HG12 H  N N 385 
VAL HG13 H  N N 386 
VAL HG21 H  N N 387 
VAL HG22 H  N N 388 
VAL HG23 H  N N 389 
VAL HXT  H  N N 390 
ZN  ZN   ZN N N 391 
# 
loop_
_chem_comp_bond.comp_id 
_chem_comp_bond.atom_id_1 
_chem_comp_bond.atom_id_2 
_chem_comp_bond.value_order 
_chem_comp_bond.pdbx_aromatic_flag 
_chem_comp_bond.pdbx_stereo_config 
_chem_comp_bond.pdbx_ordinal 
ALA N   CA   sing N N 1   
ALA N   H    sing N N 2   
ALA N   H2   sing N N 3   
ALA CA  C    sing N N 4   
ALA CA  CB   sing N N 5   
ALA CA  HA   sing N N 6   
ALA C   O    doub N N 7   
ALA C   OXT  sing N N 8   
ALA CB  HB1  sing N N 9   
ALA CB  HB2  sing N N 10  
ALA CB  HB3  sing N N 11  
ALA OXT HXT  sing N N 12  
ARG N   CA   sing N N 13  
ARG N   H    sing N N 14  
ARG N   H2   sing N N 15  
ARG CA  C    sing N N 16  
ARG CA  CB   sing N N 17  
ARG CA  HA   sing N N 18  
ARG C   O    doub N N 19  
ARG C   OXT  sing N N 20  
ARG CB  CG   sing N N 21  
ARG CB  HB2  sing N N 22  
ARG CB  HB3  sing N N 23  
ARG CG  CD   sing N N 24  
ARG CG  HG2  sing N N 25  
ARG CG  HG3  sing N N 26  
ARG CD  NE   sing N N 27  
ARG CD  HD2  sing N N 28  
ARG CD  HD3  sing N N 29  
ARG NE  CZ   sing N N 30  
ARG NE  HE   sing N N 31  
ARG CZ  NH1  sing N N 32  
ARG CZ  NH2  doub N N 33  
ARG NH1 HH11 sing N N 34  
ARG NH1 HH12 sing N N 35  
ARG NH2 HH21 sing N N 36  
ARG NH2 HH22 sing N N 37  
ARG OXT HXT  sing N N 38  
ASN N   CA   sing N N 39  
ASN N   H    sing N N 40  
ASN N   H2   sing N N 41  
ASN CA  C    sing N N 42  
ASN CA  CB   sing N N 43  
ASN CA  HA   sing N N 44  
ASN C   O    doub N N 45  
ASN C   OXT  sing N N 46  
ASN CB  CG   sing N N 47  
ASN CB  HB2  sing N N 48  
ASN CB  HB3  sing N N 49  
ASN CG  OD1  doub N N 50  
ASN CG  ND2  sing N N 51  
ASN ND2 HD21 sing N N 52  
ASN ND2 HD22 sing N N 53  
ASN OXT HXT  sing N N 54  
ASP N   CA   sing N N 55  
ASP N   H    sing N N 56  
ASP N   H2   sing N N 57  
ASP CA  C    sing N N 58  
ASP CA  CB   sing N N 59  
ASP CA  HA   sing N N 60  
ASP C   O    doub N N 61  
ASP C   OXT  sing N N 62  
ASP CB  CG   sing N N 63  
ASP CB  HB2  sing N N 64  
ASP CB  HB3  sing N N 65  
ASP CG  OD1  doub N N 66  
ASP CG  OD2  sing N N 67  
ASP OD2 HD2  sing N N 68  
ASP OXT HXT  sing N N 69  
CYS N   CA   sing N N 70  
CYS N   H    sing N N 71  
CYS N   H2   sing N N 72  
CYS CA  C    sing N N 73  
CYS CA  CB   sing N N 74  
CYS CA  HA   sing N N 75  
CYS C   O    doub N N 76  
CYS C   OXT  sing N N 77  
CYS CB  SG   sing N N 78  
CYS CB  HB2  sing N N 79  
CYS CB  HB3  sing N N 80  
CYS SG  HG   sing N N 81  
CYS OXT HXT  sing N N 82  
GLN N   CA   sing N N 83  
GLN N   H    sing N N 84  
GLN N   H2   sing N N 85  
GLN CA  C    sing N N 86  
GLN CA  CB   sing N N 87  
GLN CA  HA   sing N N 88  
GLN C   O    doub N N 89  
GLN C   OXT  sing N N 90  
GLN CB  CG   sing N N 91  
GLN CB  HB2  sing N N 92  
GLN CB  HB3  sing N N 93  
GLN CG  CD   sing N N 94  
GLN CG  HG2  sing N N 95  
GLN CG  HG3  sing N N 96  
GLN CD  OE1  doub N N 97  
GLN CD  NE2  sing N N 98  
GLN NE2 HE21 sing N N 99  
GLN NE2 HE22 sing N N 100 
GLN OXT HXT  sing N N 101 
GLU N   CA   sing N N 102 
GLU N   H    sing N N 103 
GLU N   H2   sing N N 104 
GLU CA  C    sing N N 105 
GLU CA  CB   sing N N 106 
GLU CA  HA   sing N N 107 
GLU C   O    doub N N 108 
GLU C   OXT  sing N N 109 
GLU CB  CG   sing N N 110 
GLU CB  HB2  sing N N 111 
GLU CB  HB3  sing N N 112 
GLU CG  CD   sing N N 113 
GLU CG  HG2  sing N N 114 
GLU CG  HG3  sing N N 115 
GLU CD  OE1  doub N N 116 
GLU CD  OE2  sing N N 117 
GLU OE2 HE2  sing N N 118 
GLU OXT HXT  sing N N 119 
GLY N   CA   sing N N 120 
GLY N   H    sing N N 121 
GLY N   H2   sing N N 122 
GLY CA  C    sing N N 123 
GLY CA  HA2  sing N N 124 
GLY CA  HA3  sing N N 125 
GLY C   O    doub N N 126 
GLY C   OXT  sing N N 127 
GLY OXT HXT  sing N N 128 
HIS N   CA   sing N N 129 
HIS N   H    sing N N 130 
HIS N   H2   sing N N 131 
HIS CA  C    sing N N 132 
HIS CA  CB   sing N N 133 
HIS CA  HA   sing N N 134 
HIS C   O    doub N N 135 
HIS C   OXT  sing N N 136 
HIS CB  CG   sing N N 137 
HIS CB  HB2  sing N N 138 
HIS CB  HB3  sing N N 139 
HIS CG  ND1  sing Y N 140 
HIS CG  CD2  doub Y N 141 
HIS ND1 CE1  doub Y N 142 
HIS ND1 HD1  sing N N 143 
HIS CD2 NE2  sing Y N 144 
HIS CD2 HD2  sing N N 145 
HIS CE1 NE2  sing Y N 146 
HIS CE1 HE1  sing N N 147 
HIS NE2 HE2  sing N N 148 
HIS OXT HXT  sing N N 149 
HOH O   H1   sing N N 150 
HOH O   H2   sing N N 151 
ILE N   CA   sing N N 152 
ILE N   H    sing N N 153 
ILE N   H2   sing N N 154 
ILE CA  C    sing N N 155 
ILE CA  CB   sing N N 156 
ILE CA  HA   sing N N 157 
ILE C   O    doub N N 158 
ILE C   OXT  sing N N 159 
ILE CB  CG1  sing N N 160 
ILE CB  CG2  sing N N 161 
ILE CB  HB   sing N N 162 
ILE CG1 CD1  sing N N 163 
ILE CG1 HG12 sing N N 164 
ILE CG1 HG13 sing N N 165 
ILE CG2 HG21 sing N N 166 
ILE CG2 HG22 sing N N 167 
ILE CG2 HG23 sing N N 168 
ILE CD1 HD11 sing N N 169 
ILE CD1 HD12 sing N N 170 
ILE CD1 HD13 sing N N 171 
ILE OXT HXT  sing N N 172 
LEU N   CA   sing N N 173 
LEU N   H    sing N N 174 
LEU N   H2   sing N N 175 
LEU CA  C    sing N N 176 
LEU CA  CB   sing N N 177 
LEU CA  HA   sing N N 178 
LEU C   O    doub N N 179 
LEU C   OXT  sing N N 180 
LEU CB  CG   sing N N 181 
LEU CB  HB2  sing N N 182 
LEU CB  HB3  sing N N 183 
LEU CG  CD1  sing N N 184 
LEU CG  CD2  sing N N 185 
LEU CG  HG   sing N N 186 
LEU CD1 HD11 sing N N 187 
LEU CD1 HD12 sing N N 188 
LEU CD1 HD13 sing N N 189 
LEU CD2 HD21 sing N N 190 
LEU CD2 HD22 sing N N 191 
LEU CD2 HD23 sing N N 192 
LEU OXT HXT  sing N N 193 
LYS N   CA   sing N N 194 
LYS N   H    sing N N 195 
LYS N   H2   sing N N 196 
LYS CA  C    sing N N 197 
LYS CA  CB   sing N N 198 
LYS CA  HA   sing N N 199 
LYS C   O    doub N N 200 
LYS C   OXT  sing N N 201 
LYS CB  CG   sing N N 202 
LYS CB  HB2  sing N N 203 
LYS CB  HB3  sing N N 204 
LYS CG  CD   sing N N 205 
LYS CG  HG2  sing N N 206 
LYS CG  HG3  sing N N 207 
LYS CD  CE   sing N N 208 
LYS CD  HD2  sing N N 209 
LYS CD  HD3  sing N N 210 
LYS CE  NZ   sing N N 211 
LYS CE  HE2  sing N N 212 
LYS CE  HE3  sing N N 213 
LYS NZ  HZ1  sing N N 214 
LYS NZ  HZ2  sing N N 215 
LYS NZ  HZ3  sing N N 216 
LYS OXT HXT  sing N N 217 
MET N   CA   sing N N 218 
MET N   H    sing N N 219 
MET N   H2   sing N N 220 
MET CA  C    sing N N 221 
MET CA  CB   sing N N 222 
MET CA  HA   sing N N 223 
MET C   O    doub N N 224 
MET C   OXT  sing N N 225 
MET CB  CG   sing N N 226 
MET CB  HB2  sing N N 227 
MET CB  HB3  sing N N 228 
MET CG  SD   sing N N 229 
MET CG  HG2  sing N N 230 
MET CG  HG3  sing N N 231 
MET SD  CE   sing N N 232 
MET CE  HE1  sing N N 233 
MET CE  HE2  sing N N 234 
MET CE  HE3  sing N N 235 
MET OXT HXT  sing N N 236 
PHE N   CA   sing N N 237 
PHE N   H    sing N N 238 
PHE N   H2   sing N N 239 
PHE CA  C    sing N N 240 
PHE CA  CB   sing N N 241 
PHE CA  HA   sing N N 242 
PHE C   O    doub N N 243 
PHE C   OXT  sing N N 244 
PHE CB  CG   sing N N 245 
PHE CB  HB2  sing N N 246 
PHE CB  HB3  sing N N 247 
PHE CG  CD1  doub Y N 248 
PHE CG  CD2  sing Y N 249 
PHE CD1 CE1  sing Y N 250 
PHE CD1 HD1  sing N N 251 
PHE CD2 CE2  doub Y N 252 
PHE CD2 HD2  sing N N 253 
PHE CE1 CZ   doub Y N 254 
PHE CE1 HE1  sing N N 255 
PHE CE2 CZ   sing Y N 256 
PHE CE2 HE2  sing N N 257 
PHE CZ  HZ   sing N N 258 
PHE OXT HXT  sing N N 259 
PRO N   CA   sing N N 260 
PRO N   CD   sing N N 261 
PRO N   H    sing N N 262 
PRO CA  C    sing N N 263 
PRO CA  CB   sing N N 264 
PRO CA  HA   sing N N 265 
PRO C   O    doub N N 266 
PRO C   OXT  sing N N 267 
PRO CB  CG   sing N N 268 
PRO CB  HB2  sing N N 269 
PRO CB  HB3  sing N N 270 
PRO CG  CD   sing N N 271 
PRO CG  HG2  sing N N 272 
PRO CG  HG3  sing N N 273 
PRO CD  HD2  sing N N 274 
PRO CD  HD3  sing N N 275 
PRO OXT HXT  sing N N 276 
SER N   CA   sing N N 277 
SER N   H    sing N N 278 
SER N   H2   sing N N 279 
SER CA  C    sing N N 280 
SER CA  CB   sing N N 281 
SER CA  HA   sing N N 282 
SER C   O    doub N N 283 
SER C   OXT  sing N N 284 
SER CB  OG   sing N N 285 
SER CB  HB2  sing N N 286 
SER CB  HB3  sing N N 287 
SER OG  HG   sing N N 288 
SER OXT HXT  sing N N 289 
THR N   CA   sing N N 290 
THR N   H    sing N N 291 
THR N   H2   sing N N 292 
THR CA  C    sing N N 293 
THR CA  CB   sing N N 294 
THR CA  HA   sing N N 295 
THR C   O    doub N N 296 
THR C   OXT  sing N N 297 
THR CB  OG1  sing N N 298 
THR CB  CG2  sing N N 299 
THR CB  HB   sing N N 300 
THR OG1 HG1  sing N N 301 
THR CG2 HG21 sing N N 302 
THR CG2 HG22 sing N N 303 
THR CG2 HG23 sing N N 304 
THR OXT HXT  sing N N 305 
TRP N   CA   sing N N 306 
TRP N   H    sing N N 307 
TRP N   H2   sing N N 308 
TRP CA  C    sing N N 309 
TRP CA  CB   sing N N 310 
TRP CA  HA   sing N N 311 
TRP C   O    doub N N 312 
TRP C   OXT  sing N N 313 
TRP CB  CG   sing N N 314 
TRP CB  HB2  sing N N 315 
TRP CB  HB3  sing N N 316 
TRP CG  CD1  doub Y N 317 
TRP CG  CD2  sing Y N 318 
TRP CD1 NE1  sing Y N 319 
TRP CD1 HD1  sing N N 320 
TRP CD2 CE2  doub Y N 321 
TRP CD2 CE3  sing Y N 322 
TRP NE1 CE2  sing Y N 323 
TRP NE1 HE1  sing N N 324 
TRP CE2 CZ2  sing Y N 325 
TRP CE3 CZ3  doub Y N 326 
TRP CE3 HE3  sing N N 327 
TRP CZ2 CH2  doub Y N 328 
TRP CZ2 HZ2  sing N N 329 
TRP CZ3 CH2  sing Y N 330 
TRP CZ3 HZ3  sing N N 331 
TRP CH2 HH2  sing N N 332 
TRP OXT HXT  sing N N 333 
TYR N   CA   sing N N 334 
TYR N   H    sing N N 335 
TYR N   H2   sing N N 336 
TYR CA  C    sing N N 337 
TYR CA  CB   sing N N 338 
TYR CA  HA   sing N N 339 
TYR C   O    doub N N 340 
TYR C   OXT  sing N N 341 
TYR CB  CG   sing N N 342 
TYR CB  HB2  sing N N 343 
TYR CB  HB3  sing N N 344 
TYR CG  CD1  doub Y N 345 
TYR CG  CD2  sing Y N 346 
TYR CD1 CE1  sing Y N 347 
TYR CD1 HD1  sing N N 348 
TYR CD2 CE2  doub Y N 349 
TYR CD2 HD2  sing N N 350 
TYR CE1 CZ   doub Y N 351 
TYR CE1 HE1  sing N N 352 
TYR CE2 CZ   sing Y N 353 
TYR CE2 HE2  sing N N 354 
TYR CZ  OH   sing N N 355 
TYR OH  HH   sing N N 356 
TYR OXT HXT  sing N N 357 
VAL N   CA   sing N N 358 
VAL N   H    sing N N 359 
VAL N   H2   sing N N 360 
VAL CA  C    sing N N 361 
VAL CA  CB   sing N N 362 
VAL CA  HA   sing N N 363 
VAL C   O    doub N N 364 
VAL C   OXT  sing N N 365 
VAL CB  CG1  sing N N 366 
VAL CB  CG2  sing N N 367 
VAL CB  HB   sing N N 368 
VAL CG1 HG11 sing N N 369 
VAL CG1 HG12 sing N N 370 
VAL CG1 HG13 sing N N 371 
VAL CG2 HG21 sing N N 372 
VAL CG2 HG22 sing N N 373 
VAL CG2 HG23 sing N N 374 
VAL OXT HXT  sing N N 375 
# 
loop_
_pdbx_audit_support.funding_organization 
_pdbx_audit_support.country 
_pdbx_audit_support.grant_number 
_pdbx_audit_support.ordinal 
'National Key Research and Development Program of China'  China 2016YFA0501500                 1 
'National Natural Science Foundation of China'            China '21225206, 91013005, 21001010' 2 
'E-Institutes of Shanghai Municipal Education Commission' China E09013                         3 
# 
_pdbx_entity_instance_feature.ordinal        1 
_pdbx_entity_instance_feature.comp_id        ZN 
_pdbx_entity_instance_feature.asym_id        ? 
_pdbx_entity_instance_feature.seq_num        ? 
_pdbx_entity_instance_feature.auth_comp_id   ZN 
_pdbx_entity_instance_feature.auth_asym_id   ? 
_pdbx_entity_instance_feature.auth_seq_num   ? 
_pdbx_entity_instance_feature.feature_type   'SUBJECT OF INVESTIGATION' 
_pdbx_entity_instance_feature.details        ? 
# 
loop_
_pdbx_entity_nonpoly.entity_id 
_pdbx_entity_nonpoly.name 
_pdbx_entity_nonpoly.comp_id 
2 'ZINC ION' ZN  
3 water      HOH 
# 
_pdbx_initial_refinement_model.id               1 
_pdbx_initial_refinement_model.entity_id_list   ? 
_pdbx_initial_refinement_model.type             'experimental model' 
_pdbx_initial_refinement_model.source_name      PDB 
_pdbx_initial_refinement_model.accession_code   5GYS 
_pdbx_initial_refinement_model.details          ? 
# 
_pdbx_struct_assembly_auth_evidence.id                     1 
_pdbx_struct_assembly_auth_evidence.assembly_id            1 
_pdbx_struct_assembly_auth_evidence.experimental_support   'gel filtration' 
_pdbx_struct_assembly_auth_evidence.details                ? 
# 
